data_8XKO
#
_entry.id   8XKO
#
_cell.length_a   1.00
_cell.length_b   1.00
_cell.length_c   1.00
_cell.angle_alpha   90.00
_cell.angle_beta   90.00
_cell.angle_gamma   90.00
#
_symmetry.space_group_name_H-M   'P 1'
#
loop_
_entity.id
_entity.type
_entity.pdbx_description
1 polymer 'RNA-directed RNA polymerase nsp12'
2 polymer 'Non-structural protein 8'
3 polymer 'Non-structural protein 7'
4 polymer "RNA (5'-R(P*CP*UP*AP*CP*GP*CP*GP*UP*AP*GP*CP*AP*UP*G)-3')"
5 polymer "RNA (5'-R(P*UP*UP*CP*AP*UP*GP*CP*UP*AP*CP*GP*CP*GP*UP*AP*G)-3')"
6 non-polymer '[[(2~{R},3~{R},4~{S},5~{R})-4-fluoranyl-5-(5-iodanyl-4-methyl-pyrrolo[2,3-d]pyrimidin-7-yl)-3-oxidanyl-oxolan-2-yl]methoxy-oxidanyl-phosphoryl] phosphono hydrogen phosphate'
7 non-polymer 'MAGNESIUM ION'
#
loop_
_entity_poly.entity_id
_entity_poly.type
_entity_poly.pdbx_seq_one_letter_code
_entity_poly.pdbx_strand_id
1 'polypeptide(L)'
;MGSADAQSFLNRVCGVSAARLTPCGTGTSTDVVYRAFDIYNDKVAGFAKFLKTNCCRFQEKDEDDNLIDSYFVVKRHTFS
NYQHEETIYNLLKDCPAVAKHDFFKFRIDGDMVPHISRQRLTKYTMADLVYALRHFDEGNCDTLKEILVTYNCCDDDYFN
KKDWYDFVENPDILRVYANLGERVRQALLKTVQFCDAMRNAGIVGVLTLDNQDLNGNWYDFGDFIQTTPGSGVPVVDSYY
SLLMPILTLTRALTAESHVDTDLTKPYIKWDLLKYDFTEERLKLFDRYFKYWDQTYHPNCVNCLDDRCILHCANFNVLFS
TVFPPTSFGPLVRKIFVDGVPFVVSTGYHFRELGVVHNQDVNLHSSRLSFKELLVYAADPAMHAASGNLLLDKRTTCFSV
AALTNNVAFQTVKPGNFNKDFYDFAVSKGFFKEGSSVELKHFFFAQDGNAAISDYDYYRYNLPTMCDIRQLLFVVEVVDK
YFDCYDGGCINANQVIVNNLDKSAGFPFNKWGKARLYYDSMSYEDQDALFAYTKRNVIPTITQMNLKYAISAKNRARTVA
GVSICSTMTNRQFHQKLLKSIAATRGATVVIGTSKFYGGWHNMLKTVYSDVENPHLMGWDYPKCDRAMPNMLRIMASLVL
ARKHTTCCSLSHRFYRLANECAQVLSEMVMCGGSLYVKPGGTSSGDATTAYANSVFNICQAVTANVNALLSTDGNKIADK
YVRNLQHRLYECLYRNRDVDTDFVNEFYAYLRKHFSMMILSDDAVVCFNSTYASQGLVASIKNFKSVLYYQNNVFMSEAK
CWTETDLTKGPHEFCSQHTMLVKQGDDYVYLPYPDPSRILGAGCFVDDIVKTDGTLMIERFVSLAIDAYPLTKHPNQEYA
DVFHLYLQYIRKLHDELTGHMLDMYSVMLTNDNTSRYWEPEFYEAMYTPHTVLQHHHHHHHHHH
;
A
2 'polypeptide(L)'
;HHHHHHENLYFQGAIASEFSSLPSYAAFATAQEAYEQAVANGDSEVVLKKLKKSLNVAKSEFDRDAAMQRKLEKMADQAM
TQMYKQARSEDKRAKVTSAMQTMLFTMLRKLDNDALNNIINNARDGCVPLNIIPLTTAAKLMVVIPDYNTYKNTCDGTTF
TYASALWEIQQVVDADSKIVQLSEISMDNSPNLAWPLIVTALRANSAVKL
;
B,D
3 'polypeptide(L)'
;SKMSDVKCTSVVLLSVLQQLRVESSSKLWAQCVQLHNDILLAKDTTEAFEKMVSLLSVLLSMQGAVDINKLCEEMLDNRA
TLQHHHHHH
;
C
4 'polyribonucleotide' CUACGCGUAGCAUG E
5 'polyribonucleotide' UUUUUCAUGCUACGCGUAG F
#
loop_
_chem_comp.id
_chem_comp.type
_chem_comp.name
_chem_comp.formula
A RNA linking ADENOSINE-5'-MONOPHOSPHATE 'C10 H14 N5 O7 P'
A1LVZ non-polymer '[[(2~{R},3~{R},4~{S},5~{R})-4-fluoranyl-5-(5-iodanyl-4-methyl-pyrrolo[2,3-d]pyrimidin-7-yl)-3-oxidanyl-oxolan-2-yl]methoxy-oxidanyl-phosphoryl] phosphono hydrogen phosphate' 'C12 H16 F I N3 O12 P3'
C RNA linking CYTIDINE-5'-MONOPHOSPHATE 'C9 H14 N3 O8 P'
G RNA linking GUANOSINE-5'-MONOPHOSPHATE 'C10 H14 N5 O8 P'
MG non-polymer 'MAGNESIUM ION' 'Mg 2'
U RNA linking URIDINE-5'-MONOPHOSPHATE 'C9 H13 N2 O9 P'
#
# COMPACT_ATOMS: atom_id res chain seq x y z
N SER A 3 -45.05 32.26 -22.47
CA SER A 3 -46.28 31.97 -21.75
C SER A 3 -46.45 32.86 -20.53
N ALA A 4 -47.68 33.28 -20.26
CA ALA A 4 -47.96 34.05 -19.06
C ALA A 4 -47.92 33.20 -17.81
N ASP A 5 -48.18 31.90 -17.93
CA ASP A 5 -48.23 31.02 -16.78
C ASP A 5 -46.85 30.83 -16.16
N ALA A 6 -45.84 30.58 -16.99
CA ALA A 6 -44.49 30.37 -16.48
C ALA A 6 -43.91 31.66 -15.90
N GLN A 7 -44.15 32.80 -16.54
CA GLN A 7 -43.61 34.07 -16.02
C GLN A 7 -44.41 34.57 -14.82
N SER A 8 -45.63 34.07 -14.62
CA SER A 8 -46.34 34.39 -13.39
C SER A 8 -45.93 33.48 -12.25
N PHE A 9 -45.68 32.20 -12.55
CA PHE A 9 -45.17 31.26 -11.57
C PHE A 9 -43.78 31.64 -11.10
N LEU A 10 -42.95 32.15 -12.02
CA LEU A 10 -41.60 32.59 -11.66
C LEU A 10 -41.66 33.84 -10.80
N ASN A 11 -42.71 34.65 -10.94
CA ASN A 11 -42.94 35.74 -10.02
C ASN A 11 -43.40 35.26 -8.65
N ARG A 12 -44.32 34.29 -8.62
CA ARG A 12 -44.90 33.86 -7.34
C ARG A 12 -43.91 33.11 -6.48
N VAL A 13 -43.01 32.34 -7.10
CA VAL A 13 -42.02 31.61 -6.32
C VAL A 13 -41.01 32.56 -5.69
N CYS A 14 -40.85 33.76 -6.24
CA CYS A 14 -40.00 34.77 -5.62
C CYS A 14 -40.65 35.28 -4.34
N GLY A 15 -41.81 35.92 -4.46
CA GLY A 15 -42.66 36.17 -3.31
C GLY A 15 -42.13 37.25 -2.40
N VAL A 16 -41.98 36.92 -1.12
CA VAL A 16 -41.51 37.88 -0.13
C VAL A 16 -40.02 38.14 -0.30
N SER A 17 -39.23 37.08 -0.34
CA SER A 17 -37.79 37.22 -0.57
C SER A 17 -37.56 37.60 -2.03
N ALA A 18 -37.07 38.82 -2.25
CA ALA A 18 -36.90 39.33 -3.60
C ALA A 18 -35.65 38.70 -4.22
N ALA A 19 -35.83 38.04 -5.36
CA ALA A 19 -34.71 37.42 -6.06
C ALA A 19 -35.04 37.28 -7.53
N ARG A 20 -34.15 37.80 -8.38
CA ARG A 20 -34.27 37.57 -9.81
C ARG A 20 -34.00 36.12 -10.11
N LEU A 21 -34.84 35.51 -10.95
CA LEU A 21 -34.79 34.08 -11.17
C LEU A 21 -34.74 33.76 -12.65
N THR A 22 -34.11 32.63 -12.98
CA THR A 22 -34.15 32.13 -14.33
C THR A 22 -34.89 30.79 -14.38
N PRO A 23 -35.77 30.61 -15.35
CA PRO A 23 -36.58 29.39 -15.35
C PRO A 23 -35.79 28.18 -15.83
N CYS A 24 -35.03 27.58 -14.92
CA CYS A 24 -34.36 26.33 -15.23
C CYS A 24 -35.38 25.24 -15.46
N GLY A 25 -35.08 24.32 -16.37
CA GLY A 25 -36.09 23.39 -16.83
C GLY A 25 -37.09 24.09 -17.75
N THR A 26 -38.37 23.79 -17.56
CA THR A 26 -39.45 24.36 -18.34
C THR A 26 -40.47 24.96 -17.37
N GLY A 27 -41.52 25.60 -17.90
CA GLY A 27 -42.51 26.27 -17.07
C GLY A 27 -43.36 25.36 -16.21
N THR A 28 -43.37 24.07 -16.50
CA THR A 28 -44.02 23.10 -15.64
C THR A 28 -43.00 22.50 -14.67
N SER A 29 -43.34 21.37 -14.08
CA SER A 29 -42.39 20.63 -13.26
C SER A 29 -41.28 20.07 -14.13
N THR A 30 -40.07 20.09 -13.59
CA THR A 30 -38.88 19.71 -14.33
C THR A 30 -38.46 18.31 -13.94
N ASP A 31 -38.38 17.42 -14.91
CA ASP A 31 -37.71 16.15 -14.70
C ASP A 31 -36.23 16.40 -14.45
N VAL A 32 -35.73 15.92 -13.34
CA VAL A 32 -34.34 16.18 -13.04
C VAL A 32 -33.47 15.18 -13.81
N VAL A 33 -32.21 15.53 -13.99
CA VAL A 33 -31.25 14.61 -14.59
C VAL A 33 -30.65 13.82 -13.44
N TYR A 34 -31.44 12.84 -12.95
CA TYR A 34 -30.98 11.72 -12.12
C TYR A 34 -30.32 12.20 -10.83
N ARG A 35 -31.13 12.71 -9.90
CA ARG A 35 -30.60 12.89 -8.57
C ARG A 35 -30.58 11.55 -7.85
N ALA A 36 -29.61 11.37 -6.97
CA ALA A 36 -29.57 10.15 -6.17
C ALA A 36 -30.44 10.30 -4.94
N PHE A 37 -31.07 9.21 -4.53
CA PHE A 37 -31.98 9.26 -3.42
C PHE A 37 -31.68 8.13 -2.46
N ASP A 38 -32.23 8.25 -1.26
CA ASP A 38 -32.10 7.26 -0.19
C ASP A 38 -33.51 7.01 0.32
N ILE A 39 -34.21 6.03 -0.25
CA ILE A 39 -35.60 5.81 0.12
C ILE A 39 -35.85 4.33 0.38
N TYR A 40 -37.00 4.07 1.02
CA TYR A 40 -37.34 2.80 1.65
C TYR A 40 -38.79 2.37 1.48
N ASN A 41 -39.65 3.21 0.90
CA ASN A 41 -41.10 3.01 0.85
C ASN A 41 -41.47 1.77 0.03
N ASP A 42 -42.78 1.46 -0.03
CA ASP A 42 -43.22 0.13 -0.44
C ASP A 42 -43.01 -0.17 -1.93
N LYS A 43 -42.45 0.74 -2.71
CA LYS A 43 -42.13 0.42 -4.09
C LYS A 43 -40.66 0.02 -4.27
N VAL A 44 -39.72 0.71 -3.61
CA VAL A 44 -38.29 0.54 -3.84
C VAL A 44 -37.55 0.58 -2.53
N ALA A 45 -36.29 0.15 -2.56
CA ALA A 45 -35.47 0.30 -1.38
C ALA A 45 -34.04 0.43 -1.82
N GLY A 46 -33.31 1.33 -1.19
CA GLY A 46 -31.90 1.45 -1.48
C GLY A 46 -31.47 2.88 -1.72
N PHE A 47 -30.22 3.03 -2.14
CA PHE A 47 -29.55 4.30 -2.35
C PHE A 47 -29.06 4.30 -3.79
N ALA A 48 -29.91 4.76 -4.70
CA ALA A 48 -29.74 4.56 -6.13
C ALA A 48 -29.96 5.88 -6.83
N LYS A 49 -29.93 5.89 -8.16
CA LYS A 49 -30.32 7.08 -8.88
C LYS A 49 -31.70 6.90 -9.46
N PHE A 50 -32.57 7.87 -9.23
CA PHE A 50 -33.95 7.83 -9.64
C PHE A 50 -34.22 9.08 -10.45
N LEU A 51 -35.47 9.25 -10.86
CA LEU A 51 -35.90 10.46 -11.54
C LEU A 51 -36.78 11.26 -10.58
N LYS A 52 -36.31 12.40 -10.11
CA LYS A 52 -37.18 13.28 -9.38
C LYS A 52 -38.03 14.05 -10.38
N THR A 53 -39.28 13.65 -10.51
CA THR A 53 -40.17 14.24 -11.49
C THR A 53 -41.05 15.34 -10.93
N ASN A 54 -41.22 15.43 -9.61
CA ASN A 54 -42.15 16.37 -9.03
C ASN A 54 -41.53 17.74 -8.76
N CYS A 55 -40.24 17.90 -8.94
CA CYS A 55 -39.60 19.17 -8.63
C CYS A 55 -39.73 20.13 -9.81
N CYS A 56 -39.77 21.42 -9.50
CA CYS A 56 -39.78 22.47 -10.50
C CYS A 56 -38.61 23.39 -10.15
N ARG A 57 -37.41 22.99 -10.56
CA ARG A 57 -36.19 23.63 -10.09
C ARG A 57 -36.03 24.98 -10.77
N PHE A 58 -35.76 26.00 -9.98
CA PHE A 58 -35.42 27.31 -10.50
C PHE A 58 -33.98 27.64 -10.16
N GLN A 59 -33.58 28.88 -10.43
CA GLN A 59 -32.20 29.29 -10.24
C GLN A 59 -32.13 30.80 -10.13
N GLU A 60 -31.38 31.28 -9.15
CA GLU A 60 -31.38 32.68 -8.77
C GLU A 60 -30.41 33.46 -9.66
N LYS A 61 -30.69 34.74 -9.84
CA LYS A 61 -29.79 35.65 -10.55
C LYS A 61 -29.49 36.83 -9.65
N ASP A 62 -28.21 37.13 -9.52
CA ASP A 62 -27.74 38.18 -8.62
C ASP A 62 -27.64 39.50 -9.39
N GLU A 63 -26.94 40.47 -8.80
CA GLU A 63 -26.58 41.68 -9.52
C GLU A 63 -25.72 41.33 -10.73
N ASP A 64 -26.03 41.98 -11.86
CA ASP A 64 -25.32 41.89 -13.14
C ASP A 64 -25.40 40.51 -13.78
N ASP A 65 -26.42 39.72 -13.39
CA ASP A 65 -26.88 38.52 -14.10
C ASP A 65 -25.81 37.44 -14.20
N ASN A 66 -25.42 36.91 -13.05
CA ASN A 66 -24.57 35.72 -12.99
C ASN A 66 -25.39 34.59 -12.38
N LEU A 67 -25.02 33.37 -12.71
CA LEU A 67 -25.72 32.19 -12.23
C LEU A 67 -25.04 31.69 -10.95
N ILE A 68 -25.81 31.51 -9.89
CA ILE A 68 -25.26 31.21 -8.58
C ILE A 68 -25.66 29.78 -8.21
N ASP A 69 -24.98 29.22 -7.23
CA ASP A 69 -25.29 27.91 -6.65
C ASP A 69 -26.43 28.03 -5.62
N SER A 70 -27.59 28.49 -6.07
CA SER A 70 -28.69 28.77 -5.15
C SER A 70 -30.01 28.65 -5.89
N TYR A 71 -30.75 27.57 -5.64
CA TYR A 71 -31.89 27.17 -6.45
C TYR A 71 -33.15 27.12 -5.61
N PHE A 72 -34.30 27.20 -6.28
CA PHE A 72 -35.60 27.04 -5.63
C PHE A 72 -36.20 25.72 -6.11
N VAL A 73 -35.92 24.64 -5.39
CA VAL A 73 -36.58 23.37 -5.67
C VAL A 73 -38.06 23.52 -5.33
N VAL A 74 -38.92 23.38 -6.33
CA VAL A 74 -40.35 23.58 -6.14
C VAL A 74 -41.04 22.24 -6.34
N LYS A 75 -41.48 21.63 -5.25
CA LYS A 75 -42.14 20.34 -5.34
C LYS A 75 -43.63 20.55 -5.53
N ARG A 76 -44.21 19.79 -6.45
CA ARG A 76 -45.65 19.70 -6.60
C ARG A 76 -46.08 18.38 -5.97
N HIS A 77 -46.88 18.44 -4.92
CA HIS A 77 -47.34 17.21 -4.30
C HIS A 77 -48.78 17.42 -3.88
N THR A 78 -49.36 16.42 -3.23
CA THR A 78 -50.79 16.46 -2.94
C THR A 78 -51.09 17.35 -1.73
N PHE A 79 -52.34 17.84 -1.70
CA PHE A 79 -52.79 18.75 -0.67
C PHE A 79 -52.88 18.08 0.68
N SER A 80 -53.16 16.77 0.70
CA SER A 80 -53.14 16.00 1.94
C SER A 80 -51.72 15.85 2.46
N ASN A 81 -50.72 15.94 1.59
CA ASN A 81 -49.36 16.10 2.10
C ASN A 81 -49.03 17.55 2.37
N TYR A 82 -49.63 18.50 1.64
CA TYR A 82 -49.25 19.91 1.77
C TYR A 82 -49.66 20.49 3.11
N GLN A 83 -50.84 20.12 3.62
CA GLN A 83 -51.21 20.55 4.96
C GLN A 83 -50.26 19.99 6.02
N HIS A 84 -49.85 18.74 5.85
CA HIS A 84 -48.88 18.13 6.74
C HIS A 84 -47.51 18.77 6.66
N GLU A 85 -47.11 19.17 5.47
CA GLU A 85 -45.87 19.90 5.25
C GLU A 85 -45.87 21.23 5.98
N GLU A 86 -46.95 21.99 5.85
CA GLU A 86 -46.98 23.28 6.53
C GLU A 86 -47.15 23.13 8.02
N THR A 87 -47.83 22.08 8.48
CA THR A 87 -47.90 21.78 9.90
C THR A 87 -46.53 21.50 10.50
N ILE A 88 -45.68 20.77 9.78
CA ILE A 88 -44.34 20.52 10.30
C ILE A 88 -43.44 21.74 10.17
N TYR A 89 -43.52 22.46 9.05
CA TYR A 89 -42.63 23.60 8.86
C TYR A 89 -42.98 24.75 9.79
N ASN A 90 -44.23 24.88 10.21
CA ASN A 90 -44.53 25.88 11.22
C ASN A 90 -44.04 25.47 12.60
N LEU A 91 -43.49 24.27 12.74
CA LEU A 91 -42.85 23.85 13.98
C LEU A 91 -41.36 23.63 13.81
N LEU A 92 -40.77 24.02 12.67
CA LEU A 92 -39.33 24.04 12.50
C LEU A 92 -38.85 25.35 11.89
N LYS A 93 -39.70 26.36 11.90
CA LYS A 93 -39.47 27.59 11.16
C LYS A 93 -38.34 28.42 11.74
N ASP A 94 -38.15 28.39 13.06
CA ASP A 94 -37.11 29.20 13.66
C ASP A 94 -35.73 28.55 13.62
N CYS A 95 -35.64 27.30 13.20
CA CYS A 95 -34.32 26.70 13.12
C CYS A 95 -33.62 27.16 11.85
N PRO A 96 -32.35 27.58 11.95
CA PRO A 96 -31.64 28.06 10.74
C PRO A 96 -31.15 26.97 9.83
N ALA A 97 -31.33 25.70 10.18
CA ALA A 97 -30.95 24.60 9.32
C ALA A 97 -32.10 24.06 8.49
N VAL A 98 -33.22 24.74 8.51
CA VAL A 98 -34.32 24.48 7.61
C VAL A 98 -34.23 25.51 6.51
N ALA A 99 -34.04 25.05 5.29
CA ALA A 99 -34.23 25.95 4.16
C ALA A 99 -35.68 26.38 4.13
N LYS A 100 -35.89 27.67 3.90
CA LYS A 100 -37.23 28.27 3.93
C LYS A 100 -38.15 27.63 2.90
N HIS A 101 -39.45 27.84 3.03
CA HIS A 101 -40.27 26.97 2.21
C HIS A 101 -41.28 27.63 1.31
N ASP A 102 -41.87 28.77 1.72
CA ASP A 102 -42.73 29.61 0.86
C ASP A 102 -43.92 28.83 0.28
N PHE A 103 -44.77 28.36 1.17
CA PHE A 103 -45.88 27.49 0.79
C PHE A 103 -47.01 28.28 0.15
N PHE A 104 -47.55 27.76 -0.94
CA PHE A 104 -48.78 28.30 -1.53
C PHE A 104 -49.45 27.26 -2.41
N LYS A 105 -50.42 27.70 -3.19
CA LYS A 105 -51.09 26.93 -4.21
C LYS A 105 -51.34 27.84 -5.40
N PHE A 106 -51.32 27.26 -6.61
CA PHE A 106 -51.27 28.05 -7.83
C PHE A 106 -51.91 27.26 -8.96
N ARG A 107 -52.57 27.97 -9.87
CA ARG A 107 -53.37 27.36 -10.93
C ARG A 107 -52.48 27.04 -12.13
N ILE A 108 -51.94 25.83 -12.14
CA ILE A 108 -51.18 25.40 -13.32
C ILE A 108 -52.13 25.02 -14.46
N ASP A 109 -53.25 24.37 -14.15
CA ASP A 109 -54.26 24.03 -15.14
C ASP A 109 -55.65 24.46 -14.71
N GLY A 110 -55.74 25.31 -13.69
CA GLY A 110 -57.03 25.67 -13.13
C GLY A 110 -57.48 24.78 -12.00
N ASP A 111 -56.60 24.48 -11.05
CA ASP A 111 -56.90 23.50 -10.01
C ASP A 111 -56.45 23.95 -8.63
N MET A 112 -55.63 25.01 -8.54
CA MET A 112 -54.89 25.40 -7.33
C MET A 112 -54.11 24.21 -6.77
N VAL A 113 -53.17 23.74 -7.57
CA VAL A 113 -52.33 22.60 -7.16
C VAL A 113 -51.30 23.10 -6.15
N PRO A 114 -51.13 22.42 -5.01
CA PRO A 114 -50.24 22.93 -3.96
C PRO A 114 -48.77 22.72 -4.30
N HIS A 115 -47.98 23.77 -4.13
CA HIS A 115 -46.55 23.77 -4.38
C HIS A 115 -45.78 23.93 -3.07
N ILE A 116 -44.62 23.33 -3.02
CA ILE A 116 -43.66 23.54 -1.94
C ILE A 116 -42.49 24.26 -2.59
N SER A 117 -42.49 25.59 -2.54
CA SER A 117 -41.58 26.37 -3.36
C SER A 117 -40.40 26.78 -2.51
N ARG A 118 -39.50 25.82 -2.30
CA ARG A 118 -38.45 25.95 -1.30
C ARG A 118 -37.43 27.00 -1.71
N GLN A 119 -36.67 27.50 -0.74
CA GLN A 119 -35.80 28.65 -0.99
C GLN A 119 -34.33 28.31 -0.82
N ARG A 120 -33.56 28.66 -1.84
CA ARG A 120 -32.10 28.80 -1.80
C ARG A 120 -31.42 27.49 -1.47
N LEU A 121 -31.90 26.42 -2.07
CA LEU A 121 -31.20 25.15 -1.99
C LEU A 121 -30.11 25.16 -3.04
N THR A 122 -29.15 24.24 -2.90
CA THR A 122 -28.05 24.22 -3.84
C THR A 122 -28.49 23.55 -5.12
N LYS A 123 -27.55 23.36 -6.04
CA LYS A 123 -27.88 22.63 -7.26
C LYS A 123 -28.02 21.15 -6.96
N TYR A 124 -27.25 20.65 -6.00
CA TYR A 124 -27.25 19.24 -5.66
C TYR A 124 -27.58 19.10 -4.18
N THR A 125 -27.83 17.88 -3.74
CA THR A 125 -28.07 17.61 -2.35
C THR A 125 -26.85 16.89 -1.77
N MET A 126 -26.89 16.55 -0.48
CA MET A 126 -25.79 15.79 0.09
C MET A 126 -25.72 14.42 -0.51
N ALA A 127 -26.86 13.85 -0.89
CA ALA A 127 -26.87 12.49 -1.40
C ALA A 127 -26.22 12.41 -2.76
N ASP A 128 -26.27 13.48 -3.53
CA ASP A 128 -25.55 13.49 -4.80
C ASP A 128 -24.05 13.49 -4.56
N LEU A 129 -23.60 14.24 -3.56
CA LEU A 129 -22.18 14.24 -3.21
C LEU A 129 -21.75 12.88 -2.70
N VAL A 130 -22.56 12.28 -1.84
CA VAL A 130 -22.22 11.00 -1.27
C VAL A 130 -22.26 9.92 -2.33
N TYR A 131 -23.23 10.00 -3.24
CA TYR A 131 -23.34 9.02 -4.31
C TYR A 131 -22.19 9.16 -5.29
N ALA A 132 -21.88 10.40 -5.69
CA ALA A 132 -20.84 10.62 -6.68
C ALA A 132 -19.48 10.26 -6.14
N LEU A 133 -19.19 10.56 -4.89
CA LEU A 133 -17.91 10.16 -4.33
C LEU A 133 -17.90 8.71 -3.94
N ARG A 134 -19.06 8.07 -3.91
CA ARG A 134 -19.17 6.73 -3.37
C ARG A 134 -19.47 5.70 -4.45
N HIS A 135 -20.32 6.05 -5.41
CA HIS A 135 -20.51 5.28 -6.65
C HIS A 135 -19.75 6.00 -7.75
N PHE A 136 -18.43 5.90 -7.70
CA PHE A 136 -17.59 6.72 -8.56
C PHE A 136 -17.23 5.95 -9.80
N ASP A 137 -17.50 6.55 -10.95
CA ASP A 137 -17.24 5.96 -12.25
C ASP A 137 -16.40 6.93 -13.05
N GLU A 138 -15.26 6.45 -13.56
CA GLU A 138 -14.22 7.32 -14.11
C GLU A 138 -14.67 8.06 -15.36
N GLY A 139 -15.63 7.52 -16.08
CA GLY A 139 -16.15 8.17 -17.27
C GLY A 139 -17.38 8.99 -16.95
N ASN A 140 -18.26 8.40 -16.13
CA ASN A 140 -19.49 9.07 -15.71
C ASN A 140 -19.27 9.63 -14.31
N CYS A 141 -18.69 10.82 -14.25
CA CYS A 141 -18.58 11.55 -13.01
C CYS A 141 -18.80 13.03 -13.24
N ASP A 142 -19.88 13.36 -13.94
CA ASP A 142 -20.17 14.76 -14.23
C ASP A 142 -20.72 15.48 -13.01
N THR A 143 -21.46 14.78 -12.14
CA THR A 143 -21.99 15.41 -10.95
C THR A 143 -20.88 15.70 -9.95
N LEU A 144 -19.90 14.81 -9.83
CA LEU A 144 -18.75 15.10 -8.97
C LEU A 144 -17.94 16.28 -9.49
N LYS A 145 -17.84 16.43 -10.80
CA LYS A 145 -17.15 17.58 -11.35
C LYS A 145 -17.91 18.86 -11.08
N GLU A 146 -19.24 18.83 -11.19
CA GLU A 146 -20.00 20.04 -10.90
C GLU A 146 -19.92 20.41 -9.45
N ILE A 147 -19.87 19.42 -8.56
CA ILE A 147 -19.78 19.71 -7.14
C ILE A 147 -18.41 20.27 -6.79
N LEU A 148 -17.32 19.68 -7.30
CA LEU A 148 -16.00 20.22 -6.99
C LEU A 148 -15.76 21.58 -7.64
N VAL A 149 -16.41 21.88 -8.76
CA VAL A 149 -16.21 23.19 -9.39
C VAL A 149 -17.01 24.26 -8.68
N THR A 150 -18.30 24.02 -8.42
CA THR A 150 -19.13 25.09 -7.87
C THR A 150 -18.82 25.43 -6.43
N TYR A 151 -17.97 24.68 -5.74
CA TYR A 151 -17.59 25.01 -4.37
C TYR A 151 -16.09 25.26 -4.24
N ASN A 152 -15.48 25.73 -5.35
CA ASN A 152 -14.13 26.30 -5.39
C ASN A 152 -13.06 25.35 -4.90
N CYS A 153 -13.31 24.06 -5.05
CA CYS A 153 -12.37 23.07 -4.57
C CYS A 153 -11.23 22.88 -5.54
N CYS A 154 -11.51 23.03 -6.84
CA CYS A 154 -10.51 23.10 -7.89
C CYS A 154 -11.18 23.75 -9.09
N ASP A 155 -10.38 24.44 -9.90
CA ASP A 155 -10.91 25.04 -11.12
C ASP A 155 -11.19 23.94 -12.14
N ASP A 156 -11.93 24.30 -13.18
CA ASP A 156 -12.41 23.29 -14.13
C ASP A 156 -11.28 22.70 -14.96
N ASP A 157 -10.16 23.40 -15.10
CA ASP A 157 -8.96 22.88 -15.77
C ASP A 157 -8.19 21.90 -14.93
N TYR A 158 -8.61 21.61 -13.70
CA TYR A 158 -7.99 20.54 -12.95
C TYR A 158 -8.37 19.19 -13.52
N PHE A 159 -9.50 19.12 -14.23
CA PHE A 159 -10.09 17.87 -14.66
C PHE A 159 -9.51 17.36 -15.96
N ASN A 160 -8.82 18.23 -16.71
CA ASN A 160 -8.09 17.81 -17.90
C ASN A 160 -6.77 17.13 -17.57
N LYS A 161 -6.40 17.09 -16.30
CA LYS A 161 -5.21 16.38 -15.88
C LYS A 161 -5.41 14.90 -16.10
N LYS A 162 -4.34 14.23 -16.52
CA LYS A 162 -4.36 12.78 -16.53
C LYS A 162 -4.34 12.29 -15.10
N ASP A 163 -5.27 11.38 -14.80
CA ASP A 163 -5.46 10.77 -13.48
C ASP A 163 -5.81 11.80 -12.41
N TRP A 164 -6.77 12.67 -12.71
CA TRP A 164 -7.15 13.66 -11.72
C TRP A 164 -7.89 13.02 -10.57
N TYR A 165 -8.57 11.93 -10.82
CA TYR A 165 -9.40 11.26 -9.84
C TYR A 165 -8.66 10.26 -8.99
N ASP A 166 -7.53 9.76 -9.47
CA ASP A 166 -6.79 8.71 -8.80
C ASP A 166 -6.22 9.22 -7.49
N PHE A 167 -6.06 8.33 -6.53
CA PHE A 167 -5.37 8.65 -5.29
C PHE A 167 -3.93 8.18 -5.29
N VAL A 168 -3.60 7.17 -6.07
CA VAL A 168 -2.24 6.66 -6.06
C VAL A 168 -1.32 7.57 -6.84
N GLU A 169 -1.73 7.94 -8.04
CA GLU A 169 -1.14 9.05 -8.78
C GLU A 169 -2.07 10.24 -8.61
N ASN A 170 -1.49 11.43 -8.60
CA ASN A 170 -2.13 12.67 -8.15
C ASN A 170 -2.73 12.53 -6.76
N PRO A 171 -1.95 12.49 -5.67
CA PRO A 171 -2.54 12.71 -4.35
C PRO A 171 -2.80 14.17 -4.02
N ASP A 172 -2.89 15.07 -4.99
CA ASP A 172 -3.44 16.40 -4.74
C ASP A 172 -4.96 16.38 -4.80
N ILE A 173 -5.55 15.26 -5.20
CA ILE A 173 -6.99 15.15 -5.15
C ILE A 173 -7.45 15.07 -3.71
N LEU A 174 -6.58 14.66 -2.78
CA LEU A 174 -6.94 14.71 -1.38
C LEU A 174 -7.13 16.14 -0.92
N ARG A 175 -6.29 17.05 -1.40
CA ARG A 175 -6.47 18.46 -1.10
C ARG A 175 -7.73 19.00 -1.77
N VAL A 176 -8.02 18.54 -2.99
CA VAL A 176 -9.18 19.03 -3.72
C VAL A 176 -10.47 18.61 -3.02
N TYR A 177 -10.52 17.37 -2.57
CA TYR A 177 -11.65 16.90 -1.79
C TYR A 177 -11.73 17.59 -0.43
N ALA A 178 -10.58 17.82 0.21
CA ALA A 178 -10.55 18.47 1.51
C ALA A 178 -11.04 19.89 1.48
N ASN A 179 -11.04 20.53 0.31
CA ASN A 179 -11.73 21.82 0.23
C ASN A 179 -13.24 21.74 0.40
N LEU A 180 -13.85 20.55 0.31
CA LEU A 180 -15.24 20.35 0.72
C LEU A 180 -15.39 20.07 2.20
N GLY A 181 -14.30 20.07 2.96
CA GLY A 181 -14.35 19.58 4.33
C GLY A 181 -15.15 20.48 5.23
N GLU A 182 -14.99 21.79 5.08
CA GLU A 182 -15.81 22.71 5.85
C GLU A 182 -17.25 22.72 5.34
N ARG A 183 -17.46 22.39 4.07
CA ARG A 183 -18.82 22.31 3.57
C ARG A 183 -19.57 21.15 4.21
N VAL A 184 -18.90 20.01 4.32
CA VAL A 184 -19.48 18.83 4.95
C VAL A 184 -19.66 19.03 6.44
N ARG A 185 -18.69 19.68 7.10
CA ARG A 185 -18.79 19.92 8.54
C ARG A 185 -19.90 20.90 8.85
N GLN A 186 -20.07 21.90 8.00
CA GLN A 186 -21.15 22.84 8.21
C GLN A 186 -22.49 22.17 8.00
N ALA A 187 -22.56 21.22 7.06
CA ALA A 187 -23.74 20.37 6.93
C ALA A 187 -23.98 19.50 8.15
N LEU A 188 -22.93 19.02 8.82
CA LEU A 188 -23.14 18.20 10.02
C LEU A 188 -23.66 19.05 11.17
N LEU A 189 -23.12 20.24 11.35
CA LEU A 189 -23.68 21.18 12.33
C LEU A 189 -25.12 21.52 12.03
N LYS A 190 -25.47 21.68 10.75
CA LYS A 190 -26.87 21.94 10.45
C LYS A 190 -27.72 20.72 10.72
N THR A 191 -27.17 19.52 10.58
CA THR A 191 -27.93 18.34 10.94
C THR A 191 -28.22 18.29 12.43
N VAL A 192 -27.25 18.69 13.26
CA VAL A 192 -27.47 18.66 14.70
C VAL A 192 -28.42 19.78 15.13
N GLN A 193 -28.34 20.96 14.50
CA GLN A 193 -29.35 22.00 14.75
C GLN A 193 -30.73 21.52 14.36
N PHE A 194 -30.84 20.84 13.22
CA PHE A 194 -32.12 20.35 12.76
C PHE A 194 -32.65 19.24 13.65
N CYS A 195 -31.77 18.34 14.10
CA CYS A 195 -32.21 17.25 14.95
C CYS A 195 -32.57 17.74 16.34
N ASP A 196 -31.85 18.74 16.86
CA ASP A 196 -32.27 19.41 18.09
C ASP A 196 -33.63 20.06 17.93
N ALA A 197 -33.85 20.75 16.82
CA ALA A 197 -35.10 21.49 16.69
C ALA A 197 -36.27 20.55 16.44
N MET A 198 -36.02 19.44 15.76
CA MET A 198 -37.10 18.51 15.53
C MET A 198 -37.29 17.57 16.70
N ARG A 199 -36.30 17.47 17.59
CA ARG A 199 -36.51 16.86 18.89
C ARG A 199 -37.40 17.74 19.74
N ASN A 200 -37.05 19.03 19.82
CA ASN A 200 -37.77 19.95 20.69
C ASN A 200 -39.17 20.23 20.17
N ALA A 201 -39.37 20.17 18.85
CA ALA A 201 -40.72 20.25 18.32
C ALA A 201 -41.47 18.94 18.45
N GLY A 202 -40.77 17.87 18.80
CA GLY A 202 -41.39 16.58 18.98
C GLY A 202 -41.92 16.00 17.69
N ILE A 203 -41.11 15.95 16.64
CA ILE A 203 -41.53 15.30 15.42
C ILE A 203 -40.61 14.11 15.18
N VAL A 204 -41.15 13.08 14.55
CA VAL A 204 -40.47 11.81 14.36
C VAL A 204 -40.42 11.50 12.88
N GLY A 205 -39.23 11.18 12.39
CA GLY A 205 -39.09 10.73 11.02
C GLY A 205 -37.66 10.37 10.76
N VAL A 206 -37.46 9.68 9.68
CA VAL A 206 -36.12 9.30 9.29
C VAL A 206 -35.52 10.49 8.55
N LEU A 207 -34.23 10.71 8.76
CA LEU A 207 -33.51 11.75 8.04
C LEU A 207 -32.63 11.09 7.00
N THR A 208 -32.86 11.44 5.75
CA THR A 208 -32.14 10.89 4.62
C THR A 208 -31.26 11.97 4.05
N LEU A 209 -30.17 11.54 3.40
CA LEU A 209 -29.20 12.46 2.85
C LEU A 209 -29.79 13.36 1.77
N ASP A 210 -30.75 12.86 1.00
CA ASP A 210 -31.25 13.56 -0.17
C ASP A 210 -32.05 14.81 0.16
N ASN A 211 -32.47 15.00 1.40
CA ASN A 211 -33.22 16.17 1.77
C ASN A 211 -32.33 17.24 2.37
N GLN A 212 -31.02 17.15 2.18
CA GLN A 212 -30.10 18.15 2.69
C GLN A 212 -29.22 18.66 1.56
N ASP A 213 -29.21 19.97 1.34
CA ASP A 213 -28.40 20.49 0.25
C ASP A 213 -26.93 20.56 0.64
N LEU A 214 -26.16 21.35 -0.10
CA LEU A 214 -24.76 21.47 0.26
C LEU A 214 -24.51 22.59 1.24
N ASN A 215 -25.37 23.61 1.29
CA ASN A 215 -25.25 24.66 2.30
C ASN A 215 -25.53 24.13 3.70
N GLY A 216 -26.16 22.97 3.80
CA GLY A 216 -26.53 22.36 5.06
C GLY A 216 -28.02 22.29 5.28
N ASN A 217 -28.80 23.13 4.62
CA ASN A 217 -30.17 23.38 5.02
C ASN A 217 -31.07 22.23 4.63
N TRP A 218 -31.74 21.64 5.60
CA TRP A 218 -32.67 20.55 5.39
C TRP A 218 -33.99 21.09 4.87
N TYR A 219 -34.70 20.30 4.07
CA TYR A 219 -35.97 20.83 3.60
C TYR A 219 -37.18 19.93 3.78
N ASP A 220 -37.15 18.67 3.33
CA ASP A 220 -38.39 17.95 3.06
C ASP A 220 -39.13 17.50 4.30
N PHE A 221 -40.38 17.92 4.44
CA PHE A 221 -41.15 17.74 5.66
C PHE A 221 -42.37 16.84 5.49
N GLY A 222 -42.37 16.00 4.47
CA GLY A 222 -43.15 14.78 4.52
C GLY A 222 -42.37 13.70 5.22
N ASP A 223 -43.05 12.57 5.47
CA ASP A 223 -42.51 11.42 6.22
C ASP A 223 -42.14 11.83 7.67
N PHE A 224 -42.79 12.88 8.16
CA PHE A 224 -42.64 13.32 9.54
C PHE A 224 -43.99 13.16 10.22
N ILE A 225 -43.95 12.71 11.47
CA ILE A 225 -45.18 12.58 12.26
C ILE A 225 -44.99 13.38 13.54
N GLN A 226 -46.04 14.08 13.92
CA GLN A 226 -46.01 14.96 15.08
C GLN A 226 -46.25 14.14 16.34
N THR A 227 -45.40 14.34 17.35
CA THR A 227 -45.60 13.75 18.68
C THR A 227 -45.59 14.86 19.71
N THR A 228 -45.51 14.48 20.98
CA THR A 228 -45.44 15.47 22.04
C THR A 228 -44.07 16.15 22.03
N PRO A 229 -44.03 17.47 22.17
CA PRO A 229 -42.74 18.18 22.07
C PRO A 229 -41.83 17.87 23.23
N GLY A 230 -40.56 17.63 22.91
CA GLY A 230 -39.60 17.12 23.85
C GLY A 230 -39.37 15.64 23.78
N SER A 231 -40.28 14.90 23.15
CA SER A 231 -40.17 13.46 23.07
C SER A 231 -39.91 12.96 21.66
N GLY A 232 -39.80 13.85 20.67
CA GLY A 232 -39.57 13.41 19.31
C GLY A 232 -38.15 12.92 19.12
N VAL A 233 -37.99 12.02 18.15
CA VAL A 233 -36.68 11.48 17.87
C VAL A 233 -36.47 11.46 16.36
N PRO A 234 -35.30 11.87 15.86
CA PRO A 234 -34.99 11.68 14.44
C PRO A 234 -34.12 10.45 14.22
N VAL A 235 -34.40 9.76 13.13
CA VAL A 235 -33.77 8.49 12.84
C VAL A 235 -32.64 8.76 11.86
N VAL A 236 -31.45 9.03 12.37
CA VAL A 236 -30.34 9.44 11.54
C VAL A 236 -29.35 8.31 11.39
N ASP A 237 -29.84 7.09 11.31
CA ASP A 237 -28.93 5.97 11.12
C ASP A 237 -28.49 5.87 9.68
N SER A 238 -29.42 6.03 8.74
CA SER A 238 -29.06 5.99 7.33
C SER A 238 -28.30 7.23 6.92
N TYR A 239 -28.63 8.39 7.51
CA TYR A 239 -27.94 9.63 7.19
C TYR A 239 -26.47 9.56 7.54
N TYR A 240 -26.16 9.41 8.82
CA TYR A 240 -24.78 9.40 9.25
C TYR A 240 -24.05 8.18 8.73
N SER A 241 -24.74 7.05 8.57
CA SER A 241 -24.07 5.87 8.05
C SER A 241 -23.66 6.06 6.61
N LEU A 242 -24.55 6.57 5.77
CA LEU A 242 -24.19 6.78 4.38
C LEU A 242 -23.19 7.92 4.20
N LEU A 243 -23.16 8.89 5.12
CA LEU A 243 -22.19 9.97 4.99
C LEU A 243 -20.83 9.67 5.63
N MET A 244 -20.69 8.56 6.36
CA MET A 244 -19.41 8.25 7.01
C MET A 244 -18.17 8.12 6.13
N PRO A 245 -18.19 7.63 4.89
CA PRO A 245 -16.91 7.63 4.14
C PRO A 245 -16.48 9.01 3.67
N ILE A 246 -17.43 9.93 3.56
CA ILE A 246 -17.11 11.28 3.12
C ILE A 246 -16.49 12.09 4.24
N LEU A 247 -16.79 11.76 5.49
CA LEU A 247 -16.26 12.50 6.62
C LEU A 247 -14.77 12.32 6.81
N THR A 248 -14.16 11.32 6.19
CA THR A 248 -12.72 11.33 6.07
C THR A 248 -12.22 11.38 4.64
N LEU A 249 -13.09 11.23 3.64
CA LEU A 249 -12.64 11.49 2.29
C LEU A 249 -12.44 12.97 2.08
N THR A 250 -13.30 13.80 2.65
CA THR A 250 -13.11 15.22 2.53
C THR A 250 -12.55 15.84 3.80
N ARG A 251 -12.21 15.03 4.79
CA ARG A 251 -11.63 15.46 6.08
C ARG A 251 -12.44 16.57 6.72
N ALA A 252 -13.68 16.24 7.08
CA ALA A 252 -14.59 17.28 7.54
C ALA A 252 -14.26 17.75 8.94
N LEU A 253 -13.38 17.08 9.65
CA LEU A 253 -12.95 17.53 10.97
C LEU A 253 -11.46 17.85 10.96
N THR A 254 -11.03 18.68 10.01
CA THR A 254 -9.78 19.37 10.19
C THR A 254 -9.98 20.73 10.81
N ALA A 255 -11.18 21.27 10.73
CA ALA A 255 -11.47 22.51 11.42
C ALA A 255 -11.58 22.33 12.91
N GLU A 256 -11.74 21.10 13.39
CA GLU A 256 -11.72 20.87 14.81
C GLU A 256 -10.33 20.93 15.40
N SER A 257 -9.31 20.90 14.56
CA SER A 257 -7.95 21.02 15.03
C SER A 257 -7.43 22.44 15.00
N HIS A 258 -8.32 23.43 15.04
CA HIS A 258 -7.94 24.82 15.17
C HIS A 258 -8.48 25.36 16.49
N VAL A 259 -7.89 26.48 16.95
CA VAL A 259 -8.45 27.15 18.11
C VAL A 259 -9.75 27.82 17.72
N ASP A 260 -10.76 27.66 18.58
CA ASP A 260 -12.14 28.13 18.42
C ASP A 260 -12.86 27.49 17.22
N THR A 261 -12.24 26.50 16.58
CA THR A 261 -12.69 25.86 15.34
C THR A 261 -13.07 26.89 14.27
N ASP A 262 -12.07 27.66 13.87
CA ASP A 262 -12.20 28.68 12.83
C ASP A 262 -11.01 28.46 11.91
N LEU A 263 -11.26 28.42 10.61
CA LEU A 263 -10.20 28.04 9.68
C LEU A 263 -9.14 29.11 9.52
N THR A 264 -9.42 30.35 9.91
CA THR A 264 -8.40 31.38 9.85
C THR A 264 -7.40 31.28 11.00
N LYS A 265 -7.83 30.79 12.13
CA LYS A 265 -7.09 30.81 13.37
C LYS A 265 -6.05 29.67 13.39
N PRO A 266 -5.00 29.75 14.25
CA PRO A 266 -3.93 28.75 14.17
C PRO A 266 -4.30 27.38 14.69
N TYR A 267 -3.39 26.43 14.62
CA TYR A 267 -3.63 25.11 15.20
C TYR A 267 -3.72 25.18 16.71
N ILE A 268 -4.42 24.22 17.30
CA ILE A 268 -4.42 24.10 18.75
C ILE A 268 -3.06 23.57 19.18
N LYS A 269 -2.37 24.35 19.99
CA LYS A 269 -1.18 23.86 20.66
C LYS A 269 -1.67 22.97 21.79
N TRP A 270 -1.86 21.70 21.47
CA TRP A 270 -2.23 20.74 22.49
C TRP A 270 -1.07 20.57 23.46
N ASP A 271 -1.41 20.27 24.70
CA ASP A 271 -0.40 19.86 25.65
C ASP A 271 0.23 18.59 25.13
N LEU A 272 1.53 18.64 24.87
CA LEU A 272 2.18 17.55 24.15
C LEU A 272 2.27 16.28 24.97
N LEU A 273 1.99 16.36 26.27
CA LEU A 273 1.91 15.20 27.13
C LEU A 273 0.52 14.62 27.22
N LYS A 274 -0.50 15.30 26.68
CA LYS A 274 -1.87 14.86 26.85
C LYS A 274 -2.19 13.74 25.89
N TYR A 275 -2.50 12.58 26.43
CA TYR A 275 -2.84 11.41 25.64
C TYR A 275 -4.32 11.08 25.71
N ASP A 276 -4.95 11.25 26.85
CA ASP A 276 -6.29 10.71 27.06
C ASP A 276 -7.26 11.78 26.59
N PHE A 277 -7.65 11.69 25.32
CA PHE A 277 -8.53 12.66 24.70
C PHE A 277 -9.99 12.29 24.82
N THR A 278 -10.35 11.49 25.83
CA THR A 278 -11.70 10.94 25.97
C THR A 278 -12.74 12.04 26.10
N GLU A 279 -12.41 13.10 26.84
CA GLU A 279 -13.35 14.20 27.00
C GLU A 279 -13.57 14.94 25.70
N GLU A 280 -12.52 15.14 24.92
CA GLU A 280 -12.70 15.79 23.63
C GLU A 280 -13.34 14.87 22.61
N ARG A 281 -13.14 13.56 22.72
CA ARG A 281 -13.86 12.64 21.85
C ARG A 281 -15.35 12.68 22.11
N LEU A 282 -15.74 12.67 23.38
CA LEU A 282 -17.16 12.79 23.70
C LEU A 282 -17.70 14.17 23.35
N LYS A 283 -16.86 15.20 23.38
CA LYS A 283 -17.29 16.53 22.98
C LYS A 283 -17.53 16.60 21.48
N LEU A 284 -16.67 15.96 20.69
CA LEU A 284 -16.89 15.87 19.26
C LEU A 284 -18.15 15.07 18.94
N PHE A 285 -18.35 13.94 19.61
CA PHE A 285 -19.52 13.12 19.35
C PHE A 285 -20.79 13.80 19.81
N ASP A 286 -20.73 14.65 20.82
CA ASP A 286 -21.93 15.37 21.18
C ASP A 286 -22.11 16.60 20.29
N ARG A 287 -21.09 17.00 19.54
CA ARG A 287 -21.30 18.12 18.65
C ARG A 287 -21.80 17.68 17.29
N TYR A 288 -21.31 16.57 16.77
CA TYR A 288 -21.58 16.18 15.38
C TYR A 288 -22.56 15.03 15.27
N PHE A 289 -22.30 13.94 15.97
CA PHE A 289 -23.15 12.77 15.90
C PHE A 289 -24.02 12.72 17.15
N LYS A 290 -24.87 13.74 17.31
CA LYS A 290 -25.53 13.92 18.59
C LYS A 290 -26.65 12.92 18.79
N TYR A 291 -27.53 12.79 17.81
CA TYR A 291 -28.70 11.93 17.92
C TYR A 291 -28.48 10.58 17.32
N TRP A 292 -27.24 10.25 17.02
CA TRP A 292 -26.85 8.91 16.66
C TRP A 292 -27.06 8.02 17.88
N ASP A 293 -28.14 7.25 17.87
CA ASP A 293 -28.64 6.65 19.09
C ASP A 293 -28.07 5.28 19.42
N GLN A 294 -26.86 4.97 18.97
CA GLN A 294 -26.15 3.84 19.55
C GLN A 294 -25.02 4.35 20.40
N THR A 295 -24.77 3.66 21.51
CA THR A 295 -23.81 4.09 22.51
C THR A 295 -22.40 4.08 21.97
N TYR A 296 -21.76 5.24 21.96
CA TYR A 296 -20.38 5.39 21.57
C TYR A 296 -19.47 5.38 22.79
N HIS A 297 -18.48 4.49 22.77
CA HIS A 297 -17.44 4.43 23.78
C HIS A 297 -16.18 5.03 23.18
N PRO A 298 -15.56 6.06 23.75
CA PRO A 298 -14.35 6.60 23.13
C PRO A 298 -13.22 5.63 23.22
N ASN A 299 -12.89 5.24 24.43
CA ASN A 299 -11.96 4.16 24.64
C ASN A 299 -12.71 2.88 24.32
N CYS A 300 -12.17 2.06 23.43
CA CYS A 300 -12.91 0.87 23.05
C CYS A 300 -12.69 -0.29 24.00
N VAL A 301 -12.04 -0.06 25.13
CA VAL A 301 -11.95 -1.12 26.12
C VAL A 301 -13.32 -1.37 26.72
N ASN A 302 -14.15 -0.34 26.73
CA ASN A 302 -15.50 -0.43 27.28
C ASN A 302 -16.49 -0.93 26.26
N CYS A 303 -16.14 -1.93 25.45
CA CYS A 303 -17.02 -2.35 24.39
C CYS A 303 -17.65 -3.70 24.70
N LEU A 304 -18.81 -3.92 24.08
CA LEU A 304 -19.75 -4.93 24.52
C LEU A 304 -19.66 -6.23 23.73
N ASP A 305 -19.19 -6.19 22.49
CA ASP A 305 -18.85 -7.34 21.64
C ASP A 305 -18.07 -6.82 20.45
N ASP A 306 -17.89 -7.67 19.43
CA ASP A 306 -17.13 -7.27 18.24
C ASP A 306 -17.80 -6.20 17.43
N ARG A 307 -19.12 -6.29 17.28
CA ARG A 307 -19.85 -5.28 16.56
C ARG A 307 -19.80 -3.93 17.26
N CYS A 308 -19.69 -3.92 18.58
CA CYS A 308 -19.50 -2.64 19.25
C CYS A 308 -18.09 -2.13 19.08
N ILE A 309 -17.09 -3.01 18.94
CA ILE A 309 -15.72 -2.55 18.70
C ILE A 309 -15.63 -1.90 17.33
N LEU A 310 -16.24 -2.50 16.32
CA LEU A 310 -16.27 -1.89 14.98
C LEU A 310 -17.04 -0.59 14.98
N HIS A 311 -18.12 -0.54 15.76
CA HIS A 311 -18.91 0.68 15.83
C HIS A 311 -18.13 1.82 16.45
N CYS A 312 -17.53 1.60 17.59
CA CYS A 312 -16.87 2.70 18.29
C CYS A 312 -15.53 3.03 17.66
N ALA A 313 -14.85 2.04 17.07
CA ALA A 313 -13.59 2.31 16.39
C ALA A 313 -13.82 3.08 15.11
N ASN A 314 -14.97 2.89 14.46
CA ASN A 314 -15.30 3.71 13.30
C ASN A 314 -15.40 5.19 13.65
N PHE A 315 -15.86 5.52 14.84
CA PHE A 315 -15.91 6.92 15.21
C PHE A 315 -14.56 7.40 15.67
N ASN A 316 -13.76 6.52 16.28
CA ASN A 316 -12.46 7.02 16.70
C ASN A 316 -11.52 7.23 15.53
N VAL A 317 -11.76 6.58 14.38
CA VAL A 317 -10.94 6.85 13.20
C VAL A 317 -11.18 8.26 12.70
N LEU A 318 -12.43 8.71 12.68
CA LEU A 318 -12.71 10.11 12.36
C LEU A 318 -12.17 11.05 13.42
N PHE A 319 -12.43 10.75 14.69
CA PHE A 319 -12.09 11.69 15.75
C PHE A 319 -10.60 11.76 16.01
N SER A 320 -9.82 10.80 15.55
CA SER A 320 -8.39 10.84 15.79
C SER A 320 -7.62 11.56 14.70
N THR A 321 -8.29 12.09 13.69
CA THR A 321 -7.61 12.97 12.76
C THR A 321 -7.47 14.37 13.33
N VAL A 322 -8.19 14.69 14.39
CA VAL A 322 -8.07 15.98 15.03
C VAL A 322 -6.88 15.99 15.97
N PHE A 323 -6.70 14.95 16.67
CA PHE A 323 -5.80 14.92 17.79
C PHE A 323 -4.38 14.65 17.29
N PRO A 324 -3.38 15.28 17.89
CA PRO A 324 -2.08 15.39 17.22
C PRO A 324 -1.36 14.06 17.18
N PRO A 325 -0.61 13.78 16.12
CA PRO A 325 0.04 12.49 15.97
C PRO A 325 1.19 12.25 16.93
N THR A 326 1.57 13.22 17.75
CA THR A 326 2.45 12.94 18.87
C THR A 326 1.70 12.47 20.09
N SER A 327 0.39 12.21 19.99
CA SER A 327 -0.34 11.69 21.11
C SER A 327 -0.53 10.20 21.07
N PHE A 328 -0.62 9.63 19.88
CA PHE A 328 -0.94 8.23 19.70
C PHE A 328 0.30 7.39 19.92
N GLY A 329 0.27 6.13 19.53
CA GLY A 329 1.41 5.29 19.76
C GLY A 329 1.39 4.84 21.20
N PRO A 330 2.50 4.32 21.69
CA PRO A 330 2.52 3.78 23.05
C PRO A 330 2.37 4.84 24.11
N LEU A 331 2.13 4.37 25.32
CA LEU A 331 2.00 5.20 26.51
C LEU A 331 3.01 4.68 27.50
N VAL A 332 4.00 5.48 27.83
CA VAL A 332 5.07 4.97 28.68
C VAL A 332 4.97 5.57 30.07
N ARG A 333 5.35 4.78 31.04
CA ARG A 333 5.42 5.18 32.45
C ARG A 333 6.76 4.75 33.00
N LYS A 334 7.40 5.66 33.72
CA LYS A 334 8.73 5.39 34.27
C LYS A 334 8.58 4.43 35.44
N ILE A 335 8.59 3.15 35.13
CA ILE A 335 8.56 2.14 36.18
C ILE A 335 9.95 2.06 36.77
N PHE A 336 10.08 1.37 37.89
CA PHE A 336 11.38 1.11 38.47
C PHE A 336 11.59 -0.40 38.50
N VAL A 337 12.76 -0.84 38.06
CA VAL A 337 13.20 -2.20 38.29
C VAL A 337 14.44 -2.09 39.15
N ASP A 338 14.41 -2.75 40.31
CA ASP A 338 15.42 -2.89 41.37
C ASP A 338 16.30 -1.65 41.58
N GLY A 339 15.70 -0.48 41.48
CA GLY A 339 16.42 0.77 41.58
C GLY A 339 16.56 1.51 40.27
N VAL A 340 16.98 0.84 39.21
CA VAL A 340 17.33 1.55 37.98
C VAL A 340 16.05 1.86 37.20
N PRO A 341 15.83 3.10 36.78
CA PRO A 341 14.54 3.49 36.20
C PRO A 341 14.46 3.10 34.73
N PHE A 342 13.58 2.17 34.43
CA PHE A 342 13.09 1.89 33.09
C PHE A 342 12.03 2.91 32.72
N VAL A 343 11.77 3.02 31.42
CA VAL A 343 10.57 3.68 30.93
C VAL A 343 9.95 2.76 29.89
N VAL A 344 8.99 1.94 30.31
CA VAL A 344 8.40 0.94 29.45
C VAL A 344 6.99 1.38 29.15
N SER A 345 6.40 0.75 28.14
CA SER A 345 5.07 1.15 27.72
C SER A 345 4.04 0.37 28.51
N THR A 346 3.22 1.08 29.25
CA THR A 346 2.06 0.52 29.94
C THR A 346 0.79 1.11 29.38
N GLY A 347 0.57 0.97 28.09
CA GLY A 347 -0.62 1.52 27.47
C GLY A 347 -0.44 1.58 25.98
N TYR A 348 -1.44 2.15 25.31
CA TYR A 348 -1.36 2.49 23.90
C TYR A 348 -2.55 3.37 23.63
N HIS A 349 -2.34 4.47 22.96
CA HIS A 349 -3.44 5.31 22.51
C HIS A 349 -3.60 5.02 21.04
N PHE A 350 -4.47 4.07 20.72
CA PHE A 350 -4.75 3.77 19.34
C PHE A 350 -5.56 4.89 18.72
N ARG A 351 -5.39 5.09 17.43
CA ARG A 351 -6.27 6.01 16.73
C ARG A 351 -7.67 5.43 16.64
N GLU A 352 -7.78 4.11 16.63
CA GLU A 352 -9.03 3.40 16.48
C GLU A 352 -9.57 2.87 17.79
N LEU A 353 -8.82 2.05 18.50
CA LEU A 353 -9.31 1.38 19.69
C LEU A 353 -9.19 2.24 20.95
N GLY A 354 -9.28 3.56 20.84
CA GLY A 354 -9.29 4.46 21.99
C GLY A 354 -8.01 4.43 22.78
N VAL A 355 -8.14 4.71 24.08
CA VAL A 355 -7.01 4.67 25.01
C VAL A 355 -7.05 3.34 25.76
N VAL A 356 -6.04 2.52 25.57
CA VAL A 356 -6.02 1.19 26.15
C VAL A 356 -4.88 1.13 27.15
N HIS A 357 -5.20 0.96 28.42
CA HIS A 357 -4.19 0.87 29.45
C HIS A 357 -3.88 -0.59 29.74
N ASN A 358 -2.62 -0.88 30.03
CA ASN A 358 -2.31 -2.21 30.51
C ASN A 358 -2.86 -2.40 31.91
N GLN A 359 -2.92 -3.65 32.33
CA GLN A 359 -3.42 -3.93 33.65
C GLN A 359 -2.57 -4.90 34.44
N ASP A 360 -1.61 -5.58 33.84
CA ASP A 360 -0.54 -6.19 34.65
C ASP A 360 0.71 -5.31 34.66
N VAL A 361 0.55 -4.02 34.90
CA VAL A 361 1.69 -3.12 34.99
C VAL A 361 2.40 -3.35 36.32
N ASN A 362 3.71 -3.56 36.28
CA ASN A 362 4.47 -3.77 37.49
C ASN A 362 5.32 -2.55 37.81
N LEU A 363 4.93 -1.84 38.85
CA LEU A 363 5.75 -0.81 39.45
C LEU A 363 6.60 -1.49 40.50
N HIS A 364 7.87 -1.07 40.58
CA HIS A 364 8.85 -1.61 41.53
C HIS A 364 9.01 -3.13 41.35
N SER A 365 9.46 -3.51 40.17
CA SER A 365 9.86 -4.89 39.94
C SER A 365 11.22 -5.13 40.61
N SER A 366 11.48 -6.38 40.99
CA SER A 366 12.77 -6.72 41.54
C SER A 366 13.62 -7.57 40.62
N ARG A 367 13.00 -8.48 39.86
CA ARG A 367 13.70 -9.31 38.90
C ARG A 367 12.94 -9.23 37.59
N LEU A 368 13.62 -9.58 36.51
CA LEU A 368 12.98 -9.68 35.21
C LEU A 368 13.22 -11.08 34.64
N SER A 369 12.13 -11.81 34.42
CA SER A 369 12.19 -13.11 33.79
C SER A 369 12.41 -12.94 32.29
N PHE A 370 12.43 -14.04 31.56
CA PHE A 370 12.66 -13.95 30.13
C PHE A 370 11.46 -13.38 29.41
N LYS A 371 10.27 -13.69 29.91
CA LYS A 371 9.04 -13.13 29.38
C LYS A 371 9.02 -11.62 29.51
N GLU A 372 9.42 -11.12 30.67
CA GLU A 372 9.41 -9.68 30.89
C GLU A 372 10.53 -8.98 30.14
N LEU A 373 11.66 -9.66 29.94
CA LEU A 373 12.69 -9.06 29.09
C LEU A 373 12.24 -8.98 27.63
N LEU A 374 11.49 -9.98 27.15
CA LEU A 374 10.96 -9.88 25.80
C LEU A 374 9.95 -8.76 25.67
N VAL A 375 9.08 -8.62 26.66
CA VAL A 375 8.07 -7.57 26.61
C VAL A 375 8.73 -6.20 26.68
N TYR A 376 9.82 -6.08 27.44
CA TYR A 376 10.47 -4.78 27.57
C TYR A 376 11.44 -4.47 26.44
N ALA A 377 12.02 -5.47 25.80
CA ALA A 377 12.92 -5.21 24.67
C ALA A 377 12.16 -5.07 23.37
N ALA A 378 11.08 -5.83 23.19
CA ALA A 378 10.24 -5.68 22.02
C ALA A 378 9.46 -4.39 22.04
N ASP A 379 9.38 -3.77 23.19
CA ASP A 379 8.70 -2.51 23.35
C ASP A 379 9.46 -1.44 22.56
N PRO A 380 8.78 -0.55 21.84
CA PRO A 380 9.48 0.60 21.28
C PRO A 380 9.84 1.65 22.30
N ALA A 381 9.50 1.44 23.57
CA ALA A 381 9.63 2.46 24.60
C ALA A 381 11.09 2.80 24.85
N MET A 382 11.90 1.77 25.07
CA MET A 382 13.32 1.97 25.28
C MET A 382 14.00 2.54 24.05
N HIS A 383 13.63 2.04 22.87
CA HIS A 383 14.34 2.41 21.66
C HIS A 383 14.04 3.82 21.25
N ALA A 384 12.82 4.29 21.46
CA ALA A 384 12.52 5.68 21.17
C ALA A 384 12.89 6.61 22.31
N ALA A 385 13.15 6.09 23.51
CA ALA A 385 13.61 6.98 24.58
C ALA A 385 15.11 7.20 24.53
N SER A 386 15.87 6.12 24.37
CA SER A 386 17.31 6.25 24.34
C SER A 386 17.80 6.80 23.01
N GLY A 387 17.13 6.45 21.92
CA GLY A 387 17.54 6.96 20.63
C GLY A 387 17.22 8.42 20.48
N ASN A 388 17.97 9.06 19.60
CA ASN A 388 17.90 10.48 19.41
C ASN A 388 16.96 10.87 18.30
N LEU A 389 16.49 12.10 18.36
CA LEU A 389 15.35 12.55 17.58
C LEU A 389 15.68 12.57 16.10
N LEU A 390 14.67 12.35 15.27
CA LEU A 390 14.82 12.34 13.82
C LEU A 390 13.80 13.30 13.22
N LEU A 391 14.24 14.10 12.27
CA LEU A 391 13.35 14.87 11.42
C LEU A 391 13.64 14.40 10.02
N ASP A 392 12.88 13.43 9.54
CA ASP A 392 13.12 12.85 8.24
C ASP A 392 12.28 13.62 7.23
N LYS A 393 12.94 14.38 6.37
CA LYS A 393 12.23 15.10 5.35
C LYS A 393 12.04 14.26 4.09
N ARG A 394 12.54 13.03 4.06
CA ARG A 394 12.33 12.15 2.90
C ARG A 394 10.90 11.66 2.83
N THR A 395 10.28 11.35 3.97
CA THR A 395 8.92 10.85 4.02
C THR A 395 7.97 11.96 4.44
N THR A 396 6.69 11.68 4.28
CA THR A 396 5.67 12.41 5.02
C THR A 396 5.25 11.69 6.28
N CYS A 397 5.58 10.40 6.38
CA CYS A 397 5.21 9.60 7.53
C CYS A 397 5.98 10.03 8.76
N PHE A 398 5.28 10.09 9.89
CA PHE A 398 5.79 10.75 11.08
C PHE A 398 6.89 9.93 11.72
N SER A 399 8.13 10.40 11.60
CA SER A 399 9.26 9.76 12.26
C SER A 399 9.21 10.06 13.74
N VAL A 400 9.91 9.25 14.52
CA VAL A 400 9.95 9.43 15.97
C VAL A 400 11.37 9.59 16.48
N ALA A 401 12.28 8.75 16.05
CA ALA A 401 13.57 8.66 16.70
C ALA A 401 14.57 8.12 15.69
N ALA A 402 15.77 7.84 16.16
CA ALA A 402 16.76 7.14 15.37
C ALA A 402 17.66 6.41 16.33
N LEU A 403 18.03 5.20 15.98
CA LEU A 403 18.68 4.32 16.94
C LEU A 403 20.17 4.19 16.73
N THR A 404 20.68 4.61 15.58
CA THR A 404 22.10 4.60 15.33
C THR A 404 22.59 6.04 15.29
N ASN A 405 23.90 6.22 15.27
CA ASN A 405 24.44 7.56 15.09
C ASN A 405 24.32 8.08 13.66
N ASN A 406 23.99 7.21 12.70
CA ASN A 406 23.88 7.62 11.32
C ASN A 406 22.84 6.75 10.62
N VAL A 407 22.34 7.25 9.51
CA VAL A 407 21.25 6.59 8.82
C VAL A 407 21.81 5.54 7.86
N ALA A 408 21.33 4.31 7.98
CA ALA A 408 21.79 3.22 7.14
C ALA A 408 21.03 3.23 5.83
N PHE A 409 21.75 3.08 4.73
CA PHE A 409 21.16 3.07 3.39
C PHE A 409 21.26 1.67 2.81
N GLN A 410 20.15 1.16 2.30
CA GLN A 410 20.04 -0.22 1.87
C GLN A 410 19.94 -0.28 0.36
N THR A 411 20.78 -1.09 -0.27
CA THR A 411 20.80 -1.26 -1.71
C THR A 411 20.48 -2.69 -2.09
N VAL A 412 19.69 -2.86 -3.14
CA VAL A 412 19.35 -4.18 -3.65
C VAL A 412 20.26 -4.46 -4.84
N LYS A 413 20.97 -5.57 -4.79
CA LYS A 413 21.95 -5.93 -5.79
C LYS A 413 21.27 -6.34 -7.10
N PRO A 414 22.01 -6.44 -8.20
CA PRO A 414 21.45 -7.08 -9.40
C PRO A 414 21.50 -8.59 -9.30
N GLY A 415 20.77 -9.25 -10.18
CA GLY A 415 20.71 -10.70 -10.11
C GLY A 415 21.92 -11.33 -10.77
N ASN A 416 22.46 -12.36 -10.13
CA ASN A 416 23.60 -13.05 -10.69
C ASN A 416 23.19 -13.81 -11.93
N PHE A 417 23.51 -13.24 -13.07
CA PHE A 417 23.01 -13.67 -14.36
C PHE A 417 23.55 -15.04 -14.72
N ASN A 418 22.66 -16.02 -14.81
CA ASN A 418 23.02 -17.36 -15.22
C ASN A 418 23.30 -17.34 -16.71
N LYS A 419 24.57 -17.41 -17.09
CA LYS A 419 24.85 -17.32 -18.51
C LYS A 419 24.64 -18.65 -19.21
N ASP A 420 24.90 -19.76 -18.51
CA ASP A 420 24.85 -21.09 -19.14
C ASP A 420 23.45 -21.42 -19.62
N PHE A 421 22.44 -21.06 -18.85
CA PHE A 421 21.07 -21.24 -19.32
C PHE A 421 20.71 -20.27 -20.42
N TYR A 422 21.31 -19.09 -20.45
CA TYR A 422 20.98 -18.18 -21.53
C TYR A 422 21.61 -18.62 -22.85
N ASP A 423 22.83 -19.18 -22.78
CA ASP A 423 23.42 -19.78 -23.97
C ASP A 423 22.63 -21.00 -24.41
N PHE A 424 22.12 -21.78 -23.46
CA PHE A 424 21.30 -22.92 -23.84
C PHE A 424 19.94 -22.48 -24.33
N ALA A 425 19.50 -21.29 -23.97
CA ALA A 425 18.23 -20.81 -24.50
C ALA A 425 18.37 -20.26 -25.91
N VAL A 426 19.51 -19.63 -26.20
CA VAL A 426 19.69 -19.16 -27.58
C VAL A 426 20.20 -20.24 -28.50
N SER A 427 20.78 -21.32 -27.98
CA SER A 427 21.19 -22.39 -28.86
C SER A 427 20.02 -23.27 -29.26
N LYS A 428 19.02 -23.39 -28.39
CA LYS A 428 17.78 -24.06 -28.72
C LYS A 428 16.73 -23.13 -29.29
N GLY A 429 17.11 -21.94 -29.74
CA GLY A 429 16.27 -21.14 -30.57
C GLY A 429 15.30 -20.21 -29.89
N PHE A 430 15.65 -19.65 -28.74
CA PHE A 430 14.77 -18.66 -28.14
C PHE A 430 15.29 -17.25 -28.31
N PHE A 431 14.42 -16.31 -27.96
CA PHE A 431 14.67 -14.88 -27.93
C PHE A 431 15.08 -14.37 -29.31
N LYS A 432 14.39 -14.84 -30.34
CA LYS A 432 14.70 -14.31 -31.66
C LYS A 432 13.94 -13.02 -31.88
N GLU A 433 14.09 -12.46 -33.08
CA GLU A 433 13.46 -11.21 -33.41
C GLU A 433 11.95 -11.38 -33.46
N GLY A 434 11.23 -10.52 -32.76
CA GLY A 434 9.79 -10.53 -32.76
C GLY A 434 9.15 -11.71 -32.08
N SER A 435 9.91 -12.52 -31.37
CA SER A 435 9.33 -13.68 -30.71
C SER A 435 8.54 -13.23 -29.50
N SER A 436 7.47 -13.96 -29.20
CA SER A 436 6.53 -13.58 -28.17
C SER A 436 6.94 -14.03 -26.77
N VAL A 437 8.06 -14.72 -26.64
CA VAL A 437 8.56 -15.12 -25.32
C VAL A 437 9.89 -14.40 -25.13
N GLU A 438 9.84 -13.21 -24.57
CA GLU A 438 11.03 -12.41 -24.34
C GLU A 438 11.13 -12.13 -22.85
N LEU A 439 12.36 -11.90 -22.39
CA LEU A 439 12.62 -11.70 -20.97
C LEU A 439 11.97 -10.41 -20.50
N LYS A 440 10.89 -10.54 -19.75
CA LYS A 440 10.25 -9.39 -19.14
C LYS A 440 10.45 -9.36 -17.64
N HIS A 441 11.11 -10.36 -17.06
CA HIS A 441 11.25 -10.52 -15.63
C HIS A 441 12.71 -10.51 -15.25
N PHE A 442 13.08 -9.62 -14.33
CA PHE A 442 14.47 -9.41 -13.95
C PHE A 442 14.58 -9.16 -12.46
N PHE A 443 15.80 -9.19 -11.97
CA PHE A 443 16.12 -8.67 -10.63
C PHE A 443 16.49 -7.20 -10.80
N PHE A 444 15.57 -6.31 -10.50
CA PHE A 444 15.80 -4.88 -10.67
C PHE A 444 16.55 -4.32 -9.48
N ALA A 445 17.79 -3.90 -9.70
CA ALA A 445 18.63 -3.41 -8.62
C ALA A 445 18.18 -2.04 -8.15
N GLN A 446 18.55 -1.71 -6.91
CA GLN A 446 18.06 -0.50 -6.25
C GLN A 446 19.20 0.31 -5.67
N ASP A 447 18.96 1.61 -5.54
CA ASP A 447 19.93 2.54 -4.99
C ASP A 447 19.85 2.57 -3.46
N GLY A 448 20.38 3.62 -2.86
CA GLY A 448 20.46 3.64 -1.40
C GLY A 448 19.14 3.98 -0.73
N ASN A 449 18.45 5.00 -1.22
CA ASN A 449 17.24 5.49 -0.59
C ASN A 449 16.00 4.75 -1.04
N ALA A 450 16.17 3.54 -1.58
CA ALA A 450 15.04 2.77 -2.05
C ALA A 450 14.18 2.23 -0.92
N ALA A 451 14.81 1.86 0.20
CA ALA A 451 14.07 1.35 1.35
C ALA A 451 13.12 2.39 1.91
N ILE A 452 13.57 3.64 2.00
CA ILE A 452 12.73 4.68 2.58
C ILE A 452 11.75 5.19 1.53
N SER A 453 12.13 5.16 0.25
CA SER A 453 11.18 5.56 -0.78
C SER A 453 10.08 4.52 -0.96
N ASP A 454 10.33 3.28 -0.58
CA ASP A 454 9.27 2.27 -0.59
C ASP A 454 8.54 2.20 0.73
N TYR A 455 9.16 2.63 1.82
CA TYR A 455 8.40 2.86 3.05
C TYR A 455 7.38 3.95 2.84
N ASP A 456 7.73 5.00 2.11
CA ASP A 456 6.88 6.18 1.97
C ASP A 456 5.58 5.89 1.24
N TYR A 457 5.44 4.73 0.61
CA TYR A 457 4.17 4.31 0.04
C TYR A 457 3.08 4.03 1.06
N TYR A 458 3.33 4.19 2.36
CA TYR A 458 2.25 4.30 3.32
C TYR A 458 1.61 5.67 3.32
N ARG A 459 2.06 6.62 2.50
CA ARG A 459 1.32 7.86 2.36
C ARG A 459 0.05 7.69 1.56
N TYR A 460 -0.11 6.55 0.88
CA TYR A 460 -1.33 6.21 0.19
C TYR A 460 -2.41 5.84 1.17
N ASN A 461 -2.02 5.42 2.36
CA ASN A 461 -2.97 5.10 3.41
C ASN A 461 -3.52 6.37 4.00
N LEU A 462 -4.74 6.30 4.50
CA LEU A 462 -5.45 7.45 4.99
C LEU A 462 -6.34 7.02 6.15
N PRO A 463 -6.77 7.96 6.98
CA PRO A 463 -7.90 7.69 7.86
C PRO A 463 -9.13 7.41 7.04
N THR A 464 -9.74 6.25 7.25
CA THR A 464 -10.94 5.87 6.54
C THR A 464 -12.02 5.54 7.55
N MET A 465 -13.03 6.39 7.63
CA MET A 465 -14.22 6.12 8.41
C MET A 465 -15.15 5.31 7.53
N CYS A 466 -15.21 4.01 7.76
CA CYS A 466 -16.10 3.17 6.96
C CYS A 466 -17.54 3.46 7.32
N ASP A 467 -18.42 3.25 6.34
CA ASP A 467 -19.86 3.21 6.55
C ASP A 467 -20.09 2.13 7.59
N ILE A 468 -20.74 2.45 8.70
CA ILE A 468 -20.71 1.48 9.77
C ILE A 468 -21.90 0.54 9.70
N ARG A 469 -22.99 0.93 9.10
CA ARG A 469 -24.05 -0.05 8.95
C ARG A 469 -23.74 -1.02 7.83
N GLN A 470 -23.11 -0.57 6.75
CA GLN A 470 -22.61 -1.51 5.77
C GLN A 470 -21.53 -2.41 6.34
N LEU A 471 -20.64 -1.88 7.15
CA LEU A 471 -19.58 -2.73 7.66
C LEU A 471 -20.11 -3.70 8.70
N LEU A 472 -21.10 -3.29 9.48
CA LEU A 472 -21.70 -4.18 10.46
C LEU A 472 -22.66 -5.18 9.85
N PHE A 473 -23.05 -5.03 8.58
CA PHE A 473 -23.71 -6.14 7.91
C PHE A 473 -22.75 -7.01 7.10
N VAL A 474 -21.78 -6.41 6.43
CA VAL A 474 -20.87 -7.24 5.67
C VAL A 474 -19.88 -7.94 6.58
N VAL A 475 -19.76 -7.54 7.84
CA VAL A 475 -18.96 -8.36 8.74
C VAL A 475 -19.72 -9.62 9.09
N GLU A 476 -21.05 -9.55 9.07
CA GLU A 476 -21.83 -10.75 9.34
C GLU A 476 -21.88 -11.65 8.12
N VAL A 477 -21.91 -11.07 6.92
CA VAL A 477 -21.86 -11.90 5.73
C VAL A 477 -20.48 -12.49 5.52
N VAL A 478 -19.42 -11.75 5.85
CA VAL A 478 -18.07 -12.31 5.77
C VAL A 478 -17.88 -13.42 6.80
N ASP A 479 -18.40 -13.23 8.01
CA ASP A 479 -18.30 -14.30 8.98
C ASP A 479 -19.21 -15.46 8.61
N LYS A 480 -20.22 -15.21 7.80
CA LYS A 480 -20.94 -16.32 7.23
C LYS A 480 -20.10 -17.03 6.17
N TYR A 481 -19.19 -16.31 5.51
CA TYR A 481 -18.25 -17.06 4.66
C TYR A 481 -17.22 -17.81 5.49
N PHE A 482 -17.03 -17.49 6.76
CA PHE A 482 -16.07 -18.26 7.53
C PHE A 482 -16.73 -19.17 8.56
N ASP A 483 -17.89 -19.75 8.26
CA ASP A 483 -18.45 -20.65 9.25
C ASP A 483 -18.01 -22.09 9.09
N CYS A 484 -17.37 -22.45 7.99
CA CYS A 484 -16.97 -23.85 7.84
C CYS A 484 -15.67 -24.18 8.56
N TYR A 485 -15.06 -23.25 9.28
CA TYR A 485 -13.76 -23.45 9.90
C TYR A 485 -13.92 -23.53 11.40
N ASP A 486 -12.91 -24.09 12.06
CA ASP A 486 -12.88 -24.11 13.52
C ASP A 486 -11.64 -23.41 14.03
N GLY A 487 -11.82 -22.46 14.92
CA GLY A 487 -10.73 -21.67 15.40
C GLY A 487 -10.73 -21.62 16.91
N GLY A 488 -9.78 -20.89 17.45
CA GLY A 488 -9.67 -20.78 18.89
C GLY A 488 -8.22 -20.70 19.30
N CYS A 489 -8.02 -20.38 20.57
CA CYS A 489 -6.68 -20.35 21.10
C CYS A 489 -6.13 -21.75 21.19
N ILE A 490 -4.88 -21.90 20.79
CA ILE A 490 -4.17 -23.14 21.07
C ILE A 490 -3.08 -22.83 22.06
N ASN A 491 -2.73 -23.83 22.85
CA ASN A 491 -1.67 -23.69 23.82
C ASN A 491 -0.32 -23.74 23.10
N ALA A 492 0.75 -23.48 23.84
CA ALA A 492 2.07 -23.33 23.24
C ALA A 492 2.62 -24.62 22.67
N ASN A 493 2.17 -25.77 23.16
CA ASN A 493 2.65 -27.03 22.60
C ASN A 493 1.95 -27.41 21.32
N GLN A 494 0.83 -26.79 21.01
CA GLN A 494 0.09 -27.10 19.81
C GLN A 494 0.47 -26.21 18.64
N VAL A 495 1.36 -25.25 18.83
CA VAL A 495 1.76 -24.35 17.77
C VAL A 495 2.79 -25.06 16.91
N ILE A 496 2.46 -25.24 15.63
CA ILE A 496 3.38 -25.78 14.65
C ILE A 496 4.02 -24.61 13.92
N VAL A 497 5.34 -24.51 14.03
CA VAL A 497 6.11 -23.48 13.32
C VAL A 497 6.90 -24.18 12.23
N ASN A 498 6.70 -23.75 10.99
CA ASN A 498 7.26 -24.47 9.86
C ASN A 498 8.68 -24.02 9.53
N ASN A 499 8.94 -22.71 9.62
CA ASN A 499 10.25 -22.18 9.32
C ASN A 499 10.82 -21.51 10.56
N LEU A 500 11.43 -22.32 11.43
CA LEU A 500 12.06 -21.82 12.64
C LEU A 500 13.25 -20.92 12.37
N ASP A 501 14.00 -21.18 11.31
CA ASP A 501 15.22 -20.43 11.03
C ASP A 501 14.92 -19.18 10.22
N LYS A 502 14.02 -18.35 10.73
CA LYS A 502 13.74 -17.06 10.13
C LYS A 502 13.98 -15.97 11.15
N SER A 503 14.20 -14.76 10.66
CA SER A 503 14.57 -13.66 11.54
C SER A 503 13.40 -13.20 12.38
N ALA A 504 13.69 -12.86 13.62
CA ALA A 504 12.67 -12.60 14.64
C ALA A 504 12.44 -11.13 14.88
N GLY A 505 12.74 -10.28 13.92
CA GLY A 505 12.39 -8.88 14.04
C GLY A 505 13.32 -8.08 14.94
N PHE A 506 12.99 -6.80 15.08
CA PHE A 506 13.84 -5.97 15.90
C PHE A 506 13.37 -6.00 17.36
N PRO A 507 14.27 -6.01 18.35
CA PRO A 507 15.72 -6.10 18.32
C PRO A 507 16.18 -7.52 18.37
N PHE A 508 15.28 -8.46 18.13
CA PHE A 508 15.62 -9.85 18.36
C PHE A 508 16.50 -10.43 17.28
N ASN A 509 16.62 -9.77 16.14
CA ASN A 509 17.58 -10.22 15.14
C ASN A 509 18.97 -9.70 15.41
N LYS A 510 19.16 -8.94 16.48
CA LYS A 510 20.51 -8.65 16.92
C LYS A 510 21.08 -9.79 17.76
N TRP A 511 20.31 -10.83 18.07
CA TRP A 511 20.82 -11.93 18.88
C TRP A 511 20.58 -13.32 18.32
N GLY A 512 19.68 -13.49 17.37
CA GLY A 512 19.50 -14.80 16.78
C GLY A 512 18.27 -14.86 15.91
N LYS A 513 17.94 -16.08 15.49
CA LYS A 513 16.78 -16.32 14.67
C LYS A 513 15.58 -16.64 15.58
N ALA A 514 14.43 -16.93 14.98
CA ALA A 514 13.23 -17.25 15.75
C ALA A 514 13.36 -18.59 16.46
N ARG A 515 14.24 -19.46 15.97
CA ARG A 515 14.58 -20.70 16.64
C ARG A 515 15.09 -20.45 18.05
N LEU A 516 15.84 -19.36 18.24
CA LEU A 516 16.43 -19.05 19.55
C LEU A 516 15.36 -18.79 20.59
N TYR A 517 14.29 -18.13 20.19
CA TYR A 517 13.26 -17.77 21.15
C TYR A 517 12.22 -18.85 21.32
N TYR A 518 11.92 -19.62 20.28
CA TYR A 518 11.08 -20.78 20.52
C TYR A 518 11.82 -21.91 21.23
N ASP A 519 13.16 -21.91 21.23
CA ASP A 519 13.90 -22.92 21.97
C ASP A 519 14.35 -22.45 23.35
N SER A 520 14.48 -21.15 23.55
CA SER A 520 14.87 -20.65 24.86
C SER A 520 13.69 -20.62 25.80
N MET A 521 12.52 -20.26 25.30
CA MET A 521 11.33 -20.22 26.13
C MET A 521 10.77 -21.61 26.31
N SER A 522 10.35 -21.90 27.55
CA SER A 522 9.57 -23.10 27.77
C SER A 522 8.15 -22.84 27.30
N TYR A 523 7.36 -23.91 27.25
CA TYR A 523 5.96 -23.80 26.82
C TYR A 523 5.14 -22.97 27.80
N GLU A 524 5.47 -23.05 29.08
CA GLU A 524 4.76 -22.26 30.08
C GLU A 524 5.09 -20.78 29.94
N ASP A 525 6.32 -20.46 29.52
CA ASP A 525 6.66 -19.06 29.27
C ASP A 525 5.90 -18.52 28.07
N GLN A 526 5.73 -19.32 27.02
CA GLN A 526 5.00 -18.86 25.86
C GLN A 526 3.52 -18.70 26.18
N ASP A 527 2.97 -19.62 26.97
CA ASP A 527 1.57 -19.51 27.37
C ASP A 527 1.35 -18.31 28.28
N ALA A 528 2.31 -18.02 29.14
CA ALA A 528 2.18 -16.88 30.03
C ALA A 528 2.35 -15.58 29.27
N LEU A 529 3.21 -15.55 28.26
CA LEU A 529 3.32 -14.37 27.40
C LEU A 529 2.04 -14.16 26.60
N PHE A 530 1.42 -15.24 26.14
CA PHE A 530 0.17 -15.10 25.43
C PHE A 530 -0.94 -14.64 26.37
N ALA A 531 -0.91 -15.05 27.64
CA ALA A 531 -1.92 -14.56 28.57
C ALA A 531 -1.63 -13.13 29.01
N TYR A 532 -0.34 -12.74 29.03
CA TYR A 532 0.00 -11.34 29.19
C TYR A 532 -0.63 -10.50 28.10
N THR A 533 -0.51 -10.95 26.87
CA THR A 533 -1.14 -10.23 25.77
C THR A 533 -2.65 -10.35 25.80
N LYS A 534 -3.17 -11.40 26.44
CA LYS A 534 -4.59 -11.46 26.72
C LYS A 534 -5.03 -10.38 27.68
N ARG A 535 -4.15 -9.90 28.55
CA ARG A 535 -4.53 -8.80 29.43
C ARG A 535 -3.90 -7.44 29.12
N ASN A 536 -2.85 -7.38 28.31
CA ASN A 536 -2.08 -6.16 28.13
C ASN A 536 -1.75 -5.93 26.67
N VAL A 537 -1.74 -4.68 26.25
CA VAL A 537 -1.25 -4.32 24.93
C VAL A 537 0.26 -4.20 25.02
N ILE A 538 0.97 -4.82 24.07
CA ILE A 538 2.40 -4.59 23.94
C ILE A 538 2.67 -4.09 22.52
N PRO A 539 3.41 -3.03 22.35
CA PRO A 539 3.72 -2.55 21.01
C PRO A 539 5.04 -3.14 20.56
N THR A 540 5.23 -3.22 19.25
CA THR A 540 6.43 -3.87 18.73
C THR A 540 7.00 -3.10 17.56
N ILE A 541 8.03 -3.69 16.94
CA ILE A 541 8.83 -3.11 15.87
C ILE A 541 8.84 -4.06 14.69
N THR A 542 8.69 -3.54 13.47
CA THR A 542 8.90 -4.32 12.26
C THR A 542 10.14 -3.81 11.57
N GLN A 543 11.19 -4.61 11.51
CA GLN A 543 12.35 -4.15 10.78
C GLN A 543 12.07 -4.30 9.30
N MET A 544 11.59 -3.24 8.68
CA MET A 544 11.09 -3.30 7.32
C MET A 544 12.27 -3.32 6.34
N ASN A 545 12.64 -4.52 5.90
CA ASN A 545 13.76 -4.73 4.99
C ASN A 545 13.28 -4.96 3.56
N LEU A 546 14.21 -4.80 2.63
CA LEU A 546 13.95 -4.95 1.21
C LEU A 546 14.08 -6.40 0.79
N LYS A 547 13.22 -6.80 -0.15
CA LYS A 547 13.21 -8.16 -0.65
C LYS A 547 13.94 -8.20 -1.98
N TYR A 548 14.60 -9.32 -2.26
CA TYR A 548 15.47 -9.47 -3.41
C TYR A 548 14.90 -10.59 -4.29
N ALA A 549 13.99 -10.21 -5.18
CA ALA A 549 13.20 -11.16 -5.95
C ALA A 549 12.99 -10.67 -7.37
N ILE A 550 12.74 -11.63 -8.27
CA ILE A 550 12.37 -11.39 -9.66
C ILE A 550 11.12 -10.53 -9.72
N SER A 551 11.18 -9.45 -10.49
CA SER A 551 9.97 -8.70 -10.77
C SER A 551 9.98 -8.24 -12.21
N ALA A 552 8.80 -7.90 -12.71
CA ALA A 552 8.70 -7.29 -14.01
C ALA A 552 8.60 -5.78 -13.93
N LYS A 553 8.80 -5.21 -12.75
CA LYS A 553 8.81 -3.78 -12.54
C LYS A 553 10.00 -3.42 -11.67
N ASN A 554 10.48 -2.18 -11.81
CA ASN A 554 11.68 -1.73 -11.11
C ASN A 554 11.43 -1.35 -9.66
N ARG A 555 10.24 -1.60 -9.14
CA ARG A 555 9.90 -1.22 -7.78
C ARG A 555 10.52 -2.20 -6.80
N ALA A 556 11.08 -1.65 -5.74
CA ALA A 556 11.58 -2.49 -4.66
C ALA A 556 10.41 -3.03 -3.86
N ARG A 557 10.58 -4.25 -3.36
CA ARG A 557 9.54 -4.88 -2.56
C ARG A 557 10.06 -5.01 -1.14
N THR A 558 9.32 -4.48 -0.18
CA THR A 558 9.69 -4.55 1.21
C THR A 558 9.01 -5.71 1.92
N VAL A 559 9.71 -6.28 2.89
CA VAL A 559 9.14 -7.29 3.77
C VAL A 559 9.21 -6.79 5.21
N ALA A 560 8.06 -6.73 5.85
CA ALA A 560 7.94 -6.10 7.16
C ALA A 560 8.04 -7.18 8.24
N GLY A 561 9.26 -7.61 8.51
CA GLY A 561 9.44 -8.72 9.44
C GLY A 561 9.19 -8.40 10.89
N VAL A 562 8.00 -8.76 11.40
CA VAL A 562 7.58 -8.33 12.72
C VAL A 562 8.38 -9.06 13.80
N SER A 563 8.37 -8.50 14.99
CA SER A 563 9.21 -9.02 16.05
C SER A 563 8.53 -10.21 16.69
N ILE A 564 9.31 -11.03 17.39
CA ILE A 564 8.83 -12.36 17.73
C ILE A 564 7.81 -12.33 18.84
N CYS A 565 7.68 -11.23 19.59
CA CYS A 565 6.55 -11.12 20.49
C CYS A 565 5.23 -10.93 19.75
N SER A 566 5.27 -10.61 18.46
CA SER A 566 4.02 -10.58 17.72
C SER A 566 3.72 -11.93 17.10
N THR A 567 4.73 -12.58 16.54
CA THR A 567 4.49 -13.88 15.90
C THR A 567 4.17 -14.96 16.92
N MET A 568 4.90 -15.03 18.03
CA MET A 568 4.63 -16.16 18.90
C MET A 568 3.40 -15.98 19.76
N THR A 569 2.74 -14.85 19.68
CA THR A 569 1.42 -14.76 20.26
C THR A 569 0.32 -14.80 19.22
N ASN A 570 0.54 -14.24 18.01
CA ASN A 570 -0.47 -14.34 16.98
C ASN A 570 -0.59 -15.76 16.47
N ARG A 571 0.47 -16.55 16.56
CA ARG A 571 0.34 -17.96 16.23
C ARG A 571 -0.53 -18.69 17.22
N GLN A 572 -0.36 -18.44 18.52
CA GLN A 572 -1.18 -19.16 19.48
C GLN A 572 -2.62 -18.69 19.43
N PHE A 573 -2.83 -17.43 19.13
CA PHE A 573 -4.19 -16.93 19.04
C PHE A 573 -4.89 -17.40 17.79
N HIS A 574 -4.19 -17.47 16.66
CA HIS A 574 -4.83 -17.58 15.36
C HIS A 574 -4.56 -18.85 14.59
N GLN A 575 -3.61 -19.68 15.00
CA GLN A 575 -3.16 -20.73 14.12
C GLN A 575 -4.17 -21.85 13.97
N LYS A 576 -5.12 -21.99 14.89
CA LYS A 576 -6.14 -23.00 14.66
C LYS A 576 -7.06 -22.60 13.53
N LEU A 577 -7.48 -21.33 13.47
CA LEU A 577 -8.26 -20.87 12.33
C LEU A 577 -7.42 -20.85 11.06
N LEU A 578 -6.12 -20.55 11.17
CA LEU A 578 -5.34 -20.49 9.94
C LEU A 578 -5.05 -21.88 9.39
N LYS A 579 -4.78 -22.85 10.25
CA LYS A 579 -4.65 -24.22 9.79
C LYS A 579 -5.98 -24.85 9.45
N SER A 580 -7.10 -24.24 9.83
CA SER A 580 -8.36 -24.74 9.36
C SER A 580 -8.73 -24.18 8.00
N ILE A 581 -8.37 -22.92 7.73
CA ILE A 581 -8.59 -22.37 6.40
C ILE A 581 -7.63 -23.00 5.41
N ALA A 582 -6.43 -23.34 5.86
CA ALA A 582 -5.45 -23.94 4.98
C ALA A 582 -5.66 -25.44 4.78
N ALA A 583 -6.74 -26.01 5.30
CA ALA A 583 -7.01 -27.42 5.11
C ALA A 583 -8.46 -27.68 4.74
N THR A 584 -9.26 -26.65 4.53
CA THR A 584 -10.64 -26.81 4.10
C THR A 584 -10.71 -26.59 2.60
N ARG A 585 -10.99 -27.66 1.86
CA ARG A 585 -11.06 -27.66 0.42
C ARG A 585 -12.46 -27.31 -0.05
N GLY A 586 -12.54 -26.60 -1.15
CA GLY A 586 -13.84 -26.33 -1.72
C GLY A 586 -14.64 -25.26 -1.03
N ALA A 587 -13.99 -24.36 -0.30
CA ALA A 587 -14.67 -23.25 0.32
C ALA A 587 -14.61 -22.06 -0.61
N THR A 588 -14.91 -20.87 -0.09
CA THR A 588 -14.63 -19.66 -0.84
C THR A 588 -13.14 -19.36 -0.82
N VAL A 589 -12.55 -19.35 0.35
CA VAL A 589 -11.14 -19.02 0.51
C VAL A 589 -10.32 -20.25 0.17
N VAL A 590 -9.41 -20.15 -0.79
CA VAL A 590 -8.71 -21.30 -1.30
C VAL A 590 -7.24 -21.30 -0.88
N ILE A 591 -6.90 -20.60 0.19
CA ILE A 591 -5.54 -20.65 0.70
C ILE A 591 -5.29 -22.04 1.22
N GLY A 592 -4.23 -22.67 0.75
CA GLY A 592 -3.96 -24.03 1.13
C GLY A 592 -4.35 -25.05 0.10
N THR A 593 -5.19 -24.70 -0.85
CA THR A 593 -5.56 -25.63 -1.90
C THR A 593 -4.46 -25.62 -2.95
N SER A 594 -3.82 -26.76 -3.12
CA SER A 594 -2.74 -26.88 -4.07
C SER A 594 -3.27 -26.80 -5.49
N LYS A 595 -2.53 -26.13 -6.35
CA LYS A 595 -2.95 -26.08 -7.75
C LYS A 595 -2.65 -27.37 -8.47
N PHE A 596 -1.75 -28.19 -7.94
CA PHE A 596 -1.36 -29.42 -8.57
C PHE A 596 -2.42 -30.48 -8.35
N TYR A 597 -2.15 -31.65 -8.93
CA TYR A 597 -2.88 -32.89 -8.67
C TYR A 597 -4.36 -32.73 -8.98
N GLY A 598 -4.64 -31.97 -10.03
CA GLY A 598 -6.01 -31.67 -10.33
C GLY A 598 -6.64 -30.74 -9.35
N GLY A 599 -5.85 -30.01 -8.59
CA GLY A 599 -6.42 -29.10 -7.62
C GLY A 599 -6.95 -27.84 -8.26
N TRP A 600 -6.28 -27.34 -9.30
CA TRP A 600 -6.76 -26.15 -9.98
C TRP A 600 -8.07 -26.43 -10.67
N HIS A 601 -8.25 -27.65 -11.17
CA HIS A 601 -9.49 -28.02 -11.81
C HIS A 601 -10.63 -28.11 -10.81
N ASN A 602 -10.36 -28.62 -9.60
CA ASN A 602 -11.39 -28.67 -8.59
C ASN A 602 -11.69 -27.29 -8.02
N MET A 603 -10.68 -26.42 -7.94
CA MET A 603 -10.91 -25.01 -7.66
C MET A 603 -11.88 -24.42 -8.66
N LEU A 604 -11.60 -24.59 -9.94
CA LEU A 604 -12.42 -23.96 -10.96
C LEU A 604 -13.80 -24.58 -11.06
N LYS A 605 -13.96 -25.86 -10.82
CA LYS A 605 -15.31 -26.41 -10.80
C LYS A 605 -16.03 -26.14 -9.49
N THR A 606 -15.32 -25.68 -8.46
CA THR A 606 -16.00 -25.21 -7.27
C THR A 606 -16.46 -23.77 -7.44
N VAL A 607 -15.70 -22.94 -8.15
CA VAL A 607 -16.18 -21.59 -8.45
C VAL A 607 -17.38 -21.67 -9.37
N TYR A 608 -17.40 -22.65 -10.26
CA TYR A 608 -18.47 -22.79 -11.22
C TYR A 608 -19.67 -23.50 -10.65
N SER A 609 -19.83 -23.50 -9.33
CA SER A 609 -20.86 -24.30 -8.70
C SER A 609 -22.22 -23.70 -8.99
N ASP A 610 -22.77 -24.09 -10.14
CA ASP A 610 -24.18 -23.95 -10.45
C ASP A 610 -24.61 -22.49 -10.52
N VAL A 611 -23.78 -21.69 -11.17
CA VAL A 611 -24.09 -20.28 -11.42
C VAL A 611 -24.81 -20.22 -12.76
N GLU A 612 -25.84 -19.39 -12.85
CA GLU A 612 -26.85 -19.62 -13.87
C GLU A 612 -26.39 -19.22 -15.26
N ASN A 613 -25.84 -18.00 -15.42
CA ASN A 613 -25.31 -17.54 -16.70
C ASN A 613 -23.86 -17.15 -16.49
N PRO A 614 -22.97 -18.13 -16.30
CA PRO A 614 -21.72 -17.84 -15.60
C PRO A 614 -20.66 -17.22 -16.49
N HIS A 615 -20.30 -15.98 -16.18
CA HIS A 615 -19.07 -15.39 -16.68
C HIS A 615 -17.98 -15.61 -15.65
N LEU A 616 -16.84 -14.96 -15.86
CA LEU A 616 -15.88 -14.78 -14.80
C LEU A 616 -15.49 -13.32 -14.69
N MET A 617 -14.83 -12.99 -13.59
CA MET A 617 -14.39 -11.63 -13.33
C MET A 617 -13.27 -11.67 -12.32
N GLY A 618 -12.20 -10.97 -12.59
CA GLY A 618 -11.12 -10.83 -11.64
C GLY A 618 -10.93 -9.36 -11.32
N TRP A 619 -10.11 -9.11 -10.31
CA TRP A 619 -9.67 -7.76 -10.03
C TRP A 619 -8.33 -7.85 -9.33
N ASP A 620 -7.77 -6.68 -9.07
CA ASP A 620 -6.54 -6.56 -8.31
C ASP A 620 -6.62 -5.26 -7.56
N TYR A 621 -6.18 -5.29 -6.31
CA TYR A 621 -6.26 -4.13 -5.45
C TYR A 621 -5.01 -3.30 -5.61
N PRO A 622 -5.11 -2.04 -6.04
CA PRO A 622 -3.92 -1.20 -6.17
C PRO A 622 -3.45 -0.81 -4.78
N LYS A 623 -2.22 -1.21 -4.45
CA LYS A 623 -1.61 -1.01 -3.13
C LYS A 623 -2.50 -1.58 -2.04
N CYS A 624 -2.66 -2.90 -2.05
CA CYS A 624 -3.53 -3.54 -1.07
C CYS A 624 -2.90 -3.52 0.31
N ASP A 625 -1.61 -3.80 0.40
CA ASP A 625 -0.98 -3.81 1.71
C ASP A 625 -0.74 -2.41 2.23
N ARG A 626 -0.54 -1.45 1.35
CA ARG A 626 -0.26 -0.11 1.83
C ARG A 626 -1.52 0.67 2.09
N ALA A 627 -2.55 0.54 1.27
CA ALA A 627 -3.67 1.45 1.37
C ALA A 627 -4.91 0.82 1.99
N MET A 628 -4.79 -0.38 2.55
CA MET A 628 -5.89 -0.98 3.31
C MET A 628 -6.21 -0.09 4.50
N PRO A 629 -7.48 0.25 4.72
CA PRO A 629 -7.82 1.12 5.84
C PRO A 629 -7.55 0.47 7.18
N ASN A 630 -7.67 1.26 8.22
CA ASN A 630 -7.50 0.70 9.54
C ASN A 630 -8.74 -0.06 9.96
N MET A 631 -9.91 0.45 9.58
CA MET A 631 -11.16 -0.19 9.96
C MET A 631 -11.29 -1.57 9.35
N LEU A 632 -10.85 -1.75 8.11
CA LEU A 632 -11.00 -3.07 7.50
C LEU A 632 -9.95 -4.04 7.98
N ARG A 633 -8.81 -3.56 8.45
CA ARG A 633 -7.85 -4.51 9.01
C ARG A 633 -8.24 -4.91 10.42
N ILE A 634 -8.80 -3.99 11.22
CA ILE A 634 -9.31 -4.45 12.51
C ILE A 634 -10.59 -5.22 12.34
N MET A 635 -11.37 -4.97 11.29
CA MET A 635 -12.53 -5.81 10.99
C MET A 635 -12.10 -7.21 10.60
N ALA A 636 -11.00 -7.34 9.89
CA ALA A 636 -10.53 -8.66 9.54
C ALA A 636 -9.93 -9.37 10.74
N SER A 637 -9.30 -8.64 11.65
CA SER A 637 -8.84 -9.27 12.87
C SER A 637 -10.00 -9.67 13.77
N LEU A 638 -11.10 -8.94 13.73
CA LEU A 638 -12.29 -9.35 14.46
C LEU A 638 -12.93 -10.59 13.85
N VAL A 639 -13.04 -10.67 12.53
CA VAL A 639 -13.62 -11.85 11.88
C VAL A 639 -12.75 -13.07 12.15
N LEU A 640 -11.44 -12.92 12.13
CA LEU A 640 -10.61 -14.04 12.54
C LEU A 640 -10.67 -14.29 14.04
N ALA A 641 -11.18 -13.34 14.81
CA ALA A 641 -11.35 -13.57 16.24
C ALA A 641 -12.79 -13.78 16.65
N ARG A 642 -13.70 -14.08 15.71
CA ARG A 642 -15.04 -14.48 16.13
C ARG A 642 -15.12 -15.96 16.45
N LYS A 643 -14.03 -16.70 16.30
CA LYS A 643 -14.02 -18.09 16.70
C LYS A 643 -13.82 -18.23 18.20
N HIS A 644 -13.39 -17.18 18.87
CA HIS A 644 -13.04 -17.23 20.29
C HIS A 644 -14.27 -16.93 21.15
N THR A 645 -15.33 -17.68 20.93
CA THR A 645 -16.50 -17.47 21.76
C THR A 645 -16.46 -18.30 23.01
N THR A 646 -15.63 -19.33 23.07
CA THR A 646 -15.49 -20.16 24.25
C THR A 646 -14.12 -20.07 24.89
N CYS A 647 -13.05 -19.96 24.09
CA CYS A 647 -11.71 -20.01 24.64
C CYS A 647 -11.27 -18.69 25.24
N CYS A 648 -11.90 -17.59 24.86
CA CYS A 648 -11.55 -16.28 25.36
C CYS A 648 -12.74 -15.64 26.05
N SER A 649 -12.46 -14.68 26.91
CA SER A 649 -13.50 -13.82 27.43
C SER A 649 -13.78 -12.72 26.41
N LEU A 650 -14.32 -11.60 26.85
CA LEU A 650 -14.47 -10.53 25.90
C LEU A 650 -13.39 -9.48 26.07
N SER A 651 -12.96 -9.26 27.31
CA SER A 651 -11.81 -8.39 27.53
C SER A 651 -10.53 -9.06 27.06
N HIS A 652 -10.49 -10.38 27.09
CA HIS A 652 -9.36 -11.08 26.47
C HIS A 652 -9.34 -10.85 24.97
N ARG A 653 -10.50 -10.85 24.34
CA ARG A 653 -10.55 -10.59 22.91
C ARG A 653 -10.23 -9.15 22.60
N PHE A 654 -10.53 -8.22 23.50
CA PHE A 654 -10.15 -6.84 23.20
C PHE A 654 -8.66 -6.61 23.39
N TYR A 655 -8.06 -7.14 24.45
CA TYR A 655 -6.61 -6.94 24.58
C TYR A 655 -5.85 -7.73 23.55
N ARG A 656 -6.43 -8.80 23.01
CA ARG A 656 -5.72 -9.50 21.95
C ARG A 656 -5.95 -8.84 20.59
N LEU A 657 -7.09 -8.19 20.39
CA LEU A 657 -7.25 -7.31 19.24
C LEU A 657 -6.30 -6.11 19.32
N ALA A 658 -6.17 -5.51 20.50
CA ALA A 658 -5.31 -4.33 20.60
C ALA A 658 -3.84 -4.71 20.52
N ASN A 659 -3.47 -5.90 20.97
CA ASN A 659 -2.14 -6.42 20.68
C ASN A 659 -1.91 -6.61 19.20
N GLU A 660 -2.91 -7.14 18.49
CA GLU A 660 -2.72 -7.32 17.05
C GLU A 660 -2.69 -5.97 16.33
N CYS A 661 -3.44 -4.99 16.80
CA CYS A 661 -3.43 -3.68 16.17
C CYS A 661 -2.13 -2.93 16.47
N ALA A 662 -1.60 -3.05 17.67
CA ALA A 662 -0.35 -2.38 18.00
C ALA A 662 0.87 -3.14 17.52
N GLN A 663 0.73 -4.37 17.08
CA GLN A 663 1.84 -5.09 16.50
C GLN A 663 1.77 -5.19 14.99
N VAL A 664 0.65 -4.81 14.37
CA VAL A 664 0.49 -4.99 12.95
C VAL A 664 -0.01 -3.72 12.30
N LEU A 665 -1.08 -3.14 12.83
CA LEU A 665 -1.74 -2.10 12.07
C LEU A 665 -1.03 -0.76 12.22
N SER A 666 -1.11 -0.15 13.40
CA SER A 666 -0.49 1.15 13.65
C SER A 666 0.69 0.89 14.55
N GLU A 667 1.89 1.08 14.03
CA GLU A 667 3.04 0.46 14.65
C GLU A 667 4.29 1.27 14.44
N MET A 668 5.19 1.23 15.43
CA MET A 668 6.54 1.72 15.26
C MET A 668 7.27 0.76 14.35
N VAL A 669 7.78 1.26 13.23
CA VAL A 669 8.42 0.46 12.19
C VAL A 669 9.82 1.01 11.94
N MET A 670 10.81 0.13 11.95
CA MET A 670 12.20 0.53 11.77
C MET A 670 12.59 0.42 10.30
N CYS A 671 12.76 1.55 9.63
CA CYS A 671 13.10 1.56 8.21
C CYS A 671 14.50 2.10 8.07
N GLY A 672 15.49 1.23 8.25
CA GLY A 672 16.85 1.66 8.12
C GLY A 672 17.32 2.44 9.32
N GLY A 673 17.43 1.76 10.46
CA GLY A 673 18.02 2.33 11.65
C GLY A 673 17.30 3.48 12.28
N SER A 674 16.01 3.64 12.02
CA SER A 674 15.29 4.79 12.55
C SER A 674 13.81 4.49 12.55
N LEU A 675 13.18 4.56 13.72
CA LEU A 675 11.79 4.19 13.85
C LEU A 675 10.88 5.26 13.25
N TYR A 676 9.79 4.83 12.64
CA TYR A 676 8.75 5.69 12.12
C TYR A 676 7.43 5.18 12.67
N VAL A 677 6.39 5.96 12.58
CA VAL A 677 5.09 5.38 12.85
C VAL A 677 4.47 4.98 11.52
N LYS A 678 3.78 3.86 11.53
CA LYS A 678 3.17 3.35 10.32
C LYS A 678 1.70 3.68 10.35
N PRO A 679 1.14 4.37 9.36
CA PRO A 679 -0.24 4.81 9.49
C PRO A 679 -1.26 3.70 9.35
N GLY A 680 -0.85 2.52 8.92
CA GLY A 680 -1.75 1.38 8.95
C GLY A 680 -1.36 0.35 7.91
N GLY A 681 -2.36 -0.14 7.21
CA GLY A 681 -2.12 -1.16 6.22
C GLY A 681 -1.99 -2.52 6.83
N THR A 682 -1.17 -3.33 6.19
CA THR A 682 -0.80 -4.65 6.70
C THR A 682 0.71 -4.79 6.68
N SER A 683 1.28 -5.23 7.78
CA SER A 683 2.63 -5.75 7.70
C SER A 683 2.59 -7.06 6.93
N SER A 684 3.52 -7.24 6.01
CA SER A 684 3.57 -8.49 5.31
C SER A 684 4.25 -9.59 6.10
N GLY A 685 4.89 -9.27 7.20
CA GLY A 685 5.48 -10.31 8.01
C GLY A 685 4.55 -10.77 9.10
N ASP A 686 3.31 -10.32 9.01
CA ASP A 686 2.25 -10.66 9.93
C ASP A 686 1.95 -12.16 9.87
N ALA A 687 1.42 -12.69 10.96
CA ALA A 687 0.92 -14.06 10.93
C ALA A 687 -0.25 -14.19 9.97
N THR A 688 -1.29 -13.41 10.20
CA THR A 688 -2.51 -13.49 9.41
C THR A 688 -2.47 -12.50 8.26
N THR A 689 -1.43 -12.59 7.44
CA THR A 689 -1.32 -11.59 6.40
C THR A 689 -1.97 -12.01 5.11
N ALA A 690 -2.17 -13.31 4.91
CA ALA A 690 -2.90 -13.80 3.75
C ALA A 690 -4.34 -14.08 4.12
N TYR A 691 -4.66 -14.06 5.40
CA TYR A 691 -6.00 -14.42 5.80
C TYR A 691 -6.80 -13.17 6.14
N ALA A 692 -6.17 -12.18 6.75
CA ALA A 692 -6.86 -10.91 6.95
C ALA A 692 -6.95 -10.13 5.66
N ASN A 693 -5.98 -10.30 4.75
CA ASN A 693 -6.16 -9.85 3.39
C ASN A 693 -7.34 -10.52 2.73
N SER A 694 -7.57 -11.80 3.04
CA SER A 694 -8.66 -12.52 2.43
C SER A 694 -10.02 -12.07 2.98
N VAL A 695 -10.09 -11.79 4.28
CA VAL A 695 -11.32 -11.25 4.86
C VAL A 695 -11.58 -9.85 4.37
N PHE A 696 -10.53 -9.06 4.20
CA PHE A 696 -10.65 -7.78 3.51
C PHE A 696 -11.18 -7.94 2.10
N ASN A 697 -10.75 -9.00 1.42
CA ASN A 697 -11.15 -9.22 0.05
C ASN A 697 -12.62 -9.59 -0.05
N ILE A 698 -13.07 -10.46 0.86
CA ILE A 698 -14.48 -10.80 0.92
C ILE A 698 -15.30 -9.61 1.37
N CYS A 699 -14.74 -8.73 2.19
CA CYS A 699 -15.46 -7.52 2.58
C CYS A 699 -15.64 -6.56 1.42
N GLN A 700 -14.62 -6.41 0.59
CA GLN A 700 -14.77 -5.60 -0.60
C GLN A 700 -15.75 -6.22 -1.59
N ALA A 701 -15.74 -7.54 -1.71
CA ALA A 701 -16.66 -8.18 -2.64
C ALA A 701 -18.10 -8.10 -2.17
N VAL A 702 -18.35 -8.40 -0.90
CA VAL A 702 -19.69 -8.29 -0.34
C VAL A 702 -20.15 -6.85 -0.28
N THR A 703 -19.25 -5.89 -0.06
CA THR A 703 -19.65 -4.50 -0.08
C THR A 703 -19.95 -4.04 -1.50
N ALA A 704 -19.30 -4.64 -2.48
CA ALA A 704 -19.65 -4.38 -3.86
C ALA A 704 -21.01 -4.94 -4.19
N ASN A 705 -21.36 -6.10 -3.63
CA ASN A 705 -22.67 -6.66 -3.90
C ASN A 705 -23.78 -5.91 -3.17
N VAL A 706 -23.50 -5.44 -1.95
CA VAL A 706 -24.47 -4.64 -1.20
C VAL A 706 -24.68 -3.29 -1.88
N ASN A 707 -23.61 -2.65 -2.33
CA ASN A 707 -23.75 -1.40 -3.07
C ASN A 707 -24.42 -1.61 -4.40
N ALA A 708 -24.15 -2.72 -5.08
CA ALA A 708 -24.74 -2.95 -6.39
C ALA A 708 -26.20 -3.29 -6.29
N LEU A 709 -26.59 -4.02 -5.25
CA LEU A 709 -27.99 -4.36 -5.10
C LEU A 709 -28.81 -3.18 -4.62
N LEU A 710 -28.19 -2.23 -3.95
CA LEU A 710 -28.88 -1.00 -3.60
C LEU A 710 -28.63 0.12 -4.60
N SER A 711 -27.78 -0.09 -5.61
CA SER A 711 -27.63 0.90 -6.67
C SER A 711 -28.69 0.73 -7.74
N THR A 712 -29.35 -0.40 -7.78
CA THR A 712 -30.38 -0.63 -8.77
C THR A 712 -31.66 0.06 -8.33
N ASP A 713 -32.57 0.23 -9.27
CA ASP A 713 -33.81 0.95 -8.98
C ASP A 713 -34.71 0.13 -8.06
N GLY A 714 -35.10 -1.06 -8.49
CA GLY A 714 -36.04 -1.80 -7.69
C GLY A 714 -37.43 -1.68 -8.28
N ASN A 715 -37.72 -0.52 -8.84
CA ASN A 715 -38.80 -0.45 -9.80
C ASN A 715 -38.43 -1.18 -11.07
N LYS A 716 -37.17 -1.19 -11.43
CA LYS A 716 -36.70 -1.75 -12.69
C LYS A 716 -36.01 -3.08 -12.45
N ILE A 717 -36.57 -3.90 -11.58
CA ILE A 717 -36.16 -5.29 -11.43
C ILE A 717 -37.37 -6.16 -11.68
N ALA A 718 -37.35 -6.92 -12.78
CA ALA A 718 -38.48 -7.76 -13.11
C ALA A 718 -38.61 -8.93 -12.14
N ASP A 719 -37.50 -9.41 -11.60
CA ASP A 719 -37.53 -10.43 -10.57
C ASP A 719 -38.07 -9.81 -9.29
N LYS A 720 -38.80 -10.59 -8.50
CA LYS A 720 -39.32 -10.06 -7.25
C LYS A 720 -38.67 -10.69 -6.03
N TYR A 721 -38.02 -11.84 -6.17
CA TYR A 721 -37.24 -12.36 -5.06
C TYR A 721 -36.06 -11.47 -4.75
N VAL A 722 -35.36 -10.98 -5.77
CA VAL A 722 -34.27 -10.06 -5.46
C VAL A 722 -34.79 -8.67 -5.16
N ARG A 723 -36.02 -8.34 -5.51
CA ARG A 723 -36.58 -7.07 -5.06
C ARG A 723 -36.87 -7.13 -3.57
N ASN A 724 -37.48 -8.22 -3.11
CA ASN A 724 -37.68 -8.40 -1.67
C ASN A 724 -36.45 -8.93 -0.96
N LEU A 725 -35.34 -9.10 -1.65
CA LEU A 725 -34.07 -9.25 -0.97
C LEU A 725 -33.31 -7.93 -0.89
N GLN A 726 -33.48 -7.05 -1.86
CA GLN A 726 -33.01 -5.67 -1.75
C GLN A 726 -33.70 -4.94 -0.63
N HIS A 727 -35.01 -5.13 -0.48
CA HIS A 727 -35.76 -4.42 0.54
C HIS A 727 -35.34 -4.86 1.93
N ARG A 728 -35.14 -6.15 2.14
CA ARG A 728 -34.61 -6.59 3.42
C ARG A 728 -33.12 -6.35 3.55
N LEU A 729 -32.42 -6.09 2.46
CA LEU A 729 -31.03 -5.61 2.59
C LEU A 729 -30.98 -4.22 3.18
N TYR A 730 -31.83 -3.32 2.70
CA TYR A 730 -31.88 -1.99 3.29
C TYR A 730 -32.44 -2.03 4.71
N GLU A 731 -33.38 -2.95 5.00
CA GLU A 731 -33.83 -3.11 6.38
C GLU A 731 -32.72 -3.61 7.28
N CYS A 732 -32.09 -4.73 6.92
CA CYS A 732 -31.07 -5.33 7.77
C CYS A 732 -29.80 -4.49 7.78
N LEU A 733 -29.69 -3.52 6.90
CA LEU A 733 -28.52 -2.67 6.85
C LEU A 733 -28.72 -1.41 7.68
N TYR A 734 -29.70 -0.58 7.33
CA TYR A 734 -29.82 0.73 7.95
C TYR A 734 -31.01 0.85 8.90
N ARG A 735 -31.67 -0.24 9.24
CA ARG A 735 -32.82 -0.16 10.12
C ARG A 735 -32.82 -1.16 11.26
N ASN A 736 -32.12 -2.27 11.16
CA ASN A 736 -32.07 -3.23 12.25
C ASN A 736 -30.69 -3.22 12.89
N ARG A 737 -30.66 -3.15 14.22
CA ARG A 737 -29.41 -3.18 14.96
C ARG A 737 -28.77 -4.55 14.96
N ASP A 738 -29.50 -5.55 15.43
CA ASP A 738 -28.89 -6.85 15.65
C ASP A 738 -28.76 -7.62 14.34
N VAL A 739 -28.10 -8.77 14.43
CA VAL A 739 -27.84 -9.60 13.27
C VAL A 739 -29.13 -10.34 12.91
N ASP A 740 -29.77 -9.92 11.83
CA ASP A 740 -30.94 -10.65 11.32
C ASP A 740 -30.40 -11.89 10.63
N THR A 741 -30.29 -12.98 11.39
CA THR A 741 -29.52 -14.13 10.92
C THR A 741 -30.22 -14.88 9.80
N ASP A 742 -31.55 -14.83 9.73
CA ASP A 742 -32.25 -15.37 8.57
C ASP A 742 -31.89 -14.61 7.31
N PHE A 743 -31.75 -13.30 7.39
CA PHE A 743 -31.40 -12.58 6.19
C PHE A 743 -29.91 -12.62 5.88
N VAL A 744 -29.05 -12.76 6.88
CA VAL A 744 -27.65 -12.98 6.59
C VAL A 744 -27.46 -14.33 5.92
N ASN A 745 -28.24 -15.34 6.32
CA ASN A 745 -28.20 -16.63 5.63
C ASN A 745 -28.75 -16.52 4.22
N GLU A 746 -29.79 -15.71 4.02
CA GLU A 746 -30.31 -15.55 2.67
C GLU A 746 -29.33 -14.82 1.77
N PHE A 747 -28.68 -13.77 2.26
CA PHE A 747 -27.78 -13.02 1.42
C PHE A 747 -26.49 -13.79 1.17
N TYR A 748 -26.07 -14.59 2.13
CA TYR A 748 -24.99 -15.52 1.86
C TYR A 748 -25.38 -16.59 0.85
N ALA A 749 -26.61 -17.09 0.88
CA ALA A 749 -27.02 -18.07 -0.12
C ALA A 749 -27.18 -17.41 -1.49
N TYR A 750 -27.56 -16.15 -1.51
CA TYR A 750 -27.59 -15.37 -2.74
C TYR A 750 -26.20 -15.18 -3.32
N LEU A 751 -25.23 -14.81 -2.50
CA LEU A 751 -23.90 -14.62 -3.05
C LEU A 751 -23.15 -15.93 -3.21
N ARG A 752 -23.68 -17.04 -2.76
CA ARG A 752 -23.08 -18.30 -3.17
C ARG A 752 -23.73 -18.83 -4.43
N LYS A 753 -24.96 -18.42 -4.70
CA LYS A 753 -25.56 -18.73 -5.98
C LYS A 753 -24.98 -17.88 -7.09
N HIS A 754 -25.10 -16.56 -6.99
CA HIS A 754 -24.92 -15.70 -8.14
C HIS A 754 -23.57 -15.00 -8.20
N PHE A 755 -22.78 -15.02 -7.13
CA PHE A 755 -21.49 -14.35 -7.15
C PHE A 755 -20.50 -15.27 -6.45
N SER A 756 -20.45 -16.52 -6.89
CA SER A 756 -19.58 -17.50 -6.27
C SER A 756 -18.14 -17.09 -6.45
N MET A 757 -17.30 -17.36 -5.47
CA MET A 757 -16.05 -16.64 -5.34
C MET A 757 -14.90 -17.60 -5.09
N MET A 758 -13.67 -17.11 -5.25
CA MET A 758 -12.47 -17.88 -5.00
C MET A 758 -11.33 -16.95 -4.66
N ILE A 759 -10.75 -17.09 -3.47
CA ILE A 759 -9.81 -16.11 -2.94
C ILE A 759 -8.62 -16.83 -2.31
N LEU A 760 -7.46 -16.72 -2.95
CA LEU A 760 -6.16 -16.94 -2.32
C LEU A 760 -5.50 -15.60 -2.06
N SER A 761 -6.14 -14.91 -1.12
CA SER A 761 -5.72 -13.77 -0.31
C SER A 761 -5.67 -12.37 -0.89
N ASP A 762 -5.47 -12.19 -2.18
CA ASP A 762 -5.51 -10.80 -2.62
C ASP A 762 -6.13 -10.77 -3.99
N ASP A 763 -5.87 -11.82 -4.74
CA ASP A 763 -6.32 -11.96 -6.10
C ASP A 763 -7.54 -12.85 -6.05
N ALA A 764 -8.58 -12.46 -6.75
CA ALA A 764 -9.83 -13.17 -6.66
C ALA A 764 -10.44 -13.39 -8.03
N VAL A 765 -11.06 -14.53 -8.17
CA VAL A 765 -11.83 -14.91 -9.34
C VAL A 765 -13.23 -15.20 -8.86
N VAL A 766 -14.20 -14.50 -9.39
CA VAL A 766 -15.57 -14.85 -9.12
C VAL A 766 -16.12 -15.54 -10.33
N CYS A 767 -17.35 -16.02 -10.24
CA CYS A 767 -18.04 -16.58 -11.38
C CYS A 767 -19.46 -16.06 -11.29
N PHE A 768 -19.68 -14.86 -11.78
CA PHE A 768 -20.90 -14.15 -11.46
C PHE A 768 -21.98 -14.42 -12.48
N ASN A 769 -23.23 -14.49 -12.02
CA ASN A 769 -24.36 -14.61 -12.91
C ASN A 769 -24.49 -13.34 -13.72
N SER A 770 -24.19 -13.43 -15.00
CA SER A 770 -24.01 -12.24 -15.82
C SER A 770 -25.32 -11.57 -16.17
N THR A 771 -26.44 -12.29 -16.10
CA THR A 771 -27.72 -11.64 -16.35
C THR A 771 -28.08 -10.69 -15.22
N TYR A 772 -27.80 -11.10 -13.98
CA TYR A 772 -28.02 -10.24 -12.83
C TYR A 772 -27.05 -9.07 -12.82
N ALA A 773 -25.78 -9.27 -13.15
CA ALA A 773 -24.88 -8.12 -13.21
C ALA A 773 -25.15 -7.23 -14.39
N SER A 774 -25.77 -7.75 -15.46
CA SER A 774 -26.31 -6.87 -16.48
C SER A 774 -27.46 -6.04 -15.94
N GLN A 775 -28.26 -6.61 -15.04
CA GLN A 775 -29.25 -5.80 -14.35
C GLN A 775 -28.69 -5.11 -13.12
N GLY A 776 -27.57 -5.57 -12.59
CA GLY A 776 -26.99 -4.93 -11.43
C GLY A 776 -27.22 -5.65 -10.13
N LEU A 777 -27.65 -6.90 -10.13
CA LEU A 777 -28.05 -7.57 -8.91
C LEU A 777 -26.90 -8.30 -8.23
N VAL A 778 -25.74 -8.35 -8.84
CA VAL A 778 -24.48 -8.62 -8.19
C VAL A 778 -23.49 -7.55 -8.66
N ALA A 779 -22.23 -7.75 -8.36
CA ALA A 779 -21.23 -6.73 -8.64
C ALA A 779 -20.58 -6.92 -9.99
N SER A 780 -20.47 -5.84 -10.72
CA SER A 780 -19.66 -5.80 -11.93
C SER A 780 -18.30 -5.29 -11.52
N ILE A 781 -17.51 -4.83 -12.49
CA ILE A 781 -16.25 -4.19 -12.14
C ILE A 781 -16.46 -2.76 -11.69
N LYS A 782 -17.51 -2.10 -12.16
CA LYS A 782 -17.74 -0.71 -11.77
C LYS A 782 -18.13 -0.59 -10.30
N ASN A 783 -18.74 -1.63 -9.74
CA ASN A 783 -19.06 -1.60 -8.31
C ASN A 783 -17.83 -1.82 -7.47
N PHE A 784 -16.92 -2.69 -7.92
CA PHE A 784 -15.63 -2.82 -7.24
C PHE A 784 -14.78 -1.58 -7.36
N LYS A 785 -14.85 -0.89 -8.49
CA LYS A 785 -14.10 0.33 -8.65
C LYS A 785 -14.62 1.41 -7.71
N SER A 786 -15.95 1.47 -7.56
CA SER A 786 -16.53 2.45 -6.65
C SER A 786 -16.23 2.12 -5.21
N VAL A 787 -16.30 0.84 -4.83
CA VAL A 787 -16.08 0.54 -3.42
C VAL A 787 -14.61 0.63 -3.07
N LEU A 788 -13.72 0.33 -4.02
CA LEU A 788 -12.30 0.54 -3.82
C LEU A 788 -12.01 2.01 -3.64
N TYR A 789 -12.72 2.86 -4.37
CA TYR A 789 -12.52 4.30 -4.27
C TYR A 789 -12.97 4.84 -2.92
N TYR A 790 -14.18 4.52 -2.48
CA TYR A 790 -14.63 5.18 -1.25
C TYR A 790 -14.23 4.44 0.01
N GLN A 791 -13.90 3.15 -0.04
CA GLN A 791 -13.43 2.47 1.16
C GLN A 791 -11.94 2.26 1.16
N ASN A 792 -11.36 1.70 0.11
CA ASN A 792 -9.95 1.38 0.19
C ASN A 792 -9.08 2.57 -0.19
N ASN A 793 -9.68 3.69 -0.61
CA ASN A 793 -9.00 4.94 -0.94
C ASN A 793 -7.98 4.81 -2.06
N VAL A 794 -8.19 3.92 -3.04
CA VAL A 794 -7.39 3.87 -4.24
C VAL A 794 -8.32 3.82 -5.42
N PHE A 795 -7.78 4.04 -6.60
CA PHE A 795 -8.54 3.89 -7.82
C PHE A 795 -8.11 2.61 -8.48
N MET A 796 -9.07 1.75 -8.79
CA MET A 796 -8.79 0.49 -9.46
C MET A 796 -9.23 0.62 -10.91
N SER A 797 -8.25 0.62 -11.81
CA SER A 797 -8.52 0.94 -13.20
C SER A 797 -9.24 -0.20 -13.90
N GLU A 798 -9.87 0.12 -15.02
CA GLU A 798 -10.47 -0.90 -15.85
C GLU A 798 -9.44 -1.74 -16.59
N ALA A 799 -8.17 -1.33 -16.58
CA ALA A 799 -7.15 -2.08 -17.30
C ALA A 799 -6.72 -3.31 -16.52
N LYS A 800 -6.59 -3.20 -15.21
CA LYS A 800 -6.12 -4.33 -14.41
C LYS A 800 -7.24 -5.21 -13.89
N CYS A 801 -8.45 -5.06 -14.44
CA CYS A 801 -9.59 -5.91 -14.12
C CYS A 801 -10.14 -6.50 -15.41
N TRP A 802 -10.26 -7.83 -15.44
CA TRP A 802 -10.66 -8.54 -16.63
C TRP A 802 -12.05 -9.15 -16.47
N THR A 803 -12.54 -9.75 -17.56
CA THR A 803 -13.83 -10.42 -17.58
C THR A 803 -13.77 -11.45 -18.69
N GLU A 804 -13.62 -12.72 -18.34
CA GLU A 804 -13.60 -13.80 -19.32
C GLU A 804 -15.02 -14.29 -19.54
N THR A 805 -15.55 -14.08 -20.74
CA THR A 805 -16.96 -14.38 -20.99
C THR A 805 -17.22 -15.89 -21.01
N ASP A 806 -16.47 -16.63 -21.81
CA ASP A 806 -16.65 -18.06 -21.85
C ASP A 806 -15.93 -18.69 -20.68
N LEU A 807 -16.62 -19.57 -19.95
CA LEU A 807 -16.02 -20.30 -18.84
C LEU A 807 -14.88 -21.18 -19.28
N THR A 808 -14.91 -21.65 -20.53
CA THR A 808 -14.01 -22.71 -20.98
C THR A 808 -12.57 -22.24 -21.07
N LYS A 809 -12.35 -20.93 -21.15
CA LYS A 809 -10.99 -20.42 -21.08
C LYS A 809 -10.60 -20.00 -19.67
N GLY A 810 -11.49 -20.13 -18.69
CA GLY A 810 -11.16 -20.00 -17.30
C GLY A 810 -10.79 -18.60 -16.88
N PRO A 811 -10.11 -18.47 -15.74
CA PRO A 811 -9.58 -17.16 -15.36
C PRO A 811 -8.47 -16.72 -16.28
N HIS A 812 -8.49 -15.45 -16.66
CA HIS A 812 -7.36 -14.89 -17.39
C HIS A 812 -6.10 -14.90 -16.53
N GLU A 813 -6.22 -14.54 -15.27
CA GLU A 813 -5.15 -14.73 -14.32
C GLU A 813 -5.76 -14.91 -12.93
N PHE A 814 -5.26 -15.91 -12.23
CA PHE A 814 -5.50 -16.07 -10.82
C PHE A 814 -4.18 -16.52 -10.25
N CYS A 815 -3.68 -15.80 -9.26
CA CYS A 815 -2.37 -16.04 -8.65
C CYS A 815 -1.26 -15.98 -9.69
N SER A 816 -1.41 -15.05 -10.64
CA SER A 816 -0.53 -14.88 -11.80
C SER A 816 -0.31 -16.18 -12.56
N GLN A 817 -1.35 -17.00 -12.65
CA GLN A 817 -1.37 -18.22 -13.43
C GLN A 817 -2.49 -18.05 -14.45
N HIS A 818 -2.14 -18.07 -15.72
CA HIS A 818 -3.16 -18.18 -16.73
C HIS A 818 -3.69 -19.61 -16.72
N THR A 819 -4.78 -19.83 -17.43
CA THR A 819 -5.27 -21.19 -17.51
C THR A 819 -5.71 -21.50 -18.94
N MET A 820 -5.90 -22.79 -19.17
CA MET A 820 -6.29 -23.34 -20.44
C MET A 820 -7.25 -24.46 -20.18
N LEU A 821 -7.72 -25.09 -21.22
CA LEU A 821 -8.60 -26.24 -21.11
C LEU A 821 -8.09 -27.30 -22.07
N VAL A 822 -7.34 -28.25 -21.55
CA VAL A 822 -6.75 -29.26 -22.40
C VAL A 822 -7.23 -30.63 -21.97
N LYS A 823 -6.79 -31.63 -22.71
CA LYS A 823 -7.38 -32.95 -22.66
C LYS A 823 -6.37 -33.95 -22.16
N GLN A 824 -6.75 -34.71 -21.13
CA GLN A 824 -6.02 -35.92 -20.77
C GLN A 824 -7.03 -36.98 -20.36
N GLY A 825 -6.85 -38.18 -20.90
CA GLY A 825 -7.63 -39.36 -20.54
C GLY A 825 -9.12 -39.25 -20.73
N ASP A 826 -9.57 -38.67 -21.84
CA ASP A 826 -10.98 -38.43 -22.17
C ASP A 826 -11.68 -37.59 -21.10
N ASP A 827 -11.03 -36.49 -20.70
CA ASP A 827 -11.61 -35.56 -19.75
C ASP A 827 -10.93 -34.21 -19.95
N TYR A 828 -11.74 -33.16 -20.07
CA TYR A 828 -11.22 -31.81 -20.23
C TYR A 828 -10.96 -31.21 -18.85
N VAL A 829 -9.71 -31.25 -18.42
CA VAL A 829 -9.32 -30.65 -17.15
C VAL A 829 -8.72 -29.28 -17.40
N TYR A 830 -8.64 -28.49 -16.33
CA TYR A 830 -8.00 -27.19 -16.39
C TYR A 830 -6.58 -27.28 -15.87
N LEU A 831 -5.65 -26.72 -16.64
CA LEU A 831 -4.23 -26.72 -16.33
C LEU A 831 -3.82 -25.27 -16.10
N PRO A 832 -3.12 -24.94 -15.02
CA PRO A 832 -2.70 -23.55 -14.78
C PRO A 832 -1.32 -23.26 -15.38
N TYR A 833 -1.24 -22.28 -16.26
CA TYR A 833 0.11 -22.10 -16.79
C TYR A 833 0.62 -20.69 -16.51
N PRO A 834 1.89 -20.55 -16.15
CA PRO A 834 2.42 -19.25 -15.77
C PRO A 834 2.72 -18.40 -17.00
N ASP A 835 3.21 -17.22 -16.77
CA ASP A 835 3.69 -16.41 -17.87
C ASP A 835 5.05 -16.93 -18.29
N PRO A 836 5.31 -17.12 -19.59
CA PRO A 836 6.55 -17.80 -20.00
C PRO A 836 7.79 -16.96 -19.78
N SER A 837 7.64 -15.64 -19.83
CA SER A 837 8.73 -14.74 -19.50
C SER A 837 9.16 -14.88 -18.06
N ARG A 838 8.21 -15.12 -17.15
CA ARG A 838 8.52 -15.33 -15.74
C ARG A 838 9.38 -16.56 -15.54
N ILE A 839 9.06 -17.64 -16.24
CA ILE A 839 9.82 -18.87 -16.06
C ILE A 839 11.20 -18.74 -16.71
N LEU A 840 11.27 -18.10 -17.88
CA LEU A 840 12.60 -17.90 -18.46
C LEU A 840 13.43 -16.89 -17.66
N GLY A 841 12.80 -15.90 -17.05
CA GLY A 841 13.53 -15.00 -16.21
C GLY A 841 14.00 -15.64 -14.92
N ALA A 842 13.23 -16.60 -14.41
CA ALA A 842 13.70 -17.33 -13.24
C ALA A 842 14.84 -18.26 -13.58
N GLY A 843 14.85 -18.79 -14.80
CA GLY A 843 15.96 -19.62 -15.19
C GLY A 843 17.22 -18.83 -15.46
N CYS A 844 17.09 -17.69 -16.14
CA CYS A 844 18.26 -16.93 -16.55
C CYS A 844 18.87 -16.10 -15.44
N PHE A 845 18.12 -15.81 -14.38
CA PHE A 845 18.56 -14.86 -13.35
C PHE A 845 18.41 -15.46 -11.97
N VAL A 846 19.51 -15.57 -11.27
CA VAL A 846 19.55 -16.27 -10.00
C VAL A 846 20.00 -15.28 -8.93
N ASP A 847 19.35 -15.32 -7.76
CA ASP A 847 19.66 -14.37 -6.71
C ASP A 847 21.00 -14.62 -6.04
N ASP A 848 21.42 -15.88 -5.92
CA ASP A 848 22.72 -16.22 -5.38
C ASP A 848 23.71 -16.49 -6.52
N ILE A 849 24.99 -16.53 -6.14
CA ILE A 849 26.01 -16.99 -7.08
C ILE A 849 26.25 -18.49 -6.91
N VAL A 850 25.83 -19.06 -5.78
CA VAL A 850 26.08 -20.48 -5.50
C VAL A 850 25.19 -21.36 -6.36
N LYS A 851 24.08 -20.84 -6.87
CA LYS A 851 23.15 -21.59 -7.69
C LYS A 851 23.36 -21.31 -9.17
N THR A 852 24.58 -20.89 -9.53
CA THR A 852 24.93 -20.59 -10.91
C THR A 852 25.76 -21.70 -11.55
N ASP A 853 26.85 -22.12 -10.89
CA ASP A 853 27.70 -23.16 -11.43
C ASP A 853 28.19 -24.09 -10.31
N GLY A 854 27.43 -24.18 -9.22
CA GLY A 854 27.76 -25.10 -8.15
C GLY A 854 26.97 -26.38 -8.23
N THR A 855 26.31 -26.58 -9.39
CA THR A 855 25.49 -27.76 -9.73
C THR A 855 24.41 -28.04 -8.69
N LEU A 856 23.86 -26.99 -8.10
CA LEU A 856 22.66 -27.11 -7.29
C LEU A 856 21.41 -27.03 -8.14
N MET A 857 21.54 -26.55 -9.38
CA MET A 857 20.49 -26.16 -10.31
C MET A 857 19.51 -27.28 -10.64
N ILE A 858 19.80 -28.54 -10.32
CA ILE A 858 18.93 -29.65 -10.68
C ILE A 858 17.53 -29.43 -10.12
N GLU A 859 17.40 -29.31 -8.79
CA GLU A 859 16.08 -29.18 -8.19
C GLU A 859 15.47 -27.81 -8.47
N ARG A 860 16.29 -26.81 -8.77
CA ARG A 860 15.76 -25.52 -9.22
C ARG A 860 15.02 -25.67 -10.54
N PHE A 861 15.69 -26.21 -11.55
CA PHE A 861 15.04 -26.32 -12.83
C PHE A 861 14.00 -27.44 -12.87
N VAL A 862 14.08 -28.41 -11.97
CA VAL A 862 12.99 -29.37 -11.83
C VAL A 862 11.74 -28.67 -11.30
N SER A 863 11.89 -27.77 -10.32
CA SER A 863 10.71 -27.05 -9.87
C SER A 863 10.21 -26.04 -10.89
N LEU A 864 11.12 -25.42 -11.65
CA LEU A 864 10.65 -24.54 -12.71
C LEU A 864 9.95 -25.32 -13.81
N ALA A 865 10.38 -26.55 -14.10
CA ALA A 865 9.70 -27.34 -15.10
C ALA A 865 8.39 -27.92 -14.58
N ILE A 866 8.28 -28.17 -13.28
CA ILE A 866 6.99 -28.56 -12.70
C ILE A 866 6.01 -27.40 -12.80
N ASP A 867 6.49 -26.18 -12.58
CA ASP A 867 5.65 -25.01 -12.77
C ASP A 867 5.42 -24.69 -14.24
N ALA A 868 6.23 -25.22 -15.14
CA ALA A 868 6.14 -24.90 -16.57
C ALA A 868 5.70 -26.07 -17.44
N TYR A 869 5.26 -27.17 -16.85
CA TYR A 869 4.62 -28.22 -17.65
C TYR A 869 3.34 -27.79 -18.38
N PRO A 870 2.36 -27.08 -17.80
CA PRO A 870 1.15 -26.78 -18.58
C PRO A 870 1.35 -25.84 -19.74
N LEU A 871 2.52 -25.24 -19.90
CA LEU A 871 2.84 -24.51 -21.12
C LEU A 871 2.94 -25.44 -22.31
N THR A 872 3.23 -26.73 -22.10
CA THR A 872 3.42 -27.60 -23.25
C THR A 872 2.10 -27.98 -23.90
N LYS A 873 0.97 -27.70 -23.26
CA LYS A 873 -0.32 -27.95 -23.83
C LYS A 873 -0.92 -26.70 -24.46
N HIS A 874 -0.12 -25.68 -24.64
CA HIS A 874 -0.63 -24.42 -25.15
C HIS A 874 -0.65 -24.47 -26.68
N PRO A 875 -1.60 -23.77 -27.32
CA PRO A 875 -1.60 -23.76 -28.79
C PRO A 875 -0.41 -23.06 -29.40
N ASN A 876 0.24 -22.16 -28.68
CA ASN A 876 1.44 -21.51 -29.19
C ASN A 876 2.61 -22.44 -28.98
N GLN A 877 3.25 -22.86 -30.08
CA GLN A 877 4.41 -23.75 -29.99
C GLN A 877 5.61 -23.03 -29.41
N GLU A 878 5.63 -21.71 -29.54
CA GLU A 878 6.69 -20.92 -28.92
C GLU A 878 6.62 -20.99 -27.40
N TYR A 879 5.42 -20.97 -26.81
CA TYR A 879 5.29 -21.23 -25.38
C TYR A 879 5.59 -22.69 -25.09
N ALA A 880 5.15 -23.60 -25.95
CA ALA A 880 5.24 -25.02 -25.67
C ALA A 880 6.68 -25.51 -25.71
N ASP A 881 7.58 -24.77 -26.34
CA ASP A 881 8.98 -25.13 -26.33
C ASP A 881 9.67 -24.76 -25.03
N VAL A 882 8.99 -24.00 -24.14
CA VAL A 882 9.62 -23.60 -22.89
C VAL A 882 9.82 -24.81 -21.98
N PHE A 883 8.79 -25.67 -21.88
CA PHE A 883 8.93 -26.86 -21.05
C PHE A 883 9.98 -27.81 -21.60
N HIS A 884 10.10 -27.93 -22.92
CA HIS A 884 11.14 -28.80 -23.47
C HIS A 884 12.50 -28.14 -23.37
N LEU A 885 12.56 -26.81 -23.30
CA LEU A 885 13.81 -26.14 -23.00
C LEU A 885 14.29 -26.49 -21.59
N TYR A 886 13.39 -26.43 -20.61
CA TYR A 886 13.77 -26.84 -19.27
C TYR A 886 14.07 -28.33 -19.19
N LEU A 887 13.40 -29.12 -20.01
CA LEU A 887 13.63 -30.57 -19.99
C LEU A 887 15.00 -30.91 -20.55
N GLN A 888 15.36 -30.33 -21.69
CA GLN A 888 16.70 -30.54 -22.23
C GLN A 888 17.76 -29.82 -21.41
N TYR A 889 17.38 -28.80 -20.64
CA TYR A 889 18.39 -28.17 -19.82
C TYR A 889 18.70 -29.01 -18.59
N ILE A 890 17.67 -29.64 -18.01
CA ILE A 890 17.92 -30.62 -16.95
C ILE A 890 18.68 -31.82 -17.53
N ARG A 891 18.44 -32.15 -18.79
CA ARG A 891 19.23 -33.18 -19.48
C ARG A 891 20.71 -32.80 -19.53
N LYS A 892 21.01 -31.59 -19.97
CA LYS A 892 22.40 -31.13 -20.06
C LYS A 892 23.03 -31.01 -18.67
N LEU A 893 22.24 -30.59 -17.69
CA LEU A 893 22.76 -30.50 -16.33
C LEU A 893 23.12 -31.87 -15.77
N HIS A 894 22.28 -32.87 -15.99
CA HIS A 894 22.61 -34.20 -15.50
C HIS A 894 23.74 -34.82 -16.31
N ASP A 895 23.85 -34.45 -17.60
CA ASP A 895 24.97 -34.91 -18.41
C ASP A 895 26.30 -34.37 -17.89
N GLU A 896 26.36 -33.06 -17.63
CA GLU A 896 27.60 -32.48 -17.13
C GLU A 896 27.87 -32.88 -15.68
N LEU A 897 26.81 -33.17 -14.91
CA LEU A 897 26.99 -33.66 -13.56
C LEU A 897 27.62 -35.05 -13.56
N THR A 898 27.11 -35.97 -14.39
CA THR A 898 27.71 -37.29 -14.48
C THR A 898 29.10 -37.25 -15.11
N GLY A 899 29.34 -36.34 -16.05
CA GLY A 899 30.67 -36.21 -16.63
C GLY A 899 31.70 -35.74 -15.61
N HIS A 900 31.34 -34.74 -14.81
CA HIS A 900 32.28 -34.26 -13.79
C HIS A 900 32.43 -35.24 -12.63
N MET A 901 31.39 -36.02 -12.33
CA MET A 901 31.54 -37.02 -11.27
C MET A 901 32.32 -38.24 -11.76
N LEU A 902 32.27 -38.54 -13.06
CA LEU A 902 33.18 -39.54 -13.61
C LEU A 902 34.62 -39.03 -13.66
N ASP A 903 34.80 -37.75 -13.99
CA ASP A 903 36.15 -37.20 -14.07
C ASP A 903 36.76 -37.04 -12.67
N MET A 904 35.93 -36.90 -11.64
CA MET A 904 36.50 -36.77 -10.29
C MET A 904 36.85 -38.13 -9.71
N TYR A 905 35.87 -39.00 -9.47
CA TYR A 905 36.17 -40.28 -8.83
C TYR A 905 35.82 -41.50 -9.68
N SER A 906 34.55 -41.68 -10.06
CA SER A 906 34.12 -42.93 -10.70
C SER A 906 32.76 -42.69 -11.35
N VAL A 907 32.31 -43.70 -12.10
CA VAL A 907 31.03 -43.62 -12.80
C VAL A 907 29.88 -43.79 -11.80
N MET A 908 28.76 -43.13 -12.10
CA MET A 908 27.56 -43.24 -11.29
C MET A 908 26.89 -44.60 -11.49
N LEU A 909 26.24 -45.07 -10.43
CA LEU A 909 25.47 -46.31 -10.47
C LEU A 909 23.97 -46.09 -10.26
N THR A 910 23.60 -45.10 -9.46
CA THR A 910 22.20 -44.76 -9.24
C THR A 910 21.71 -43.73 -10.25
N ASN A 911 21.69 -44.16 -11.52
CA ASN A 911 21.34 -43.32 -12.64
C ASN A 911 19.84 -43.29 -12.90
N ASP A 912 19.13 -44.36 -12.55
CA ASP A 912 17.70 -44.44 -12.82
C ASP A 912 16.84 -43.58 -11.90
N ASN A 913 17.43 -42.98 -10.86
CA ASN A 913 16.69 -42.00 -10.07
C ASN A 913 16.54 -40.69 -10.83
N THR A 914 17.47 -40.38 -11.72
CA THR A 914 17.45 -39.14 -12.49
C THR A 914 16.83 -39.29 -13.86
N SER A 915 16.60 -40.52 -14.32
CA SER A 915 16.00 -40.73 -15.63
C SER A 915 14.56 -40.24 -15.68
N ARG A 916 13.90 -40.12 -14.53
CA ARG A 916 12.57 -39.53 -14.47
C ARG A 916 12.60 -38.00 -14.56
N TYR A 917 13.76 -37.37 -14.36
CA TYR A 917 13.81 -35.91 -14.30
C TYR A 917 13.70 -35.27 -15.67
N TRP A 918 14.38 -35.81 -16.69
CA TRP A 918 14.26 -35.28 -18.03
C TRP A 918 13.21 -36.00 -18.86
N GLU A 919 12.29 -36.70 -18.21
CA GLU A 919 11.14 -37.38 -18.79
C GLU A 919 9.86 -36.69 -18.34
N PRO A 920 8.96 -36.32 -19.25
CA PRO A 920 7.71 -35.64 -18.85
C PRO A 920 6.67 -36.54 -18.20
N GLU A 921 6.98 -37.81 -17.94
CA GLU A 921 6.18 -38.63 -17.04
C GLU A 921 6.10 -38.00 -15.66
N PHE A 922 7.18 -37.38 -15.20
CA PHE A 922 7.21 -36.78 -13.87
C PHE A 922 6.40 -35.50 -13.83
N TYR A 923 6.30 -34.80 -14.95
CA TYR A 923 5.65 -33.50 -14.94
C TYR A 923 4.20 -33.59 -15.36
N GLU A 924 3.81 -34.65 -16.05
CA GLU A 924 2.39 -34.82 -16.32
C GLU A 924 1.68 -35.38 -15.10
N ALA A 925 2.38 -36.20 -14.32
CA ALA A 925 1.81 -36.79 -13.11
C ALA A 925 1.60 -35.79 -12.00
N MET A 926 2.12 -34.57 -12.14
CA MET A 926 1.86 -33.45 -11.25
C MET A 926 0.61 -32.70 -11.62
N TYR A 927 -0.18 -33.20 -12.54
CA TYR A 927 -1.44 -32.56 -12.87
C TYR A 927 -2.54 -33.55 -13.18
N THR A 928 -2.28 -34.84 -13.09
CA THR A 928 -3.34 -35.84 -13.17
C THR A 928 -3.97 -35.99 -11.80
N PRO A 929 -5.29 -35.84 -11.67
CA PRO A 929 -5.90 -35.68 -10.35
C PRO A 929 -6.00 -36.95 -9.52
N HIS A 930 -5.27 -38.01 -9.83
CA HIS A 930 -5.42 -39.25 -9.07
C HIS A 930 -4.67 -39.20 -7.75
N THR A 931 -3.50 -38.58 -7.72
CA THR A 931 -2.70 -38.54 -6.50
C THR A 931 -3.26 -37.58 -5.46
N ARG B 88 22.89 -27.27 26.36
CA ARG B 88 23.26 -26.34 25.30
C ARG B 88 22.20 -25.28 25.07
N SER B 89 20.93 -25.65 25.27
CA SER B 89 19.84 -24.70 25.05
C SER B 89 19.80 -23.64 26.14
N GLU B 90 20.07 -24.03 27.39
CA GLU B 90 19.99 -23.07 28.49
C GLU B 90 21.15 -22.09 28.46
N ASP B 91 22.28 -22.47 27.87
CA ASP B 91 23.35 -21.50 27.65
C ASP B 91 22.94 -20.46 26.62
N LYS B 92 22.18 -20.87 25.61
CA LYS B 92 21.68 -19.94 24.60
C LYS B 92 20.65 -19.00 25.21
N ARG B 93 19.77 -19.54 26.08
CA ARG B 93 18.86 -18.73 26.84
C ARG B 93 19.59 -17.75 27.76
N ALA B 94 20.70 -18.21 28.36
CA ALA B 94 21.45 -17.37 29.28
C ALA B 94 22.15 -16.22 28.56
N LYS B 95 22.71 -16.50 27.39
CA LYS B 95 23.37 -15.45 26.63
C LYS B 95 22.37 -14.44 26.08
N VAL B 96 21.17 -14.87 25.71
CA VAL B 96 20.23 -13.85 25.24
C VAL B 96 19.58 -13.09 26.41
N THR B 97 19.46 -13.70 27.60
CA THR B 97 19.06 -12.92 28.78
C THR B 97 20.10 -11.86 29.11
N SER B 98 21.38 -12.24 29.10
CA SER B 98 22.45 -11.31 29.40
C SER B 98 22.52 -10.21 28.35
N ALA B 99 22.25 -10.54 27.09
CA ALA B 99 22.30 -9.53 26.04
C ALA B 99 21.12 -8.57 26.13
N MET B 100 19.93 -9.06 26.47
CA MET B 100 18.80 -8.15 26.62
C MET B 100 18.96 -7.27 27.84
N GLN B 101 19.43 -7.82 28.96
CA GLN B 101 19.68 -7.00 30.14
C GLN B 101 20.77 -5.97 29.88
N THR B 102 21.79 -6.35 29.11
CA THR B 102 22.87 -5.43 28.76
C THR B 102 22.35 -4.28 27.91
N MET B 103 21.55 -4.60 26.89
CA MET B 103 21.12 -3.51 26.02
C MET B 103 20.09 -2.63 26.70
N LEU B 104 19.26 -3.20 27.58
CA LEU B 104 18.34 -2.36 28.34
C LEU B 104 19.06 -1.44 29.32
N PHE B 105 20.10 -1.95 29.99
CA PHE B 105 20.78 -1.12 30.98
C PHE B 105 21.63 -0.04 30.32
N THR B 106 22.27 -0.37 29.18
CA THR B 106 22.98 0.65 28.42
C THR B 106 22.02 1.69 27.84
N MET B 107 20.82 1.29 27.45
CA MET B 107 19.95 2.30 26.90
C MET B 107 19.15 3.02 27.96
N LEU B 108 19.23 2.59 29.22
CA LEU B 108 18.74 3.46 30.29
C LEU B 108 19.80 4.47 30.71
N ARG B 109 21.07 4.06 30.75
CA ARG B 109 22.09 5.06 31.02
C ARG B 109 22.42 5.92 29.80
N LYS B 110 21.85 5.62 28.64
CA LYS B 110 21.95 6.52 27.49
C LYS B 110 20.87 7.60 27.51
N LEU B 111 19.68 7.29 28.01
CA LEU B 111 18.62 8.27 27.99
C LEU B 111 18.83 9.31 29.07
N ASP B 112 18.36 10.52 28.77
CA ASP B 112 18.45 11.63 29.70
C ASP B 112 17.59 11.32 30.92
N ASN B 113 18.06 11.73 32.08
CA ASN B 113 17.30 11.56 33.30
C ASN B 113 16.96 12.87 33.97
N ASP B 114 17.08 13.99 33.27
CA ASP B 114 16.69 15.26 33.87
C ASP B 114 15.48 15.83 33.13
N ALA B 115 15.57 15.94 31.81
CA ALA B 115 14.41 16.34 31.02
C ALA B 115 13.35 15.24 31.01
N LEU B 116 13.77 13.97 31.04
CA LEU B 116 12.79 12.89 31.06
C LEU B 116 12.07 12.84 32.40
N ASN B 117 12.81 12.98 33.50
CA ASN B 117 12.15 12.98 34.79
C ASN B 117 11.29 14.23 34.98
N ASN B 118 11.67 15.35 34.35
CA ASN B 118 10.83 16.53 34.36
C ASN B 118 9.52 16.30 33.64
N ILE B 119 9.55 15.63 32.48
CA ILE B 119 8.28 15.45 31.79
C ILE B 119 7.48 14.27 32.33
N ILE B 120 8.12 13.34 33.04
CA ILE B 120 7.36 12.33 33.79
C ILE B 120 6.63 12.98 34.94
N ASN B 121 7.33 13.79 35.74
CA ASN B 121 6.70 14.44 36.89
C ASN B 121 5.77 15.56 36.48
N ASN B 122 5.87 16.04 35.24
CA ASN B 122 4.90 16.99 34.72
C ASN B 122 3.60 16.30 34.34
N ALA B 123 3.66 15.00 34.03
CA ALA B 123 2.46 14.28 33.63
C ALA B 123 1.53 14.11 34.81
N ARG B 124 0.24 14.44 34.61
CA ARG B 124 -0.70 14.50 35.72
C ARG B 124 -1.04 13.12 36.26
N ASP B 125 -0.78 12.08 35.48
CA ASP B 125 -0.97 10.70 35.90
C ASP B 125 0.26 9.85 35.65
N GLY B 126 1.41 10.48 35.38
CA GLY B 126 2.66 9.77 35.22
C GLY B 126 2.80 9.00 33.93
N CYS B 127 1.90 9.19 32.98
CA CYS B 127 1.81 8.37 31.78
C CYS B 127 1.91 9.31 30.59
N VAL B 128 2.86 9.05 29.71
CA VAL B 128 3.28 10.04 28.72
C VAL B 128 3.38 9.31 27.38
N PRO B 129 2.96 9.92 26.27
CA PRO B 129 3.01 9.21 24.98
C PRO B 129 4.44 8.97 24.57
N LEU B 130 4.68 7.86 23.88
CA LEU B 130 6.05 7.49 23.56
C LEU B 130 6.62 8.42 22.50
N ASN B 131 5.83 8.79 21.51
CA ASN B 131 6.38 9.66 20.49
C ASN B 131 6.40 11.13 20.90
N ILE B 132 6.43 11.43 22.20
CA ILE B 132 6.80 12.74 22.70
C ILE B 132 8.03 12.67 23.59
N ILE B 133 8.45 11.47 23.98
CA ILE B 133 9.69 11.27 24.73
C ILE B 133 10.92 11.73 23.94
N PRO B 134 11.16 11.33 22.68
CA PRO B 134 12.34 11.87 22.01
C PRO B 134 12.13 13.26 21.44
N LEU B 135 10.90 13.73 21.32
CA LEU B 135 10.71 15.06 20.79
C LEU B 135 11.04 16.12 21.81
N THR B 136 10.99 15.79 23.11
CA THR B 136 11.24 16.75 24.16
C THR B 136 12.44 16.42 25.03
N THR B 137 12.96 15.19 24.99
CA THR B 137 14.12 14.84 25.78
C THR B 137 15.28 14.33 24.93
N ALA B 138 15.41 14.81 23.71
CA ALA B 138 16.45 14.33 22.83
C ALA B 138 17.81 14.86 23.25
N ALA B 139 18.82 14.01 23.16
CA ALA B 139 20.19 14.50 23.27
C ALA B 139 20.57 15.27 22.04
N LYS B 140 20.20 14.77 20.86
CA LYS B 140 20.52 15.43 19.60
C LYS B 140 19.46 15.12 18.56
N LEU B 141 19.49 15.88 17.48
CA LEU B 141 18.54 15.75 16.37
C LEU B 141 19.29 15.33 15.13
N MET B 142 18.68 14.47 14.33
CA MET B 142 19.19 14.13 13.01
C MET B 142 18.17 14.53 11.99
N VAL B 143 18.55 15.38 11.05
CA VAL B 143 17.67 15.75 9.97
C VAL B 143 18.28 15.19 8.70
N VAL B 144 17.56 14.30 8.03
CA VAL B 144 17.97 13.74 6.76
C VAL B 144 17.27 14.49 5.65
N ILE B 145 18.06 15.14 4.80
CA ILE B 145 17.62 16.18 3.88
C ILE B 145 17.77 15.66 2.46
N PRO B 146 16.70 15.50 1.70
CA PRO B 146 16.84 14.90 0.37
C PRO B 146 17.36 15.84 -0.71
N ASP B 147 16.96 17.11 -0.72
CA ASP B 147 17.41 18.03 -1.75
C ASP B 147 17.66 19.40 -1.13
N TYR B 148 18.15 20.33 -1.94
CA TYR B 148 18.56 21.62 -1.41
C TYR B 148 17.38 22.49 -1.00
N ASN B 149 16.20 22.27 -1.58
CA ASN B 149 15.04 23.09 -1.24
C ASN B 149 14.58 22.82 0.19
N THR B 150 14.54 21.55 0.59
CA THR B 150 14.20 21.23 1.98
C THR B 150 15.34 21.55 2.93
N TYR B 151 16.55 21.75 2.41
CA TYR B 151 17.64 22.20 3.26
C TYR B 151 17.51 23.68 3.57
N LYS B 152 17.13 24.48 2.57
CA LYS B 152 16.86 25.89 2.84
C LYS B 152 15.61 26.08 3.68
N ASN B 153 14.65 25.16 3.58
CA ASN B 153 13.43 25.37 4.34
C ASN B 153 13.57 24.96 5.81
N THR B 154 14.48 24.04 6.13
CA THR B 154 14.60 23.58 7.52
C THR B 154 15.93 23.95 8.18
N CYS B 155 17.05 23.47 7.66
CA CYS B 155 18.30 23.54 8.37
C CYS B 155 19.15 24.71 7.85
N ASP B 156 18.57 25.89 7.85
CA ASP B 156 19.24 27.05 7.30
C ASP B 156 20.26 27.58 8.29
N GLY B 157 21.44 27.91 7.78
CA GLY B 157 22.48 28.46 8.62
C GLY B 157 23.17 27.41 9.46
N THR B 158 23.62 27.84 10.63
CA THR B 158 24.26 26.94 11.58
C THR B 158 23.41 26.65 12.79
N THR B 159 22.25 27.27 12.91
CA THR B 159 21.38 27.05 14.06
C THR B 159 19.93 27.17 13.59
N PHE B 160 19.17 26.12 13.81
CA PHE B 160 17.80 26.07 13.30
C PHE B 160 16.87 25.68 14.43
N THR B 161 15.57 25.85 14.18
CA THR B 161 14.53 25.55 15.16
C THR B 161 13.66 24.42 14.65
N TYR B 162 13.54 23.37 15.45
CA TYR B 162 12.57 22.32 15.24
C TYR B 162 12.10 21.83 16.59
N ALA B 163 10.82 21.45 16.67
CA ALA B 163 10.16 20.94 17.87
C ALA B 163 10.16 21.97 18.98
N SER B 164 10.02 23.23 18.60
CA SER B 164 10.00 24.40 19.50
C SER B 164 11.23 24.42 20.40
N ALA B 165 12.39 24.13 19.83
CA ALA B 165 13.63 24.16 20.57
C ALA B 165 14.75 24.55 19.63
N LEU B 166 15.82 25.08 20.20
CA LEU B 166 16.91 25.65 19.40
C LEU B 166 17.99 24.60 19.23
N TRP B 167 18.23 24.19 17.99
CA TRP B 167 19.21 23.17 17.66
C TRP B 167 20.35 23.83 16.91
N GLU B 168 21.58 23.56 17.31
CA GLU B 168 22.76 24.08 16.62
C GLU B 168 23.45 22.95 15.87
N ILE B 169 23.71 23.19 14.59
CA ILE B 169 24.13 22.12 13.68
C ILE B 169 25.53 21.67 14.06
N GLN B 170 25.63 20.48 14.61
CA GLN B 170 26.90 20.00 15.13
C GLN B 170 27.72 19.38 14.00
N GLN B 171 27.07 18.93 12.94
CA GLN B 171 27.72 18.19 11.87
C GLN B 171 26.74 18.07 10.72
N VAL B 172 27.26 17.99 9.50
CA VAL B 172 26.45 17.63 8.34
C VAL B 172 27.20 16.56 7.59
N VAL B 173 26.58 15.40 7.41
CA VAL B 173 27.21 14.25 6.80
C VAL B 173 26.37 13.82 5.62
N ASP B 174 27.02 13.50 4.49
CA ASP B 174 26.29 13.14 3.29
C ASP B 174 25.95 11.65 3.29
N ALA B 175 25.40 11.18 2.18
CA ALA B 175 24.94 9.79 2.08
C ALA B 175 26.07 8.79 2.02
N ASP B 176 27.29 9.24 1.74
CA ASP B 176 28.44 8.35 1.69
C ASP B 176 29.08 8.17 3.05
N SER B 177 28.46 8.71 4.10
CA SER B 177 29.05 8.86 5.45
C SER B 177 30.38 9.60 5.40
N LYS B 178 30.39 10.73 4.70
CA LYS B 178 31.53 11.63 4.65
C LYS B 178 31.10 13.00 5.14
N ILE B 179 32.04 13.76 5.67
CA ILE B 179 31.72 15.04 6.31
C ILE B 179 31.42 16.06 5.22
N VAL B 180 30.43 16.90 5.45
CA VAL B 180 30.12 18.01 4.56
C VAL B 180 30.09 19.28 5.39
N GLN B 181 31.01 20.19 5.12
CA GLN B 181 31.00 21.44 5.85
C GLN B 181 29.91 22.35 5.30
N LEU B 182 29.50 23.33 6.11
CA LEU B 182 28.31 24.11 5.82
C LEU B 182 28.51 25.06 4.65
N SER B 183 29.75 25.29 4.23
CA SER B 183 30.03 26.25 3.18
C SER B 183 29.93 25.65 1.79
N GLU B 184 30.08 24.33 1.68
CA GLU B 184 29.95 23.65 0.40
C GLU B 184 28.56 23.10 0.16
N ILE B 185 27.57 23.64 0.84
CA ILE B 185 26.16 23.39 0.57
C ILE B 185 25.59 24.68 0.03
N SER B 186 25.26 24.71 -1.25
CA SER B 186 24.70 25.89 -1.87
C SER B 186 23.84 25.44 -3.03
N MET B 187 23.19 26.41 -3.68
CA MET B 187 22.42 26.11 -4.88
C MET B 187 23.33 25.67 -6.01
N ASP B 188 24.53 26.23 -6.06
CA ASP B 188 25.49 25.87 -7.09
C ASP B 188 26.10 24.50 -6.84
N ASN B 189 26.40 24.17 -5.59
CA ASN B 189 27.13 22.95 -5.29
C ASN B 189 26.20 21.77 -5.06
N SER B 190 24.88 22.00 -4.99
CA SER B 190 23.90 20.94 -4.77
C SER B 190 23.84 19.81 -5.81
N PRO B 191 24.26 19.96 -7.07
CA PRO B 191 24.43 18.75 -7.88
C PRO B 191 25.70 17.99 -7.57
N ASN B 192 26.58 18.49 -6.70
CA ASN B 192 27.80 17.73 -6.44
C ASN B 192 27.75 16.96 -5.15
N LEU B 193 26.76 17.24 -4.29
CA LEU B 193 26.67 16.57 -3.01
C LEU B 193 25.97 15.24 -3.14
N ALA B 194 26.46 14.24 -2.44
CA ALA B 194 25.82 12.93 -2.43
C ALA B 194 24.61 13.04 -1.52
N TRP B 195 23.50 13.48 -2.07
CA TRP B 195 22.25 13.54 -1.34
C TRP B 195 21.77 12.13 -1.01
N PRO B 196 21.08 11.93 0.12
CA PRO B 196 20.65 12.88 1.14
C PRO B 196 21.67 13.13 2.23
N LEU B 197 21.55 14.31 2.85
CA LEU B 197 22.49 14.78 3.84
C LEU B 197 21.92 14.52 5.22
N ILE B 198 22.74 13.97 6.10
CA ILE B 198 22.30 13.63 7.44
C ILE B 198 22.86 14.66 8.40
N VAL B 199 22.16 15.77 8.64
CA VAL B 199 22.73 16.78 9.53
C VAL B 199 22.51 16.30 10.95
N THR B 200 23.33 16.77 11.87
CA THR B 200 23.26 16.33 13.24
C THR B 200 23.34 17.55 14.12
N ALA B 201 22.41 17.70 15.04
CA ALA B 201 22.29 18.94 15.76
C ALA B 201 22.01 18.67 17.22
N LEU B 202 22.77 19.29 18.10
CA LEU B 202 22.55 19.18 19.54
C LEU B 202 21.53 20.22 19.98
N ARG B 203 20.93 19.97 21.13
CA ARG B 203 19.96 20.90 21.68
C ARG B 203 20.70 22.00 22.42
N ALA B 204 20.29 23.25 22.21
CA ALA B 204 20.92 24.34 22.93
C ALA B 204 20.13 24.70 24.19
N SER C 1 18.37 -12.33 -28.97
CA SER C 1 18.16 -11.12 -29.75
C SER C 1 19.29 -10.14 -29.54
N LYS C 2 19.08 -8.93 -30.04
CA LYS C 2 19.88 -7.80 -29.60
C LYS C 2 19.34 -7.24 -28.31
N MET C 3 18.01 -7.16 -28.19
CA MET C 3 17.37 -6.70 -26.96
C MET C 3 17.69 -7.60 -25.80
N SER C 4 17.59 -8.92 -26.01
CA SER C 4 17.76 -9.85 -24.91
C SER C 4 19.18 -9.88 -24.40
N ASP C 5 20.17 -9.84 -25.28
CA ASP C 5 21.51 -9.87 -24.75
C ASP C 5 22.04 -8.49 -24.34
N VAL C 6 21.42 -7.38 -24.78
CA VAL C 6 21.81 -6.13 -24.14
C VAL C 6 21.20 -6.03 -22.75
N LYS C 7 20.02 -6.61 -22.52
CA LYS C 7 19.47 -6.64 -21.17
C LYS C 7 20.29 -7.55 -20.26
N CYS C 8 20.67 -8.72 -20.74
CA CYS C 8 21.54 -9.58 -19.93
C CYS C 8 22.93 -8.98 -19.77
N THR C 9 23.39 -8.18 -20.72
CA THR C 9 24.69 -7.56 -20.56
C THR C 9 24.63 -6.43 -19.55
N SER C 10 23.51 -5.70 -19.48
CA SER C 10 23.38 -4.70 -18.42
C SER C 10 23.29 -5.34 -17.05
N VAL C 11 22.65 -6.51 -16.95
CA VAL C 11 22.61 -7.22 -15.68
C VAL C 11 24.00 -7.65 -15.25
N VAL C 12 24.79 -8.22 -16.15
CA VAL C 12 26.12 -8.67 -15.73
C VAL C 12 27.06 -7.48 -15.58
N LEU C 13 26.79 -6.37 -16.26
CA LEU C 13 27.63 -5.19 -16.12
C LEU C 13 27.43 -4.55 -14.76
N LEU C 14 26.18 -4.46 -14.30
CA LEU C 14 25.95 -3.88 -12.99
C LEU C 14 26.36 -4.86 -11.90
N SER C 15 26.36 -6.15 -12.18
CA SER C 15 26.95 -7.08 -11.21
C SER C 15 28.46 -6.89 -11.08
N VAL C 16 29.13 -6.57 -12.20
CA VAL C 16 30.56 -6.27 -12.13
C VAL C 16 30.81 -4.97 -11.38
N LEU C 17 29.98 -3.94 -11.62
CA LEU C 17 30.14 -2.67 -10.92
C LEU C 17 29.88 -2.79 -9.42
N GLN C 18 28.84 -3.52 -9.04
CA GLN C 18 28.60 -3.78 -7.62
C GLN C 18 29.69 -4.63 -7.01
N GLN C 19 30.36 -5.46 -7.80
CA GLN C 19 31.52 -6.16 -7.28
C GLN C 19 32.69 -5.21 -7.00
N LEU C 20 32.81 -4.13 -7.76
CA LEU C 20 33.89 -3.17 -7.59
C LEU C 20 33.56 -2.03 -6.66
N ARG C 21 32.58 -2.21 -5.77
CA ARG C 21 32.29 -1.32 -4.63
C ARG C 21 31.88 0.07 -5.10
N VAL C 22 30.97 0.11 -6.08
CA VAL C 22 30.35 1.37 -6.49
C VAL C 22 29.12 1.65 -5.64
N GLU C 23 28.71 0.69 -4.80
CA GLU C 23 27.69 0.95 -3.79
C GLU C 23 28.13 2.03 -2.81
N SER C 24 29.44 2.15 -2.56
CA SER C 24 29.95 3.07 -1.56
C SER C 24 29.78 4.53 -1.97
N SER C 25 29.73 4.81 -3.27
CA SER C 25 29.40 6.15 -3.75
C SER C 25 27.92 6.18 -4.02
N SER C 26 27.18 7.03 -3.31
CA SER C 26 25.72 6.97 -3.41
C SER C 26 25.22 7.57 -4.71
N LYS C 27 25.86 8.63 -5.19
CA LYS C 27 25.40 9.27 -6.41
C LYS C 27 25.77 8.44 -7.64
N LEU C 28 26.96 7.85 -7.65
CA LEU C 28 27.38 7.06 -8.79
C LEU C 28 26.59 5.76 -8.87
N TRP C 29 26.27 5.15 -7.72
CA TRP C 29 25.43 3.97 -7.74
C TRP C 29 23.99 4.29 -8.09
N ALA C 30 23.49 5.46 -7.70
CA ALA C 30 22.14 5.82 -8.13
C ALA C 30 22.07 6.01 -9.63
N GLN C 31 23.12 6.58 -10.23
CA GLN C 31 23.19 6.67 -11.69
C GLN C 31 23.28 5.30 -12.34
N CYS C 32 24.07 4.40 -11.76
CA CYS C 32 24.24 3.06 -12.32
C CYS C 32 22.94 2.28 -12.29
N VAL C 33 22.20 2.33 -11.19
CA VAL C 33 20.94 1.60 -11.18
C VAL C 33 19.88 2.32 -11.98
N GLN C 34 19.98 3.63 -12.20
CA GLN C 34 19.02 4.26 -13.09
C GLN C 34 19.24 3.81 -14.52
N LEU C 35 20.51 3.68 -14.93
CA LEU C 35 20.80 3.20 -16.27
C LEU C 35 20.39 1.74 -16.43
N HIS C 36 20.73 0.89 -15.47
CA HIS C 36 20.36 -0.52 -15.51
C HIS C 36 18.84 -0.73 -15.51
N ASN C 37 18.12 -0.06 -14.63
CA ASN C 37 16.68 -0.23 -14.61
C ASN C 37 16.00 0.47 -15.78
N ASP C 38 16.70 1.32 -16.52
CA ASP C 38 16.11 1.75 -17.77
C ASP C 38 16.48 0.84 -18.94
N ILE C 39 17.57 0.08 -18.82
CA ILE C 39 17.83 -0.95 -19.83
C ILE C 39 16.79 -2.04 -19.75
N LEU C 40 16.54 -2.54 -18.54
CA LEU C 40 15.70 -3.72 -18.47
C LEU C 40 14.24 -3.38 -18.73
N LEU C 41 13.83 -2.14 -18.54
CA LEU C 41 12.52 -1.71 -18.99
C LEU C 41 12.63 -0.98 -20.32
N ALA C 42 13.25 -1.60 -21.32
CA ALA C 42 13.37 -0.96 -22.61
C ALA C 42 12.79 -1.86 -23.69
N LYS C 43 11.94 -1.26 -24.51
CA LYS C 43 11.37 -1.94 -25.66
C LYS C 43 12.01 -1.53 -26.96
N ASP C 44 12.87 -0.51 -26.94
CA ASP C 44 13.64 -0.10 -28.10
C ASP C 44 15.08 -0.57 -27.92
N THR C 45 15.80 -0.69 -29.03
CA THR C 45 17.14 -1.23 -28.97
C THR C 45 18.20 -0.14 -28.91
N THR C 46 18.01 0.95 -29.66
CA THR C 46 19.07 1.95 -29.78
C THR C 46 19.21 2.76 -28.50
N GLU C 47 18.10 3.08 -27.83
CA GLU C 47 18.23 3.81 -26.57
C GLU C 47 18.74 2.91 -25.45
N ALA C 48 18.46 1.61 -25.53
CA ALA C 48 19.10 0.65 -24.64
C ALA C 48 20.60 0.59 -24.89
N PHE C 49 21.02 0.69 -26.15
CA PHE C 49 22.46 0.65 -26.37
C PHE C 49 23.15 1.95 -26.01
N GLU C 50 22.47 3.09 -26.11
CA GLU C 50 23.15 4.31 -25.68
C GLU C 50 23.24 4.39 -24.16
N LYS C 51 22.24 3.90 -23.42
CA LYS C 51 22.40 3.84 -21.98
C LYS C 51 23.38 2.75 -21.56
N MET C 52 23.52 1.70 -22.38
CA MET C 52 24.60 0.74 -22.17
C MET C 52 25.97 1.39 -22.33
N VAL C 53 26.12 2.27 -23.34
CA VAL C 53 27.36 3.01 -23.52
C VAL C 53 27.67 3.84 -22.30
N SER C 54 26.64 4.52 -21.78
CA SER C 54 26.81 5.34 -20.57
C SER C 54 27.24 4.51 -19.37
N LEU C 55 26.58 3.37 -19.15
CA LEU C 55 26.88 2.54 -17.97
C LEU C 55 28.25 1.89 -18.07
N LEU C 56 28.64 1.44 -19.26
CA LEU C 56 29.96 0.88 -19.43
C LEU C 56 31.03 1.95 -19.28
N SER C 57 30.72 3.19 -19.64
CA SER C 57 31.68 4.26 -19.40
C SER C 57 31.85 4.51 -17.92
N VAL C 58 30.77 4.38 -17.15
CA VAL C 58 30.87 4.49 -15.69
C VAL C 58 31.76 3.37 -15.15
N LEU C 59 31.73 2.20 -15.79
CA LEU C 59 32.73 1.19 -15.43
C LEU C 59 34.13 1.62 -15.82
N LEU C 60 34.29 2.18 -17.01
CA LEU C 60 35.64 2.43 -17.51
C LEU C 60 36.30 3.65 -16.91
N SER C 61 35.55 4.47 -16.18
CA SER C 61 36.16 5.58 -15.46
C SER C 61 37.08 5.10 -14.35
N MET C 62 36.79 3.96 -13.75
CA MET C 62 37.68 3.38 -12.74
C MET C 62 38.89 2.79 -13.45
N GLN C 63 40.04 3.44 -13.30
CA GLN C 63 41.23 3.01 -14.03
C GLN C 63 41.84 1.75 -13.42
N GLY C 64 42.16 1.80 -12.13
CA GLY C 64 42.80 0.68 -11.47
C GLY C 64 41.89 -0.44 -11.02
N ALA C 65 40.67 -0.52 -11.54
CA ALA C 65 39.75 -1.56 -11.11
C ALA C 65 39.84 -2.79 -12.02
N VAL C 66 39.57 -2.61 -13.31
CA VAL C 66 39.59 -3.71 -14.26
C VAL C 66 40.76 -3.51 -15.21
N ASP C 67 41.66 -4.47 -15.26
CA ASP C 67 42.79 -4.38 -16.16
C ASP C 67 42.33 -4.69 -17.58
N ILE C 68 41.85 -3.68 -18.29
CA ILE C 68 41.26 -3.87 -19.61
C ILE C 68 42.31 -4.21 -20.65
N ASN C 69 43.58 -3.89 -20.39
CA ASN C 69 44.65 -4.17 -21.36
C ASN C 69 44.87 -5.67 -21.51
N LYS C 70 44.68 -6.44 -20.43
CA LYS C 70 44.91 -7.87 -20.49
C LYS C 70 43.60 -8.66 -20.55
N LEU C 71 42.45 -8.01 -20.43
CA LEU C 71 41.20 -8.74 -20.30
C LEU C 71 40.44 -8.81 -21.61
N CYS C 72 40.75 -7.95 -22.57
CA CYS C 72 40.09 -8.01 -23.87
C CYS C 72 40.50 -9.24 -24.66
N GLU C 73 41.75 -9.67 -24.54
CA GLU C 73 42.18 -10.90 -25.19
C GLU C 73 41.74 -12.11 -24.39
N GLU D 73 29.60 -47.61 0.12
CA GLU D 73 29.10 -47.64 -1.24
C GLU D 73 27.83 -46.79 -1.32
N LYS D 74 26.88 -47.07 -0.43
CA LYS D 74 25.64 -46.31 -0.33
C LYS D 74 25.84 -45.02 0.46
N MET D 75 26.42 -45.14 1.67
CA MET D 75 26.68 -43.96 2.50
C MET D 75 27.73 -43.06 1.87
N ALA D 76 28.73 -43.66 1.24
CA ALA D 76 29.79 -42.91 0.58
C ALA D 76 29.28 -42.14 -0.63
N ASP D 77 28.15 -42.58 -1.21
CA ASP D 77 27.52 -41.83 -2.29
C ASP D 77 27.07 -40.45 -1.81
N GLN D 78 26.32 -40.41 -0.70
CA GLN D 78 25.85 -39.13 -0.19
C GLN D 78 27.01 -38.32 0.38
N ALA D 79 28.02 -39.01 0.92
CA ALA D 79 29.22 -38.32 1.40
C ALA D 79 29.98 -37.62 0.26
N MET D 80 30.20 -38.34 -0.86
CA MET D 80 30.95 -37.74 -1.96
C MET D 80 30.11 -36.70 -2.69
N THR D 81 28.79 -36.82 -2.70
CA THR D 81 27.99 -35.78 -3.35
C THR D 81 27.90 -34.52 -2.50
N GLN D 82 27.87 -34.66 -1.16
CA GLN D 82 27.88 -33.45 -0.34
C GLN D 82 29.25 -32.77 -0.38
N MET D 83 30.34 -33.55 -0.42
CA MET D 83 31.65 -32.95 -0.56
C MET D 83 31.85 -32.32 -1.93
N TYR D 84 31.25 -32.93 -2.97
CA TYR D 84 31.30 -32.33 -4.30
C TYR D 84 30.47 -31.05 -4.37
N LYS D 85 29.35 -31.01 -3.65
CA LYS D 85 28.53 -29.80 -3.62
C LYS D 85 29.28 -28.66 -2.91
N GLN D 86 29.94 -28.97 -1.79
CA GLN D 86 30.73 -27.97 -1.08
C GLN D 86 31.92 -27.52 -1.93
N ALA D 87 32.53 -28.45 -2.68
CA ALA D 87 33.65 -28.11 -3.54
C ALA D 87 33.23 -27.20 -4.69
N ARG D 88 32.09 -27.49 -5.33
CA ARG D 88 31.63 -26.64 -6.43
C ARG D 88 31.11 -25.30 -5.93
N SER D 89 30.55 -25.27 -4.71
CA SER D 89 30.15 -24.01 -4.09
C SER D 89 31.35 -23.11 -3.82
N GLU D 90 32.41 -23.66 -3.23
CA GLU D 90 33.62 -22.87 -2.99
C GLU D 90 34.34 -22.54 -4.30
N ASP D 91 34.23 -23.40 -5.31
CA ASP D 91 34.80 -23.15 -6.63
C ASP D 91 34.12 -21.96 -7.31
N LYS D 92 32.80 -21.85 -7.20
CA LYS D 92 32.14 -20.70 -7.79
C LYS D 92 32.29 -19.45 -6.94
N ARG D 93 32.38 -19.62 -5.61
CA ARG D 93 32.55 -18.47 -4.72
C ARG D 93 33.94 -17.84 -4.82
N ALA D 94 34.98 -18.64 -5.09
CA ALA D 94 36.34 -18.14 -5.08
C ALA D 94 36.61 -17.19 -6.24
N LYS D 95 36.40 -17.64 -7.47
CA LYS D 95 36.66 -16.83 -8.66
C LYS D 95 35.41 -16.06 -9.09
N VAL D 96 34.81 -15.39 -8.11
CA VAL D 96 33.56 -14.67 -8.32
C VAL D 96 33.80 -13.35 -9.07
N THR D 97 35.00 -12.80 -9.01
CA THR D 97 35.26 -11.47 -9.55
C THR D 97 35.90 -11.52 -10.93
N SER D 98 36.98 -12.28 -11.08
CA SER D 98 37.75 -12.27 -12.32
C SER D 98 37.01 -12.95 -13.44
N ALA D 99 36.36 -14.09 -13.15
CA ALA D 99 35.57 -14.79 -14.16
C ALA D 99 34.36 -13.98 -14.59
N MET D 100 33.78 -13.21 -13.68
CA MET D 100 32.65 -12.37 -14.04
C MET D 100 33.08 -11.22 -14.95
N GLN D 101 34.30 -10.71 -14.78
CA GLN D 101 34.75 -9.65 -15.66
C GLN D 101 35.15 -10.19 -17.03
N THR D 102 35.74 -11.39 -17.07
CA THR D 102 36.00 -12.03 -18.36
C THR D 102 34.70 -12.35 -19.08
N MET D 103 33.66 -12.71 -18.33
CA MET D 103 32.37 -13.04 -18.90
C MET D 103 31.64 -11.79 -19.39
N LEU D 104 31.78 -10.69 -18.66
CA LEU D 104 31.28 -9.39 -19.10
C LEU D 104 31.89 -8.99 -20.42
N PHE D 105 33.22 -8.96 -20.51
CA PHE D 105 33.82 -8.52 -21.76
C PHE D 105 33.69 -9.55 -22.87
N THR D 106 33.44 -10.82 -22.52
CA THR D 106 33.07 -11.82 -23.52
C THR D 106 31.76 -11.46 -24.19
N MET D 107 30.73 -11.14 -23.41
CA MET D 107 29.47 -10.83 -24.09
C MET D 107 29.43 -9.39 -24.59
N LEU D 108 30.35 -8.54 -24.16
CA LEU D 108 30.53 -7.25 -24.83
C LEU D 108 31.14 -7.42 -26.21
N ARG D 109 32.14 -8.29 -26.34
CA ARG D 109 32.67 -8.58 -27.67
C ARG D 109 31.68 -9.40 -28.50
N LYS D 110 30.75 -10.09 -27.84
CA LYS D 110 29.68 -10.79 -28.57
C LYS D 110 28.62 -9.82 -29.07
N LEU D 111 28.42 -8.68 -28.40
CA LEU D 111 27.43 -7.72 -28.85
C LEU D 111 27.78 -7.13 -30.21
N ASP D 112 29.05 -6.78 -30.41
CA ASP D 112 29.56 -6.15 -31.63
C ASP D 112 28.77 -4.90 -32.01
N ASN D 113 28.67 -3.96 -31.08
CA ASN D 113 28.18 -2.64 -31.39
C ASN D 113 29.36 -1.71 -31.61
N ASP D 114 29.21 -0.77 -32.55
CA ASP D 114 30.33 0.08 -32.91
C ASP D 114 30.60 1.12 -31.83
N ALA D 115 29.56 1.59 -31.15
CA ALA D 115 29.77 2.48 -30.02
C ALA D 115 30.43 1.75 -28.86
N LEU D 116 30.00 0.52 -28.59
CA LEU D 116 30.56 -0.23 -27.47
C LEU D 116 32.01 -0.62 -27.73
N ASN D 117 32.31 -1.12 -28.94
CA ASN D 117 33.68 -1.44 -29.27
C ASN D 117 34.55 -0.20 -29.45
N ASN D 118 33.93 0.93 -29.80
CA ASN D 118 34.63 2.21 -29.78
C ASN D 118 35.10 2.54 -28.37
N ILE D 119 34.20 2.44 -27.39
CA ILE D 119 34.56 2.74 -26.01
C ILE D 119 35.59 1.73 -25.48
N ILE D 120 35.45 0.46 -25.85
CA ILE D 120 36.38 -0.57 -25.38
C ILE D 120 37.77 -0.38 -25.99
N ASN D 121 37.85 -0.05 -27.29
CA ASN D 121 39.16 0.15 -27.88
C ASN D 121 39.81 1.46 -27.46
N ASN D 122 39.01 2.51 -27.24
CA ASN D 122 39.58 3.74 -26.71
C ASN D 122 40.05 3.57 -25.29
N ALA D 123 39.34 2.79 -24.48
CA ALA D 123 39.88 2.47 -23.16
C ALA D 123 40.99 1.44 -23.22
N ARG D 124 41.13 0.73 -24.35
CA ARG D 124 42.29 -0.15 -24.51
C ARG D 124 43.55 0.68 -24.67
N ASP D 125 43.58 1.56 -25.68
CA ASP D 125 44.82 2.28 -25.91
C ASP D 125 45.02 3.47 -24.97
N GLY D 126 44.10 3.71 -24.04
CA GLY D 126 44.30 4.64 -22.95
C GLY D 126 43.29 5.75 -22.85
N CYS D 127 42.53 6.01 -23.91
CA CYS D 127 41.57 7.11 -23.91
C CYS D 127 40.37 6.76 -23.04
N VAL D 128 40.34 7.28 -21.82
CA VAL D 128 39.45 6.82 -20.76
C VAL D 128 38.60 7.99 -20.30
N PRO D 129 37.29 7.87 -20.26
CA PRO D 129 36.46 8.98 -19.78
C PRO D 129 36.58 9.11 -18.26
N LEU D 130 36.31 10.33 -17.79
CA LEU D 130 36.43 10.63 -16.37
C LEU D 130 35.10 10.76 -15.67
N ASN D 131 33.99 10.63 -16.40
CA ASN D 131 32.70 10.73 -15.77
C ASN D 131 31.75 9.78 -16.48
N ILE D 132 30.48 10.08 -16.39
CA ILE D 132 29.45 9.38 -17.13
C ILE D 132 29.39 9.96 -18.55
N ILE D 133 29.31 9.10 -19.55
CA ILE D 133 29.02 9.60 -20.89
C ILE D 133 27.55 10.02 -20.91
N PRO D 134 27.25 11.27 -21.20
CA PRO D 134 25.89 11.77 -21.04
C PRO D 134 24.99 11.40 -22.21
N LEU D 135 23.72 11.76 -22.07
CA LEU D 135 22.73 11.56 -23.10
C LEU D 135 22.13 12.85 -23.61
N THR D 136 22.43 13.97 -22.96
CA THR D 136 21.89 15.26 -23.36
C THR D 136 22.53 15.67 -24.68
N THR D 137 21.79 16.46 -25.48
CA THR D 137 22.33 17.03 -26.71
C THR D 137 23.52 17.94 -26.41
N ALA D 138 23.53 18.59 -25.26
CA ALA D 138 24.70 19.34 -24.80
C ALA D 138 24.92 19.03 -23.33
N ALA D 139 25.95 18.25 -23.04
CA ALA D 139 26.42 18.07 -21.67
C ALA D 139 27.92 17.80 -21.69
N LYS D 140 28.49 17.77 -20.50
CA LYS D 140 29.95 17.79 -20.34
C LYS D 140 30.52 16.39 -20.29
N LEU D 141 31.61 16.18 -21.03
CA LEU D 141 32.30 14.90 -21.00
C LEU D 141 33.80 15.12 -20.86
N MET D 142 34.33 14.69 -19.73
CA MET D 142 35.76 14.70 -19.46
C MET D 142 36.33 13.35 -19.89
N VAL D 143 37.50 13.37 -20.51
CA VAL D 143 38.13 12.14 -20.98
C VAL D 143 39.64 12.36 -21.07
N VAL D 144 40.38 11.36 -20.62
CA VAL D 144 41.82 11.35 -20.71
C VAL D 144 42.24 11.02 -22.15
N ILE D 145 43.20 11.76 -22.67
CA ILE D 145 43.91 11.37 -23.89
C ILE D 145 45.38 11.24 -23.53
N PRO D 146 45.99 10.07 -23.70
CA PRO D 146 47.35 9.87 -23.17
C PRO D 146 48.44 10.53 -24.00
N ASP D 147 48.32 10.47 -25.32
CA ASP D 147 49.39 10.90 -26.20
C ASP D 147 48.80 11.44 -27.49
N TYR D 148 49.63 11.54 -28.53
CA TYR D 148 49.22 12.27 -29.72
C TYR D 148 48.70 11.36 -30.84
N ASN D 149 49.12 10.10 -30.91
CA ASN D 149 48.60 9.23 -31.95
C ASN D 149 47.12 8.90 -31.71
N THR D 150 46.74 8.72 -30.45
CA THR D 150 45.34 8.62 -30.09
C THR D 150 44.59 9.92 -30.37
N TYR D 151 45.26 11.07 -30.22
CA TYR D 151 44.64 12.35 -30.54
C TYR D 151 44.39 12.49 -32.03
N LYS D 152 45.30 11.95 -32.86
CA LYS D 152 45.03 11.92 -34.30
C LYS D 152 43.93 10.93 -34.62
N ASN D 153 43.82 9.86 -33.83
CA ASN D 153 42.77 8.87 -34.05
C ASN D 153 41.38 9.44 -33.71
N THR D 154 41.30 10.30 -32.70
CA THR D 154 39.99 10.77 -32.24
C THR D 154 39.67 12.22 -32.56
N CYS D 155 40.67 13.07 -32.82
CA CYS D 155 40.38 14.48 -33.03
C CYS D 155 40.76 14.89 -34.43
N ASP D 156 39.77 15.40 -35.18
CA ASP D 156 39.93 15.89 -36.53
C ASP D 156 39.40 17.31 -36.53
N GLY D 157 40.31 18.27 -36.36
CA GLY D 157 39.92 19.66 -36.24
C GLY D 157 39.41 19.98 -34.86
N THR D 158 38.16 20.46 -34.79
CA THR D 158 37.53 20.80 -33.52
C THR D 158 36.53 19.74 -33.06
N THR D 159 36.62 18.53 -33.58
CA THR D 159 35.69 17.47 -33.24
C THR D 159 36.40 16.34 -32.51
N PHE D 160 35.60 15.42 -32.01
CA PHE D 160 36.04 14.35 -31.12
C PHE D 160 35.14 13.16 -31.36
N THR D 161 35.59 12.21 -32.18
CA THR D 161 34.78 11.05 -32.55
C THR D 161 34.86 10.05 -31.41
N TYR D 162 33.72 9.79 -30.76
CA TYR D 162 33.71 9.03 -29.53
C TYR D 162 32.30 8.58 -29.23
N ALA D 163 32.15 7.28 -28.93
CA ALA D 163 30.86 6.63 -28.63
C ALA D 163 29.85 6.81 -29.76
N SER D 164 30.35 6.80 -31.00
CA SER D 164 29.55 6.89 -32.23
C SER D 164 28.67 8.14 -32.27
N ALA D 165 29.20 9.24 -31.74
CA ALA D 165 28.55 10.54 -31.84
C ALA D 165 29.63 11.60 -31.82
N LEU D 166 29.34 12.73 -32.46
CA LEU D 166 30.33 13.78 -32.59
C LEU D 166 30.35 14.64 -31.34
N TRP D 167 31.54 14.85 -30.79
CA TRP D 167 31.72 15.66 -29.61
C TRP D 167 32.48 16.91 -29.99
N GLU D 168 31.91 18.08 -29.71
CA GLU D 168 32.53 19.34 -30.07
C GLU D 168 33.39 19.82 -28.90
N ILE D 169 34.68 19.97 -29.15
CA ILE D 169 35.64 20.29 -28.12
C ILE D 169 35.42 21.73 -27.69
N GLN D 170 35.72 22.05 -26.42
CA GLN D 170 35.66 23.45 -26.01
C GLN D 170 36.85 23.91 -25.19
N GLN D 171 37.53 23.05 -24.44
CA GLN D 171 38.82 23.41 -23.87
C GLN D 171 39.60 22.13 -23.61
N VAL D 172 40.92 22.27 -23.47
CA VAL D 172 41.80 21.16 -23.19
C VAL D 172 42.66 21.54 -22.00
N VAL D 173 42.64 20.70 -20.97
CA VAL D 173 43.39 20.94 -19.75
C VAL D 173 44.50 19.89 -19.66
N ASP D 174 45.72 20.34 -19.45
CA ASP D 174 46.87 19.44 -19.46
C ASP D 174 47.09 18.86 -18.06
N ALA D 175 48.28 18.26 -17.85
CA ALA D 175 48.54 17.53 -16.61
C ALA D 175 48.74 18.46 -15.42
N ASP D 176 49.39 19.61 -15.65
CA ASP D 176 49.55 20.59 -14.58
C ASP D 176 48.42 21.61 -14.53
N SER D 177 47.28 21.28 -15.15
CA SER D 177 46.01 22.01 -15.06
C SER D 177 46.13 23.43 -15.61
N LYS D 178 46.43 23.53 -16.91
CA LYS D 178 46.40 24.79 -17.64
C LYS D 178 45.60 24.59 -18.93
N ILE D 179 44.85 25.62 -19.32
CA ILE D 179 44.02 25.54 -20.51
C ILE D 179 44.91 25.56 -21.74
N VAL D 180 44.87 24.48 -22.52
CA VAL D 180 45.72 24.30 -23.69
C VAL D 180 44.84 24.44 -24.93
N GLN D 181 45.32 25.18 -25.91
CA GLN D 181 44.54 25.44 -27.11
C GLN D 181 44.77 24.33 -28.14
N LEU D 182 43.84 24.25 -29.09
CA LEU D 182 43.94 23.26 -30.16
C LEU D 182 45.04 23.57 -31.15
N SER D 183 45.39 24.85 -31.29
CA SER D 183 46.32 25.28 -32.35
C SER D 183 47.75 24.87 -32.05
N GLU D 184 48.11 24.72 -30.79
CA GLU D 184 49.48 24.33 -30.45
C GLU D 184 49.66 22.83 -30.33
N ILE D 185 48.70 22.04 -30.78
CA ILE D 185 48.83 20.59 -30.73
C ILE D 185 49.35 20.10 -32.08
N SER D 186 50.60 19.63 -32.10
CA SER D 186 51.22 19.08 -33.30
C SER D 186 52.32 18.11 -32.87
N MET D 187 53.14 17.69 -33.83
CA MET D 187 54.24 16.79 -33.54
C MET D 187 55.35 17.48 -32.76
N ASP D 188 55.66 18.73 -33.09
CA ASP D 188 56.82 19.41 -32.52
C ASP D 188 56.60 19.83 -31.07
N ASN D 189 55.36 20.13 -30.69
CA ASN D 189 55.06 20.55 -29.34
C ASN D 189 54.76 19.38 -28.42
N SER D 190 54.47 18.21 -28.99
CA SER D 190 54.08 17.00 -28.27
C SER D 190 55.10 16.49 -27.23
N PRO D 191 56.42 16.56 -27.44
CA PRO D 191 57.32 16.28 -26.31
C PRO D 191 57.32 17.35 -25.24
N ASN D 192 56.84 18.56 -25.53
CA ASN D 192 56.75 19.61 -24.53
C ASN D 192 55.41 19.65 -23.83
N LEU D 193 54.42 18.89 -24.31
CA LEU D 193 53.10 18.88 -23.70
C LEU D 193 53.08 18.00 -22.47
N ALA D 194 52.38 18.45 -21.44
CA ALA D 194 52.26 17.72 -20.19
C ALA D 194 51.13 16.70 -20.33
N TRP D 195 51.49 15.52 -20.78
CA TRP D 195 50.55 14.44 -20.97
C TRP D 195 50.20 13.81 -19.62
N PRO D 196 48.96 13.33 -19.44
CA PRO D 196 47.82 13.24 -20.36
C PRO D 196 47.05 14.54 -20.55
N LEU D 197 46.08 14.51 -21.47
CA LEU D 197 45.26 15.67 -21.77
C LEU D 197 43.86 15.41 -21.24
N ILE D 198 43.38 16.33 -20.40
CA ILE D 198 42.03 16.25 -19.87
C ILE D 198 41.19 17.23 -20.67
N VAL D 199 40.54 16.74 -21.73
CA VAL D 199 39.77 17.60 -22.59
C VAL D 199 38.33 17.56 -22.10
N THR D 200 37.52 18.49 -22.59
CA THR D 200 36.11 18.42 -22.31
C THR D 200 35.33 18.88 -23.53
N ALA D 201 34.12 18.34 -23.68
CA ALA D 201 33.39 18.51 -24.92
C ALA D 201 31.89 18.45 -24.66
N LEU D 202 31.14 18.76 -25.71
CA LEU D 202 29.70 18.76 -25.72
C LEU D 202 29.25 17.84 -26.84
N ARG D 203 28.08 17.23 -26.70
CA ARG D 203 27.56 16.39 -27.77
C ARG D 203 27.07 17.27 -28.93
N ALA D 204 27.07 16.71 -30.13
CA ALA D 204 26.55 17.40 -31.29
C ALA D 204 25.03 17.53 -31.22
C5 A1LVZ G . 3.80 -10.91 0.34
C1' A1LVZ G . 4.00 -9.78 -3.07
C4' A1LVZ G . 3.54 -9.21 -5.29
C5' A1LVZ G . 2.53 -9.11 -6.43
C06 A1LVZ G . 3.98 -11.83 2.72
C6 A1LVZ G . 4.57 -11.53 1.33
C2 A1LVZ G . 6.40 -11.68 -0.03
C4 A1LVZ G . 4.45 -10.72 -0.86
C8 A1LVZ G . 2.44 -9.93 -1.13
C7 A1LVZ G . 2.50 -10.42 0.17
C3' A1LVZ G . 4.21 -10.35 -5.31
C2' A1LVZ G . 4.24 -10.86 -3.75
F2' A1LVZ G . 3.19 -11.75 -3.54
I7 A1LVZ G . 0.84 -10.33 1.52
N1 A1LVZ G . 5.84 -11.89 1.13
N3 A1LVZ G . 5.72 -11.10 -0.99
N9 A1LVZ G . 3.61 -10.14 -1.70
O4' A1LVZ G . 2.82 -9.19 -3.91
O5' A1LVZ G . 1.71 -8.04 -6.17
O1A A1LVZ G . 1.74 -6.12 -7.99
O2A A1LVZ G . 3.69 -6.35 -6.44
O3A A1LVZ G . 1.44 -5.46 -5.48
O2B A1LVZ G . 2.24 -3.12 -6.17
O1B A1LVZ G . 0.26 -3.25 -4.72
O3B A1LVZ G . 0.06 -3.84 -7.22
O2G A1LVZ G . 0.56 -1.35 -7.69
O3G A1LVZ G . 1.29 -3.05 -9.26
O1G A1LVZ G . -1.08 -2.56 -9.10
O3' A1LVZ G . 5.60 -10.14 -5.72
PA A1LVZ G . 2.19 -6.49 -6.56
PB A1LVZ G . 1.02 -3.88 -5.87
PG A1LVZ G . 0.22 -2.68 -8.35
MG MG H . -2.81 -3.84 -9.63
MG MG I . 1.07 -3.56 -11.35
MG MG J . 6.98 -5.47 -6.93
#